data_4XGU
#
_entry.id   4XGU
#
_cell.length_a   126.710
_cell.length_b   240.970
_cell.length_c   197.950
_cell.angle_alpha   90.00
_cell.angle_beta   90.00
_cell.angle_gamma   90.00
#
_symmetry.space_group_name_H-M   'C 2 2 21'
#
loop_
_entity.id
_entity.type
_entity.pdbx_description
1 polymer 'Putative pachytene checkpoint protein 2'
2 non-polymer 'SULFATE ION'
3 non-polymer "ADENOSINE-5'-DIPHOSPHATE"
4 water water
#
_entity_poly.entity_id   1
_entity_poly.type   'polypeptide(L)'
_entity_poly.pdbx_seq_one_letter_code
;MHEPMKTLKNIHAEIRICQKFPKSTVQKRFSEFEELIKAASKNARNWKPISSVELFQGDSSLNELFEKLVIGTCELRDGE
LFENVNDLTINPSNIHVYKLHKDGPLSQNIGDDDGDESIIGSQLWQLPCVEFDSIWENLIYDSNLKNEVMSYVAALARLS
EKHVNTKIINVNRLILLTGPPGTGKTSLCKGLAQHLSIRMNDKYSKSVMLEINSHSLFSKWFSESGKLVQKMFDQIDELA
EDEKCMVFVLIDEVESLGMCRESSSSRSEPSDAIRAVNALLTQIDRIRRRDNVLILCTSNLESTLDKALVDRADIVKNVG
QPSDFARYSMLKSSIMELARIGVVIDNEVHTDYWPQDICDTKAPRNEFTEILFKIAQEARGLSGRAISMLPTLVYSKSPE
ETITLPNCMNLFLEAVKERLSRNN
;
_entity_poly.pdbx_strand_id   A,B,C,D,E,F
#
# COMPACT_ATOMS: atom_id res chain seq x y z
N PRO A 4 34.78 45.97 -33.43
CA PRO A 4 35.85 45.95 -34.43
C PRO A 4 36.60 44.63 -34.48
N MET A 5 36.83 44.03 -33.32
CA MET A 5 37.58 42.77 -33.23
C MET A 5 36.78 41.70 -32.51
N LYS A 6 36.69 40.52 -33.12
CA LYS A 6 35.97 39.40 -32.50
C LYS A 6 36.79 38.11 -32.51
N THR A 7 36.93 37.51 -31.34
CA THR A 7 37.73 36.31 -31.17
C THR A 7 36.86 35.14 -30.72
N LEU A 8 36.91 34.05 -31.47
CA LEU A 8 36.10 32.86 -31.15
C LEU A 8 36.96 31.66 -30.77
N LYS A 9 36.62 31.04 -29.66
CA LYS A 9 37.30 29.83 -29.20
C LYS A 9 36.28 28.74 -28.89
N ASN A 10 36.73 27.49 -28.88
CA ASN A 10 35.88 26.35 -28.55
C ASN A 10 34.64 26.25 -29.45
N ILE A 11 34.86 26.44 -30.75
CA ILE A 11 33.82 26.17 -31.73
C ILE A 11 33.75 24.66 -31.93
N HIS A 12 32.53 24.12 -31.99
CA HIS A 12 32.37 22.69 -32.20
C HIS A 12 31.60 22.38 -33.47
N ALA A 13 32.11 21.41 -34.22
CA ALA A 13 31.46 20.98 -35.46
C ALA A 13 31.06 19.52 -35.36
N GLU A 14 29.85 19.21 -35.81
CA GLU A 14 29.35 17.84 -35.81
C GLU A 14 29.01 17.40 -37.22
N ILE A 15 29.57 16.27 -37.65
CA ILE A 15 29.41 15.82 -39.02
C ILE A 15 28.68 14.48 -39.07
N ARG A 16 27.63 14.41 -39.89
CA ARG A 16 26.83 13.20 -40.02
C ARG A 16 27.23 12.43 -41.28
N ILE A 17 27.79 11.23 -41.10
CA ILE A 17 28.26 10.44 -42.23
C ILE A 17 27.43 9.21 -42.54
N CYS A 18 27.21 8.98 -43.83
CA CYS A 18 26.57 7.77 -44.32
C CYS A 18 27.33 6.52 -43.91
N GLN A 19 26.60 5.46 -43.58
CA GLN A 19 27.19 4.21 -43.11
C GLN A 19 27.98 3.48 -44.20
N LYS A 20 27.56 3.65 -45.44
CA LYS A 20 28.18 2.96 -46.57
C LYS A 20 29.66 3.25 -46.66
N PHE A 21 30.04 4.51 -46.42
CA PHE A 21 31.44 4.90 -46.42
C PHE A 21 32.12 4.38 -45.16
N PRO A 22 33.30 3.75 -45.32
CA PRO A 22 34.07 3.24 -44.18
C PRO A 22 34.43 4.35 -43.21
N LYS A 23 34.24 4.11 -41.92
CA LYS A 23 34.51 5.13 -40.91
C LYS A 23 35.98 5.56 -40.88
N SER A 24 36.87 4.66 -41.31
CA SER A 24 38.29 4.95 -41.29
C SER A 24 38.76 5.76 -42.50
N THR A 25 38.11 5.55 -43.64
CA THR A 25 38.45 6.28 -44.87
C THR A 25 38.22 7.77 -44.70
N VAL A 26 37.32 8.13 -43.80
CA VAL A 26 37.00 9.51 -43.51
C VAL A 26 38.22 10.29 -43.01
N GLN A 27 39.06 9.60 -42.25
CA GLN A 27 40.22 10.22 -41.65
C GLN A 27 41.25 10.63 -42.72
N LYS A 28 41.22 9.95 -43.86
CA LYS A 28 42.11 10.29 -44.97
C LYS A 28 41.62 11.57 -45.64
N ARG A 29 40.31 11.77 -45.63
CA ARG A 29 39.70 12.95 -46.21
C ARG A 29 39.32 13.95 -45.12
N PHE A 30 39.94 13.81 -43.95
CA PHE A 30 39.68 14.72 -42.82
C PHE A 30 40.21 16.11 -43.12
N SER A 31 41.44 16.18 -43.64
CA SER A 31 42.13 17.45 -43.88
C SER A 31 41.29 18.42 -44.71
N GLU A 32 40.49 17.88 -45.62
CA GLU A 32 39.64 18.70 -46.47
C GLU A 32 38.36 19.12 -45.76
N PHE A 33 37.95 18.36 -44.75
CA PHE A 33 36.77 18.71 -43.95
C PHE A 33 36.97 20.04 -43.24
N GLU A 34 38.13 20.21 -42.62
CA GLU A 34 38.46 21.45 -41.93
C GLU A 34 38.37 22.64 -42.87
N GLU A 35 38.85 22.47 -44.10
CA GLU A 35 38.75 23.51 -45.11
C GLU A 35 37.29 23.75 -45.48
N LEU A 36 36.55 22.67 -45.58
CA LEU A 36 35.11 22.72 -45.86
C LEU A 36 34.36 23.39 -44.72
N ILE A 37 34.68 23.00 -43.49
CA ILE A 37 34.08 23.58 -42.30
C ILE A 37 34.37 25.08 -42.21
N LYS A 38 35.60 25.45 -42.54
CA LYS A 38 35.99 26.86 -42.55
C LYS A 38 35.21 27.66 -43.58
N ALA A 39 34.99 27.07 -44.75
CA ALA A 39 34.25 27.73 -45.81
C ALA A 39 32.77 27.79 -45.48
N ALA A 40 32.27 26.73 -44.86
CA ALA A 40 30.87 26.66 -44.46
C ALA A 40 30.56 27.68 -43.38
N SER A 41 31.59 28.05 -42.63
CA SER A 41 31.43 29.00 -41.53
C SER A 41 31.07 30.38 -42.05
N LYS A 42 31.48 30.69 -43.28
CA LYS A 42 31.16 31.97 -43.90
C LYS A 42 29.65 32.12 -44.07
N ASN A 43 28.99 31.02 -44.44
CA ASN A 43 27.53 31.00 -44.52
C ASN A 43 26.97 30.04 -43.48
N ALA A 44 26.89 30.49 -42.23
CA ALA A 44 26.47 29.59 -41.16
C ALA A 44 25.68 30.29 -40.06
N ARG A 45 24.90 29.49 -39.36
CA ARG A 45 24.15 29.95 -38.20
C ARG A 45 24.49 29.06 -37.01
N ASN A 46 24.56 29.66 -35.82
CA ASN A 46 24.84 28.90 -34.61
C ASN A 46 23.78 27.81 -34.41
N TRP A 47 24.23 26.59 -34.13
CA TRP A 47 23.35 25.45 -33.86
C TRP A 47 22.27 25.20 -34.92
N LYS A 48 22.48 25.73 -36.11
CA LYS A 48 21.59 25.45 -37.23
C LYS A 48 22.35 24.69 -38.31
N PRO A 49 21.73 23.62 -38.84
CA PRO A 49 22.39 22.75 -39.80
C PRO A 49 22.40 23.30 -41.22
N ILE A 50 23.36 22.86 -42.02
CA ILE A 50 23.46 23.30 -43.40
C ILE A 50 23.31 22.10 -44.35
N SER A 61 34.02 19.63 -54.24
CA SER A 61 33.50 19.00 -55.44
C SER A 61 32.41 18.00 -55.11
N LEU A 62 32.27 17.66 -53.82
CA LEU A 62 31.34 16.64 -53.40
C LEU A 62 30.69 16.90 -52.04
N ASN A 63 29.48 16.39 -51.88
CA ASN A 63 28.78 16.43 -50.60
C ASN A 63 28.35 15.00 -50.26
N GLU A 64 28.86 14.05 -51.03
CA GLU A 64 28.44 12.66 -50.94
C GLU A 64 28.88 11.97 -49.64
N LEU A 65 29.99 12.43 -49.08
CA LEU A 65 30.55 11.79 -47.89
C LEU A 65 29.66 11.95 -46.65
N PHE A 66 29.16 13.16 -46.43
CA PHE A 66 28.39 13.44 -45.23
C PHE A 66 26.95 13.86 -45.56
N GLU A 67 26.04 13.55 -44.64
CA GLU A 67 24.62 13.88 -44.85
C GLU A 67 24.29 15.29 -44.38
N LYS A 68 24.85 15.70 -43.24
CA LYS A 68 24.61 17.04 -42.72
C LYS A 68 25.71 17.52 -41.79
N LEU A 69 25.76 18.84 -41.59
CA LEU A 69 26.77 19.46 -40.75
C LEU A 69 26.16 20.54 -39.86
N VAL A 70 26.60 20.60 -38.60
CA VAL A 70 26.14 21.62 -37.66
C VAL A 70 27.32 22.24 -36.92
N ILE A 71 27.39 23.57 -36.90
CA ILE A 71 28.44 24.29 -36.19
C ILE A 71 27.86 25.10 -35.04
N GLY A 72 28.44 24.97 -33.87
CA GLY A 72 27.91 25.66 -32.70
C GLY A 72 28.93 25.99 -31.62
N THR A 73 28.65 27.07 -30.89
CA THR A 73 29.43 27.47 -29.73
C THR A 73 28.52 28.20 -28.75
N CYS A 74 28.84 28.10 -27.46
CA CYS A 74 28.01 28.70 -26.43
C CYS A 74 28.30 30.18 -26.22
N GLU A 75 29.25 30.72 -26.98
CA GLU A 75 29.59 32.14 -26.87
C GLU A 75 28.66 33.00 -27.73
N LEU A 76 28.19 32.45 -28.83
CA LEU A 76 27.24 33.15 -29.69
C LEU A 76 25.80 32.79 -29.32
N ARG A 77 24.88 33.69 -29.63
CA ARG A 77 23.46 33.43 -29.43
C ARG A 77 23.00 32.32 -30.36
N ASP A 78 21.83 31.76 -30.06
CA ASP A 78 21.33 30.58 -30.76
C ASP A 78 21.19 30.78 -32.26
N GLY A 79 20.67 31.93 -32.67
CA GLY A 79 20.39 32.15 -34.08
C GLY A 79 21.40 33.01 -34.81
N GLU A 80 22.36 33.56 -34.06
CA GLU A 80 23.29 34.52 -34.62
C GLU A 80 24.28 33.92 -35.62
N LEU A 81 24.61 34.72 -36.63
CA LEU A 81 25.63 34.35 -37.60
C LEU A 81 27.02 34.64 -37.05
N PHE A 82 28.04 34.23 -37.81
CA PHE A 82 29.43 34.51 -37.45
C PHE A 82 29.90 35.78 -38.16
N GLU A 83 30.13 36.84 -37.39
CA GLU A 83 30.59 38.10 -37.97
C GLU A 83 32.01 38.44 -37.51
N ASN A 84 32.77 39.06 -38.41
CA ASN A 84 34.14 39.49 -38.16
C ASN A 84 35.11 38.33 -37.94
N ASP A 87 37.24 34.83 -38.64
CA ASP A 87 38.60 34.37 -38.49
C ASP A 87 38.65 33.13 -37.61
N LEU A 88 37.95 32.08 -38.04
CA LEU A 88 37.78 30.88 -37.22
C LEU A 88 39.04 30.03 -37.10
N THR A 89 39.29 29.56 -35.88
CA THR A 89 40.35 28.59 -35.61
C THR A 89 39.71 27.36 -34.97
N ILE A 90 39.85 26.21 -35.62
CA ILE A 90 39.21 24.99 -35.15
C ILE A 90 40.19 23.83 -34.99
N ASN A 91 40.14 23.19 -33.82
CA ASN A 91 41.02 22.08 -33.50
C ASN A 91 40.37 20.73 -33.83
N PRO A 92 41.19 19.75 -34.25
CA PRO A 92 40.66 18.44 -34.64
C PRO A 92 39.97 17.71 -33.50
N SER A 93 40.45 17.90 -32.28
CA SER A 93 39.85 17.26 -31.11
C SER A 93 38.46 17.83 -30.84
N ASN A 94 38.23 19.05 -31.30
CA ASN A 94 36.92 19.69 -31.20
C ASN A 94 35.99 19.23 -32.31
N ILE A 95 36.57 18.76 -33.41
CA ILE A 95 35.77 18.23 -34.52
C ILE A 95 35.51 16.74 -34.32
N HIS A 96 34.25 16.37 -34.06
CA HIS A 96 33.90 14.97 -33.91
C HIS A 96 32.82 14.57 -34.89
N VAL A 97 32.95 13.36 -35.42
CA VAL A 97 32.03 12.83 -36.42
C VAL A 97 31.11 11.80 -35.75
N TYR A 98 29.84 11.78 -36.14
CA TYR A 98 28.88 10.84 -35.56
C TYR A 98 28.13 10.13 -36.68
N LYS A 99 28.06 8.81 -36.54
CA LYS A 99 27.29 7.97 -37.45
C LYS A 99 25.95 7.63 -36.81
N LEU A 100 24.86 7.99 -37.48
CA LEU A 100 23.52 7.78 -36.94
C LEU A 100 23.16 6.30 -36.83
N HIS A 101 22.30 5.99 -35.87
CA HIS A 101 21.77 4.63 -35.74
C HIS A 101 20.28 4.62 -36.08
N LYS A 102 19.94 3.93 -37.17
CA LYS A 102 18.58 3.93 -37.69
C LYS A 102 17.60 3.22 -36.76
N ASP A 103 18.07 2.16 -36.09
CA ASP A 103 17.21 1.39 -35.20
C ASP A 103 18.00 0.93 -33.98
N GLY A 104 17.45 1.18 -32.79
CA GLY A 104 16.18 1.86 -32.64
C GLY A 104 15.65 1.78 -31.23
N PRO A 105 14.41 2.26 -31.01
CA PRO A 105 13.78 2.20 -29.69
C PRO A 105 13.50 0.77 -29.24
N LEU A 106 14.08 0.37 -28.11
CA LEU A 106 13.95 -1.00 -27.63
C LEU A 106 12.96 -1.11 -26.47
N SER A 107 12.28 -2.26 -26.40
CA SER A 107 11.29 -2.50 -25.35
C SER A 107 11.94 -2.57 -23.97
N SER A 122 10.03 2.91 -18.93
CA SER A 122 10.51 1.59 -19.31
C SER A 122 10.85 1.53 -20.80
N GLN A 123 11.61 2.51 -21.28
CA GLN A 123 12.03 2.54 -22.68
C GLN A 123 13.43 3.11 -22.81
N LEU A 124 14.18 2.61 -23.80
CA LEU A 124 15.55 3.04 -24.01
C LEU A 124 15.80 3.46 -25.44
N TRP A 125 16.54 4.56 -25.61
CA TRP A 125 17.02 4.99 -26.90
C TRP A 125 18.54 4.90 -26.89
N GLN A 126 19.14 4.56 -28.03
CA GLN A 126 20.59 4.50 -28.10
C GLN A 126 21.14 5.56 -29.04
N LEU A 127 22.03 6.40 -28.51
CA LEU A 127 22.48 7.61 -29.19
C LEU A 127 23.83 7.47 -29.88
N PRO A 128 24.04 8.23 -30.97
CA PRO A 128 23.11 9.14 -31.64
C PRO A 128 22.12 8.41 -32.56
N CYS A 129 20.83 8.70 -32.40
CA CYS A 129 19.82 8.17 -33.31
C CYS A 129 18.95 9.28 -33.90
N VAL A 130 17.96 8.86 -34.68
CA VAL A 130 17.26 9.76 -35.60
C VAL A 130 16.38 10.82 -34.95
N GLU A 131 15.52 10.41 -34.01
CA GLU A 131 14.53 11.34 -33.44
C GLU A 131 15.17 12.50 -32.66
N PHE A 132 16.24 12.21 -31.94
CA PHE A 132 16.93 13.23 -31.15
C PHE A 132 17.66 14.23 -32.04
N ASP A 133 17.93 13.84 -33.28
CA ASP A 133 18.60 14.71 -34.22
C ASP A 133 17.70 15.87 -34.62
N SER A 134 16.47 15.54 -35.01
CA SER A 134 15.54 16.52 -35.56
C SER A 134 15.11 17.60 -34.56
N ILE A 135 15.08 17.28 -33.28
CA ILE A 135 14.43 18.14 -32.29
C ILE A 135 15.25 19.36 -31.85
N TRP A 136 16.55 19.21 -31.67
CA TRP A 136 17.36 20.29 -31.11
C TRP A 136 17.45 21.51 -32.01
N GLU A 137 17.62 21.27 -33.31
CA GLU A 137 17.74 22.37 -34.25
C GLU A 137 16.45 23.19 -34.31
N ASN A 138 15.34 22.52 -34.04
CA ASN A 138 14.03 23.16 -34.15
C ASN A 138 13.56 23.83 -32.86
N LEU A 139 14.21 23.50 -31.74
CA LEU A 139 13.89 24.14 -30.47
C LEU A 139 14.34 25.60 -30.46
N ILE A 140 13.42 26.52 -30.18
CA ILE A 140 13.73 27.94 -30.18
C ILE A 140 13.13 28.67 -28.98
N TYR A 141 13.97 29.40 -28.24
CA TYR A 141 13.52 30.20 -27.11
C TYR A 141 14.08 31.62 -27.22
N ASP A 142 13.41 32.57 -26.59
CA ASP A 142 13.82 33.97 -26.64
C ASP A 142 15.05 34.23 -25.77
N SER A 143 15.14 33.51 -24.67
CA SER A 143 16.29 33.62 -23.78
C SER A 143 17.47 32.79 -24.30
N ASN A 144 18.60 32.85 -23.60
CA ASN A 144 19.77 32.07 -23.96
C ASN A 144 19.79 30.73 -23.22
N LEU A 145 18.59 30.23 -22.93
CA LEU A 145 18.40 29.01 -22.15
C LEU A 145 19.14 27.79 -22.72
N LYS A 146 19.00 27.58 -24.03
CA LYS A 146 19.63 26.44 -24.68
C LYS A 146 21.14 26.45 -24.52
N ASN A 147 21.74 27.64 -24.61
CA ASN A 147 23.18 27.78 -24.41
C ASN A 147 23.57 27.61 -22.95
N GLU A 148 22.77 28.17 -22.06
CA GLU A 148 23.06 28.08 -20.64
C GLU A 148 23.03 26.62 -20.20
N VAL A 149 21.98 25.91 -20.57
CA VAL A 149 21.82 24.52 -20.15
C VAL A 149 22.94 23.63 -20.64
N MET A 150 23.24 23.70 -21.93
CA MET A 150 24.22 22.82 -22.55
C MET A 150 25.64 23.02 -22.02
N SER A 151 26.08 24.27 -21.94
CA SER A 151 27.44 24.58 -21.49
C SER A 151 27.67 24.09 -20.06
N TYR A 152 26.64 24.11 -19.24
CA TYR A 152 26.74 23.66 -17.86
C TYR A 152 26.75 22.13 -17.77
N VAL A 153 25.86 21.48 -18.52
CA VAL A 153 25.77 20.04 -18.47
C VAL A 153 26.99 19.40 -19.17
N ALA A 154 27.47 20.06 -20.22
CA ALA A 154 28.68 19.61 -20.89
C ALA A 154 29.87 19.69 -19.93
N ALA A 155 29.84 20.69 -19.05
CA ALA A 155 30.87 20.84 -18.03
C ALA A 155 30.76 19.72 -16.99
N LEU A 156 29.53 19.35 -16.65
CA LEU A 156 29.28 18.27 -15.70
C LEU A 156 29.79 16.93 -16.22
N ALA A 157 29.47 16.63 -17.48
CA ALA A 157 29.87 15.39 -18.11
C ALA A 157 31.38 15.31 -18.28
N ARG A 158 31.98 16.44 -18.64
CA ARG A 158 33.41 16.50 -18.90
C ARG A 158 34.19 16.24 -17.61
N LEU A 159 33.73 16.81 -16.51
CA LEU A 159 34.32 16.57 -15.19
C LEU A 159 34.17 15.10 -14.78
N SER A 160 33.00 14.53 -15.07
CA SER A 160 32.71 13.16 -14.68
C SER A 160 33.58 12.15 -15.41
N GLU A 161 33.84 12.40 -16.70
CA GLU A 161 34.72 11.55 -17.47
C GLU A 161 36.16 11.63 -16.95
N LYS A 162 36.53 12.81 -16.48
CA LYS A 162 37.86 13.03 -15.90
C LYS A 162 37.98 12.33 -14.53
N HIS A 163 36.89 11.73 -14.09
CA HIS A 163 36.81 11.02 -12.81
C HIS A 163 37.18 11.95 -11.66
N VAL A 164 36.60 13.15 -11.66
CA VAL A 164 36.82 14.12 -10.61
C VAL A 164 36.28 13.60 -9.28
N ASN A 165 36.98 13.89 -8.20
CA ASN A 165 36.57 13.46 -6.88
C ASN A 165 35.30 14.16 -6.42
N THR A 166 34.33 13.39 -5.95
CA THR A 166 33.04 13.94 -5.52
C THR A 166 33.13 14.60 -4.14
N LYS A 167 34.05 14.12 -3.32
CA LYS A 167 34.24 14.69 -1.99
C LYS A 167 34.79 16.10 -2.04
N ILE A 168 35.80 16.31 -2.88
CA ILE A 168 36.41 17.63 -3.02
C ILE A 168 35.52 18.55 -3.85
N ILE A 169 35.17 18.12 -5.06
CA ILE A 169 34.31 18.91 -5.94
C ILE A 169 32.92 18.29 -6.02
N ASN A 170 31.93 19.04 -5.56
CA ASN A 170 30.55 18.53 -5.52
C ASN A 170 29.88 18.56 -6.90
N VAL A 171 29.89 17.42 -7.58
CA VAL A 171 29.16 17.26 -8.82
C VAL A 171 28.02 16.26 -8.63
N ASN A 172 26.79 16.75 -8.74
CA ASN A 172 25.61 15.97 -8.39
C ASN A 172 25.06 15.08 -9.50
N ARG A 173 25.40 15.41 -10.75
CA ARG A 173 24.97 14.64 -11.92
C ARG A 173 23.45 14.50 -12.03
N LEU A 174 22.73 15.50 -11.53
CA LEU A 174 21.27 15.54 -11.68
C LEU A 174 20.82 16.94 -12.07
N ILE A 175 19.99 17.03 -13.12
CA ILE A 175 19.49 18.30 -13.60
C ILE A 175 17.97 18.28 -13.66
N LEU A 176 17.33 19.36 -13.21
CA LEU A 176 15.89 19.47 -13.34
C LEU A 176 15.49 20.72 -14.12
N LEU A 177 14.45 20.59 -14.93
CA LEU A 177 13.94 21.71 -15.71
C LEU A 177 12.52 22.02 -15.27
N THR A 178 12.29 23.23 -14.75
CA THR A 178 11.00 23.59 -14.17
C THR A 178 10.25 24.64 -14.98
N GLY A 179 9.13 24.23 -15.56
CA GLY A 179 8.28 25.16 -16.29
C GLY A 179 6.90 24.56 -16.52
N PRO A 180 5.98 25.38 -17.06
CA PRO A 180 4.64 24.90 -17.42
C PRO A 180 4.73 23.77 -18.44
N PRO A 181 3.69 22.92 -18.53
CA PRO A 181 3.79 21.77 -19.44
C PRO A 181 3.79 22.20 -20.89
N GLY A 182 4.38 21.37 -21.76
CA GLY A 182 4.43 21.67 -23.18
C GLY A 182 5.33 22.84 -23.50
N THR A 183 6.25 23.14 -22.60
CA THR A 183 7.20 24.23 -22.82
C THR A 183 8.45 23.68 -23.49
N GLY A 184 8.51 22.36 -23.64
CA GLY A 184 9.60 21.72 -24.35
C GLY A 184 10.73 21.22 -23.48
N LYS A 185 10.43 20.90 -22.23
CA LYS A 185 11.45 20.43 -21.31
C LYS A 185 11.94 19.03 -21.68
N THR A 186 11.01 18.15 -22.06
CA THR A 186 11.38 16.79 -22.42
C THR A 186 12.25 16.79 -23.67
N SER A 187 11.91 17.66 -24.63
CA SER A 187 12.65 17.77 -25.87
C SER A 187 14.08 18.27 -25.62
N LEU A 188 14.22 19.18 -24.65
CA LEU A 188 15.52 19.72 -24.29
C LEU A 188 16.47 18.63 -23.80
N CYS A 189 16.01 17.85 -22.83
CA CYS A 189 16.78 16.75 -22.27
C CYS A 189 17.18 15.75 -23.33
N LYS A 190 16.24 15.47 -24.22
CA LYS A 190 16.49 14.57 -25.33
C LYS A 190 17.55 15.13 -26.27
N GLY A 191 17.37 16.38 -26.69
CA GLY A 191 18.31 17.03 -27.59
C GLY A 191 19.65 17.29 -26.95
N LEU A 192 19.65 17.49 -25.64
CA LEU A 192 20.89 17.69 -24.90
C LEU A 192 21.69 16.39 -24.86
N ALA A 193 20.99 15.29 -24.67
CA ALA A 193 21.62 13.96 -24.65
C ALA A 193 22.20 13.60 -26.00
N GLN A 194 21.51 14.01 -27.06
CA GLN A 194 21.96 13.75 -28.43
C GLN A 194 23.31 14.41 -28.70
N HIS A 195 23.40 15.71 -28.39
CA HIS A 195 24.62 16.46 -28.63
C HIS A 195 25.79 15.97 -27.79
N LEU A 196 25.52 15.71 -26.51
CA LEU A 196 26.57 15.26 -25.59
C LEU A 196 27.18 13.94 -26.04
N SER A 197 26.33 13.04 -26.52
CA SER A 197 26.80 11.75 -27.02
C SER A 197 27.73 11.93 -28.22
N ILE A 198 27.47 12.94 -29.03
CA ILE A 198 28.30 13.24 -30.18
C ILE A 198 29.62 13.90 -29.75
N ARG A 199 29.53 14.83 -28.81
CA ARG A 199 30.73 15.49 -28.29
C ARG A 199 31.60 14.52 -27.50
N MET A 200 30.96 13.57 -26.83
CA MET A 200 31.68 12.60 -26.00
C MET A 200 31.90 11.28 -26.74
N ASN A 201 31.62 11.25 -28.04
CA ASN A 201 31.84 10.04 -28.81
C ASN A 201 33.35 9.78 -28.94
N ASP A 202 34.12 10.85 -28.82
CA ASP A 202 35.57 10.75 -28.80
C ASP A 202 36.06 10.07 -27.53
N LYS A 203 35.30 10.25 -26.45
CA LYS A 203 35.70 9.75 -25.14
C LYS A 203 35.07 8.40 -24.80
N TYR A 204 33.84 8.18 -25.26
CA TYR A 204 33.13 6.94 -24.97
C TYR A 204 32.93 6.11 -26.25
N SER A 205 32.95 4.79 -26.10
CA SER A 205 32.79 3.89 -27.23
C SER A 205 31.35 3.89 -27.74
N LYS A 206 30.40 4.03 -26.83
CA LYS A 206 28.99 4.12 -27.20
C LYS A 206 28.19 4.90 -26.16
N SER A 207 26.92 5.15 -26.47
CA SER A 207 26.06 5.94 -25.60
C SER A 207 24.63 5.41 -25.62
N VAL A 208 23.98 5.43 -24.46
CA VAL A 208 22.60 4.95 -24.37
C VAL A 208 21.72 5.93 -23.58
N MET A 209 20.49 6.09 -24.03
CA MET A 209 19.51 6.98 -23.39
C MET A 209 18.34 6.17 -22.85
N LEU A 210 17.84 6.56 -21.68
CA LEU A 210 16.74 5.83 -21.05
C LEU A 210 15.67 6.79 -20.54
N GLU A 211 14.40 6.49 -20.85
CA GLU A 211 13.30 7.37 -20.48
C GLU A 211 12.28 6.69 -19.57
N ILE A 212 11.83 7.43 -18.56
CA ILE A 212 10.88 6.91 -17.57
C ILE A 212 9.81 7.96 -17.27
N ASN A 213 8.61 7.50 -16.92
CA ASN A 213 7.59 8.33 -16.29
C ASN A 213 6.98 9.37 -17.24
N SER A 214 7.00 9.07 -18.54
CA SER A 214 6.50 9.99 -19.54
C SER A 214 5.22 9.47 -20.20
N HIS A 215 4.09 10.11 -19.91
CA HIS A 215 4.01 11.22 -18.97
C HIS A 215 3.16 10.81 -17.77
N SER A 216 3.78 10.74 -16.59
CA SER A 216 3.12 10.29 -15.37
C SER A 216 2.56 8.87 -15.48
N LEU A 217 3.08 8.10 -16.44
CA LEU A 217 2.53 6.77 -16.72
C LEU A 217 2.81 5.79 -15.59
N PHE A 218 4.01 5.87 -15.02
CA PHE A 218 4.44 4.90 -14.02
C PHE A 218 4.23 5.44 -12.61
N SER A 219 3.50 6.54 -12.52
CA SER A 219 3.19 7.14 -11.23
C SER A 219 2.26 6.24 -10.41
N LYS A 220 1.29 5.63 -11.09
CA LYS A 220 0.28 4.81 -10.43
C LYS A 220 0.80 3.43 -10.03
N TRP A 221 1.76 2.90 -10.78
CA TRP A 221 2.28 1.55 -10.57
C TRP A 221 3.19 1.50 -9.35
N PHE A 222 3.50 2.69 -8.84
CA PHE A 222 4.56 2.89 -7.85
C PHE A 222 4.02 2.67 -6.45
N SER A 223 2.81 3.18 -6.20
CA SER A 223 2.15 3.05 -4.90
C SER A 223 1.93 1.60 -4.49
N GLU A 224 1.69 0.72 -5.47
CA GLU A 224 1.41 -0.68 -5.18
C GLU A 224 2.64 -1.42 -4.67
N SER A 225 3.75 -1.31 -5.41
CA SER A 225 4.97 -2.00 -5.01
C SER A 225 6.21 -1.23 -5.42
N GLY A 226 7.33 -1.52 -4.75
CA GLY A 226 8.59 -0.86 -5.01
C GLY A 226 9.73 -1.84 -5.17
N LYS A 227 9.48 -2.93 -5.88
CA LYS A 227 10.53 -3.90 -6.20
C LYS A 227 10.99 -3.71 -7.64
N LEU A 228 10.02 -3.48 -8.53
CA LEU A 228 10.27 -3.28 -9.94
C LEU A 228 11.25 -2.13 -10.19
N VAL A 229 11.19 -1.14 -9.31
CA VAL A 229 12.07 0.03 -9.41
C VAL A 229 13.52 -0.38 -9.17
N GLN A 230 13.73 -1.20 -8.16
CA GLN A 230 15.07 -1.69 -7.82
C GLN A 230 15.62 -2.56 -8.94
N LYS A 231 14.75 -3.39 -9.52
CA LYS A 231 15.15 -4.34 -10.55
C LYS A 231 15.56 -3.65 -11.85
N MET A 232 14.80 -2.64 -12.26
CA MET A 232 15.09 -1.95 -13.51
C MET A 232 16.32 -1.06 -13.37
N PHE A 233 16.54 -0.54 -12.16
CA PHE A 233 17.70 0.28 -11.88
C PHE A 233 18.94 -0.60 -11.77
N ASP A 234 18.72 -1.84 -11.34
CA ASP A 234 19.79 -2.83 -11.30
C ASP A 234 20.26 -3.14 -12.72
N GLN A 235 19.31 -3.11 -13.65
CA GLN A 235 19.62 -3.29 -15.06
C GLN A 235 20.36 -2.09 -15.62
N ILE A 236 20.08 -0.91 -15.08
CA ILE A 236 20.74 0.32 -15.51
C ILE A 236 22.14 0.42 -14.94
N ASP A 237 22.24 0.18 -13.63
CA ASP A 237 23.52 0.22 -12.93
C ASP A 237 24.49 -0.80 -13.50
N GLU A 238 23.97 -1.92 -13.99
CA GLU A 238 24.83 -2.93 -14.61
C GLU A 238 25.21 -2.52 -16.02
N LEU A 239 24.38 -1.71 -16.66
CA LEU A 239 24.72 -1.13 -17.96
C LEU A 239 25.74 -0.01 -17.74
N ALA A 240 25.60 0.67 -16.61
CA ALA A 240 26.54 1.71 -16.21
C ALA A 240 27.90 1.13 -15.86
N GLU A 241 27.90 -0.12 -15.38
CA GLU A 241 29.15 -0.80 -15.05
C GLU A 241 30.00 -0.98 -16.30
N ASP A 242 29.33 -1.25 -17.41
CA ASP A 242 30.00 -1.34 -18.71
C ASP A 242 30.61 0.02 -19.05
N GLU A 243 31.93 0.12 -18.94
CA GLU A 243 32.63 1.39 -19.15
C GLU A 243 32.56 1.86 -20.59
N LYS A 244 33.00 3.09 -20.80
CA LYS A 244 32.99 3.72 -22.13
C LYS A 244 31.58 3.76 -22.73
N CYS A 245 30.58 3.71 -21.86
CA CYS A 245 29.18 3.81 -22.28
C CYS A 245 28.43 4.85 -21.47
N MET A 246 27.90 5.87 -22.15
CA MET A 246 27.13 6.93 -21.48
C MET A 246 25.72 6.50 -21.17
N VAL A 247 25.29 6.78 -19.94
CA VAL A 247 23.94 6.43 -19.52
C VAL A 247 23.14 7.68 -19.13
N PHE A 248 22.06 7.93 -19.87
CA PHE A 248 21.16 9.05 -19.58
C PHE A 248 19.85 8.54 -18.98
N VAL A 249 19.39 9.19 -17.92
CA VAL A 249 18.12 8.85 -17.31
C VAL A 249 17.20 10.07 -17.25
N LEU A 250 16.02 9.96 -17.86
CA LEU A 250 15.08 11.06 -17.93
C LEU A 250 13.82 10.81 -17.08
N ILE A 251 13.47 11.77 -16.23
CA ILE A 251 12.31 11.66 -15.36
C ILE A 251 11.35 12.83 -15.55
N ASP A 252 10.17 12.55 -16.09
CA ASP A 252 9.16 13.58 -16.30
C ASP A 252 8.19 13.64 -15.14
N GLU A 253 7.44 14.74 -15.06
CA GLU A 253 6.34 14.89 -14.10
C GLU A 253 6.79 14.65 -12.67
N VAL A 254 7.98 15.14 -12.33
CA VAL A 254 8.56 14.88 -11.02
C VAL A 254 7.86 15.68 -9.91
N ILE A 274 6.76 9.53 2.22
CA ILE A 274 6.27 8.25 1.70
C ILE A 274 7.43 7.30 1.51
N ARG A 275 7.34 6.12 2.13
CA ARG A 275 8.32 5.04 1.94
C ARG A 275 8.66 4.85 0.46
N ALA A 276 7.65 4.95 -0.38
CA ALA A 276 7.86 4.89 -1.82
C ALA A 276 8.88 5.94 -2.32
N VAL A 277 8.60 7.20 -1.99
CA VAL A 277 9.38 8.33 -2.46
C VAL A 277 10.86 8.15 -2.09
N ASN A 278 11.16 7.73 -0.86
CA ASN A 278 12.54 7.61 -0.44
C ASN A 278 13.26 6.48 -1.16
N ALA A 279 12.50 5.49 -1.61
CA ALA A 279 13.05 4.38 -2.38
C ALA A 279 13.48 4.87 -3.74
N LEU A 280 12.71 5.81 -4.29
CA LEU A 280 13.04 6.45 -5.56
C LEU A 280 14.32 7.28 -5.42
N LEU A 281 14.44 7.98 -4.31
CA LEU A 281 15.66 8.74 -4.02
C LEU A 281 16.86 7.83 -3.84
N THR A 282 16.72 6.86 -2.94
CA THR A 282 17.79 5.92 -2.62
C THR A 282 18.43 5.29 -3.85
N GLN A 283 17.57 4.91 -4.80
CA GLN A 283 18.01 4.19 -5.98
C GLN A 283 18.57 5.12 -7.07
N ILE A 284 18.18 6.39 -7.02
CA ILE A 284 18.71 7.35 -7.99
C ILE A 284 20.12 7.78 -7.58
N ASP A 285 20.47 7.53 -6.32
CA ASP A 285 21.74 7.99 -5.77
C ASP A 285 22.92 7.14 -6.23
N ARG A 286 22.79 5.82 -6.18
CA ARG A 286 23.89 4.96 -6.59
C ARG A 286 24.11 5.03 -8.10
N ILE A 287 23.09 5.51 -8.81
CA ILE A 287 23.18 5.67 -10.25
C ILE A 287 24.03 6.90 -10.59
N ARG A 288 23.79 8.00 -9.89
CA ARG A 288 24.52 9.25 -10.13
C ARG A 288 25.93 9.20 -9.56
N ARG A 289 26.18 8.25 -8.66
CA ARG A 289 27.53 8.05 -8.12
C ARG A 289 28.48 7.60 -9.23
N ARG A 290 27.93 6.90 -10.21
CA ARG A 290 28.71 6.46 -11.37
C ARG A 290 29.14 7.67 -12.20
N ASP A 291 30.35 7.62 -12.75
CA ASP A 291 30.88 8.72 -13.54
C ASP A 291 30.16 8.88 -14.87
N ASN A 292 30.01 7.77 -15.59
CA ASN A 292 29.45 7.79 -16.93
C ASN A 292 27.97 8.16 -16.99
N VAL A 293 27.30 8.08 -15.85
CA VAL A 293 25.85 8.29 -15.79
C VAL A 293 25.45 9.77 -15.65
N LEU A 294 24.42 10.17 -16.39
CA LEU A 294 23.81 11.48 -16.22
C LEU A 294 22.29 11.35 -16.01
N ILE A 295 21.75 12.13 -15.09
CA ILE A 295 20.32 12.06 -14.77
C ILE A 295 19.61 13.40 -14.98
N LEU A 296 18.50 13.36 -15.72
CA LEU A 296 17.76 14.57 -16.06
C LEU A 296 16.30 14.49 -15.62
N CYS A 297 15.86 15.45 -14.82
CA CYS A 297 14.47 15.47 -14.34
C CYS A 297 13.73 16.67 -14.91
N THR A 298 12.40 16.57 -14.99
CA THR A 298 11.58 17.69 -15.45
C THR A 298 10.44 17.95 -14.48
N SER A 299 10.37 19.18 -13.97
CA SER A 299 9.35 19.54 -12.99
C SER A 299 8.30 20.47 -13.59
N ASN A 300 7.05 20.02 -13.57
CA ASN A 300 5.93 20.84 -14.03
C ASN A 300 5.72 22.03 -13.10
N LEU A 301 5.72 21.74 -11.80
CA LEU A 301 5.57 22.76 -10.78
C LEU A 301 6.84 23.56 -10.58
N GLU A 302 6.70 24.85 -10.31
CA GLU A 302 7.84 25.67 -9.92
C GLU A 302 7.69 26.10 -8.46
N SER A 303 8.83 26.23 -7.77
CA SER A 303 8.88 26.62 -6.36
C SER A 303 8.23 25.60 -5.43
N THR A 304 7.91 24.41 -5.95
CA THR A 304 7.53 23.29 -5.10
C THR A 304 8.82 22.71 -4.52
N LEU A 305 8.88 22.62 -3.20
CA LEU A 305 10.13 22.31 -2.53
C LEU A 305 10.30 20.85 -2.16
N ASP A 306 11.11 20.16 -2.94
CA ASP A 306 11.58 18.83 -2.59
C ASP A 306 12.99 18.95 -2.06
N LYS A 307 13.16 18.87 -0.74
CA LYS A 307 14.46 18.99 -0.09
C LYS A 307 15.50 18.11 -0.76
N ALA A 308 15.09 16.90 -1.13
CA ALA A 308 15.98 15.95 -1.79
C ALA A 308 16.35 16.42 -3.20
N LEU A 309 15.33 16.74 -4.00
CA LEU A 309 15.52 17.03 -5.42
C LEU A 309 16.35 18.30 -5.66
N VAL A 310 16.06 19.36 -4.91
CA VAL A 310 16.78 20.63 -5.07
C VAL A 310 18.22 20.50 -4.62
N ASP A 311 18.44 19.85 -3.48
CA ASP A 311 19.78 19.66 -2.95
C ASP A 311 20.59 18.72 -3.84
N ARG A 312 19.92 17.76 -4.46
CA ARG A 312 20.59 16.81 -5.35
C ARG A 312 20.82 17.38 -6.74
N ALA A 313 20.35 18.60 -6.97
CA ALA A 313 20.43 19.21 -8.28
C ALA A 313 21.62 20.13 -8.40
N ASP A 314 22.41 19.94 -9.46
CA ASP A 314 23.52 20.82 -9.74
C ASP A 314 23.01 22.24 -9.99
N ILE A 315 22.05 22.37 -10.90
CA ILE A 315 21.40 23.64 -11.15
C ILE A 315 19.91 23.48 -11.42
N VAL A 316 19.14 24.49 -11.04
CA VAL A 316 17.73 24.53 -11.42
C VAL A 316 17.60 25.46 -12.62
N LYS A 317 16.82 25.03 -13.61
CA LYS A 317 16.62 25.85 -14.80
C LYS A 317 15.15 25.93 -15.16
N ASN A 318 14.63 27.15 -15.18
CA ASN A 318 13.24 27.38 -15.51
C ASN A 318 13.07 27.69 -16.99
N VAL A 319 12.15 26.97 -17.64
CA VAL A 319 11.94 27.12 -19.06
C VAL A 319 10.78 28.08 -19.35
N GLY A 320 11.07 29.14 -20.10
CA GLY A 320 10.04 30.09 -20.50
C GLY A 320 9.24 29.58 -21.68
N GLN A 321 8.15 30.28 -21.99
CA GLN A 321 7.33 29.92 -23.13
C GLN A 321 8.12 30.03 -24.43
N PRO A 322 8.00 29.00 -25.30
CA PRO A 322 8.68 29.00 -26.60
C PRO A 322 8.33 30.23 -27.41
N SER A 323 9.29 30.76 -28.16
CA SER A 323 9.08 31.98 -28.93
C SER A 323 8.06 31.76 -30.04
N ASP A 324 7.62 32.85 -30.66
CA ASP A 324 6.69 32.78 -31.78
C ASP A 324 7.37 32.13 -32.97
N PHE A 325 8.69 32.34 -33.07
CA PHE A 325 9.48 31.77 -34.14
C PHE A 325 9.52 30.25 -34.04
N ALA A 326 9.45 29.74 -32.82
CA ALA A 326 9.38 28.29 -32.61
C ALA A 326 8.08 27.73 -33.16
N ARG A 327 6.99 28.45 -32.92
CA ARG A 327 5.67 28.02 -33.39
C ARG A 327 5.53 28.20 -34.90
N TYR A 328 6.16 29.24 -35.43
CA TYR A 328 6.19 29.44 -36.88
C TYR A 328 6.88 28.26 -37.55
N SER A 329 8.03 27.87 -37.01
CA SER A 329 8.82 26.75 -37.53
C SER A 329 8.00 25.47 -37.58
N MET A 330 7.30 25.19 -36.49
CA MET A 330 6.45 24.01 -36.39
C MET A 330 5.30 24.06 -37.39
N LEU A 331 4.72 25.24 -37.55
CA LEU A 331 3.60 25.43 -38.46
C LEU A 331 4.03 25.27 -39.91
N LYS A 332 5.16 25.86 -40.26
CA LYS A 332 5.68 25.76 -41.62
C LYS A 332 5.99 24.32 -41.99
N SER A 333 6.60 23.59 -41.06
CA SER A 333 6.95 22.19 -41.27
C SER A 333 5.71 21.34 -41.57
N SER A 334 4.61 21.64 -40.87
CA SER A 334 3.35 20.95 -41.11
C SER A 334 2.84 21.20 -42.52
N ILE A 335 2.76 22.47 -42.88
CA ILE A 335 2.30 22.89 -44.19
C ILE A 335 3.16 22.28 -45.29
N MET A 336 4.47 22.25 -45.05
CA MET A 336 5.39 21.68 -46.03
C MET A 336 5.18 20.17 -46.16
N GLU A 337 4.87 19.51 -45.04
CA GLU A 337 4.64 18.07 -45.07
C GLU A 337 3.34 17.74 -45.79
N LEU A 338 2.31 18.53 -45.55
CA LEU A 338 1.04 18.37 -46.25
C LEU A 338 1.21 18.62 -47.74
N ALA A 339 2.12 19.53 -48.07
CA ALA A 339 2.39 19.88 -49.47
C ALA A 339 3.09 18.73 -50.17
N ARG A 340 4.06 18.12 -49.48
CA ARG A 340 4.80 16.98 -49.99
C ARG A 340 3.86 15.83 -50.30
N ILE A 341 2.86 15.65 -49.43
CA ILE A 341 1.85 14.62 -49.61
C ILE A 341 1.04 14.81 -50.88
N GLY A 342 0.55 16.02 -51.07
CA GLY A 342 -0.35 16.31 -52.16
C GLY A 342 -1.63 16.89 -51.61
N VAL A 343 -1.73 16.93 -50.28
CA VAL A 343 -2.87 17.55 -49.61
C VAL A 343 -2.93 19.02 -49.95
N VAL A 344 -1.81 19.72 -49.74
CA VAL A 344 -1.69 21.11 -50.13
C VAL A 344 -1.09 21.25 -51.52
N ILE A 345 -1.89 21.75 -52.46
CA ILE A 345 -1.44 21.97 -53.83
C ILE A 345 -1.85 23.36 -54.32
N ASP A 346 -0.87 24.12 -54.80
CA ASP A 346 -1.13 25.44 -55.36
C ASP A 346 -0.17 25.75 -56.50
N ASN A 347 -0.54 25.32 -57.70
CA ASN A 347 0.27 25.56 -58.89
C ASN A 347 0.28 27.03 -59.31
N GLU A 348 -0.71 27.77 -58.82
CA GLU A 348 -0.84 29.20 -59.14
C GLU A 348 0.25 30.01 -58.47
N VAL A 349 0.66 29.57 -57.27
CA VAL A 349 1.68 30.28 -56.51
C VAL A 349 3.03 29.58 -56.60
N HIS A 350 4.05 30.32 -57.04
CA HIS A 350 5.38 29.77 -57.23
C HIS A 350 6.04 29.42 -55.90
N THR A 351 7.04 28.55 -55.95
CA THR A 351 7.69 28.02 -54.75
C THR A 351 8.39 29.11 -53.93
N ASP A 352 8.97 30.07 -54.63
CA ASP A 352 9.72 31.13 -53.97
C ASP A 352 8.83 32.00 -53.07
N TYR A 353 7.54 32.03 -53.37
CA TYR A 353 6.60 32.88 -52.63
C TYR A 353 5.90 32.13 -51.51
N TRP A 354 6.18 30.82 -51.42
CA TRP A 354 5.68 29.99 -50.33
C TRP A 354 6.30 30.41 -48.99
N PRO A 355 5.72 29.95 -47.87
CA PRO A 355 6.34 30.20 -46.56
C PRO A 355 7.79 29.74 -46.53
N GLN A 356 8.68 30.65 -46.14
CA GLN A 356 10.10 30.35 -46.08
C GLN A 356 10.60 30.36 -44.65
N ASP A 357 11.77 29.77 -44.42
CA ASP A 357 12.39 29.79 -43.10
C ASP A 357 12.73 31.22 -42.70
N ILE A 358 12.50 31.55 -41.43
CA ILE A 358 12.91 32.85 -40.91
C ILE A 358 14.25 32.69 -40.21
N CYS A 359 15.32 32.73 -41.00
CA CYS A 359 16.67 32.61 -40.48
C CYS A 359 17.05 33.87 -39.71
N ASP A 360 16.61 35.01 -40.23
CA ASP A 360 16.82 36.29 -39.56
C ASP A 360 15.47 36.93 -39.24
N THR A 361 15.29 37.28 -37.97
CA THR A 361 14.00 37.78 -37.49
C THR A 361 13.72 39.21 -37.93
N LYS A 362 14.79 39.98 -38.14
CA LYS A 362 14.69 41.37 -38.58
C LYS A 362 14.62 41.49 -40.10
N ALA A 363 15.12 40.47 -40.80
CA ALA A 363 15.12 40.45 -42.26
C ALA A 363 13.70 40.51 -42.81
N PRO A 364 13.53 41.15 -43.98
CA PRO A 364 12.20 41.25 -44.58
C PRO A 364 11.68 39.89 -45.05
N ARG A 365 10.36 39.73 -45.06
CA ARG A 365 9.75 38.43 -45.28
C ARG A 365 8.80 38.40 -46.47
N ASN A 366 8.45 37.19 -46.92
CA ASN A 366 7.44 37.02 -47.95
C ASN A 366 6.10 37.55 -47.50
N GLU A 367 5.21 37.76 -48.46
CA GLU A 367 3.84 38.16 -48.12
C GLU A 367 3.18 37.02 -47.38
N PHE A 368 3.34 35.80 -47.90
CA PHE A 368 2.79 34.61 -47.29
C PHE A 368 3.46 34.26 -45.97
N THR A 369 4.78 34.43 -45.93
CA THR A 369 5.54 34.17 -44.72
C THR A 369 5.02 35.01 -43.56
N GLU A 370 4.67 36.26 -43.87
CA GLU A 370 4.17 37.17 -42.85
C GLU A 370 2.78 36.75 -42.37
N ILE A 371 1.99 36.20 -43.30
CA ILE A 371 0.67 35.70 -42.97
C ILE A 371 0.78 34.51 -42.02
N LEU A 372 1.70 33.60 -42.31
CA LEU A 372 1.89 32.41 -41.50
C LEU A 372 2.41 32.78 -40.11
N PHE A 373 3.29 33.78 -40.06
CA PHE A 373 3.88 34.21 -38.80
C PHE A 373 2.85 34.90 -37.91
N LYS A 374 1.90 35.58 -38.54
CA LYS A 374 0.83 36.25 -37.82
C LYS A 374 -0.11 35.21 -37.20
N ILE A 375 -0.19 34.05 -37.85
CA ILE A 375 -0.94 32.93 -37.31
C ILE A 375 -0.21 32.35 -36.10
N ALA A 376 1.11 32.29 -36.18
CA ALA A 376 1.94 31.80 -35.08
C ALA A 376 1.86 32.72 -33.87
N GLN A 377 1.69 34.02 -34.12
CA GLN A 377 1.52 34.99 -33.04
C GLN A 377 0.15 34.80 -32.38
N GLU A 378 -0.79 34.24 -33.14
CA GLU A 378 -2.13 34.01 -32.62
C GLU A 378 -2.20 32.70 -31.83
N ALA A 379 -1.23 31.82 -32.07
CA ALA A 379 -1.20 30.51 -31.42
C ALA A 379 -0.18 30.46 -30.30
N ARG A 380 -0.06 31.56 -29.56
CA ARG A 380 0.93 31.66 -28.49
C ARG A 380 0.67 30.66 -27.36
N GLY A 381 -0.59 30.49 -27.01
CA GLY A 381 -0.97 29.64 -25.88
C GLY A 381 -0.76 28.15 -26.10
N LEU A 382 -1.02 27.70 -27.33
CA LEU A 382 -0.95 26.27 -27.65
C LEU A 382 0.46 25.71 -27.48
N SER A 383 0.55 24.49 -26.95
CA SER A 383 1.83 23.83 -26.77
C SER A 383 2.33 23.25 -28.07
N GLY A 384 3.58 22.79 -28.08
CA GLY A 384 4.18 22.21 -29.26
C GLY A 384 3.44 20.98 -29.77
N ARG A 385 3.04 20.11 -28.86
CA ARG A 385 2.30 18.90 -29.21
C ARG A 385 0.93 19.26 -29.77
N ALA A 386 0.31 20.28 -29.21
CA ALA A 386 -1.02 20.72 -29.65
C ALA A 386 -0.98 21.29 -31.07
N ILE A 387 0.08 22.04 -31.38
CA ILE A 387 0.23 22.64 -32.70
C ILE A 387 0.35 21.58 -33.78
N SER A 388 1.02 20.47 -33.45
CA SER A 388 1.21 19.39 -34.40
C SER A 388 -0.08 18.57 -34.59
N MET A 389 -1.07 18.82 -33.74
CA MET A 389 -2.39 18.19 -33.88
C MET A 389 -3.20 18.91 -34.95
N LEU A 390 -3.01 20.23 -35.04
CA LEU A 390 -3.80 21.10 -35.91
C LEU A 390 -3.92 20.68 -37.37
N PRO A 391 -2.82 20.21 -38.00
CA PRO A 391 -2.95 19.87 -39.43
C PRO A 391 -4.03 18.83 -39.73
N THR A 392 -4.21 17.84 -38.87
CA THR A 392 -5.22 16.82 -39.12
C THR A 392 -6.62 17.36 -38.87
N LEU A 393 -6.70 18.44 -38.07
CA LEU A 393 -7.96 19.13 -37.87
C LEU A 393 -8.27 19.94 -39.12
N VAL A 394 -7.24 20.62 -39.62
CA VAL A 394 -7.35 21.42 -40.83
C VAL A 394 -7.87 20.58 -42.01
N TYR A 395 -7.38 19.35 -42.11
CA TYR A 395 -7.77 18.47 -43.20
C TYR A 395 -9.26 18.14 -43.13
N SER A 396 -9.78 18.02 -41.92
CA SER A 396 -11.18 17.65 -41.73
C SER A 396 -12.13 18.79 -42.10
N LYS A 397 -11.69 20.03 -41.85
CA LYS A 397 -12.50 21.20 -42.17
C LYS A 397 -12.48 21.53 -43.66
N SER A 398 -11.45 21.04 -44.35
CA SER A 398 -11.30 21.35 -45.78
C SER A 398 -12.39 20.71 -46.62
N PRO A 399 -13.18 21.55 -47.30
CA PRO A 399 -14.27 21.11 -48.17
C PRO A 399 -13.81 20.21 -49.31
N GLU A 400 -12.67 20.52 -49.91
CA GLU A 400 -12.16 19.71 -51.02
C GLU A 400 -10.83 19.04 -50.65
N GLU A 401 -10.57 17.89 -51.27
CA GLU A 401 -9.42 17.07 -50.91
C GLU A 401 -8.09 17.78 -51.12
N THR A 402 -7.95 18.45 -52.25
CA THR A 402 -6.82 19.34 -52.46
C THR A 402 -7.11 20.63 -51.71
N ILE A 403 -6.08 21.28 -51.17
CA ILE A 403 -6.29 22.55 -50.49
C ILE A 403 -5.26 23.59 -50.91
N THR A 404 -5.74 24.75 -51.32
CA THR A 404 -4.87 25.79 -51.85
C THR A 404 -4.18 26.55 -50.72
N LEU A 405 -3.04 27.16 -51.05
CA LEU A 405 -2.21 27.85 -50.07
C LEU A 405 -2.90 29.01 -49.33
N PRO A 406 -3.68 29.84 -50.05
CA PRO A 406 -4.44 30.86 -49.30
C PRO A 406 -5.46 30.26 -48.33
N ASN A 407 -6.21 29.26 -48.78
CA ASN A 407 -7.18 28.61 -47.92
C ASN A 407 -6.51 27.88 -46.77
N CYS A 408 -5.33 27.33 -47.04
CA CYS A 408 -4.56 26.62 -46.02
C CYS A 408 -4.21 27.54 -44.85
N MET A 409 -3.96 28.81 -45.15
CA MET A 409 -3.70 29.80 -44.11
C MET A 409 -4.95 30.07 -43.30
N ASN A 410 -6.09 30.20 -43.99
CA ASN A 410 -7.35 30.47 -43.34
C ASN A 410 -7.78 29.34 -42.42
N LEU A 411 -7.71 28.11 -42.93
CA LEU A 411 -8.11 26.94 -42.16
C LEU A 411 -7.20 26.71 -40.96
N PHE A 412 -5.91 27.00 -41.12
CA PHE A 412 -4.97 26.84 -40.01
C PHE A 412 -5.29 27.83 -38.89
N LEU A 413 -5.67 29.04 -39.27
CA LEU A 413 -6.07 30.06 -38.31
C LEU A 413 -7.30 29.62 -37.54
N GLU A 414 -8.26 29.03 -38.26
CA GLU A 414 -9.49 28.53 -37.64
C GLU A 414 -9.19 27.45 -36.59
N ALA A 415 -8.33 26.51 -36.95
CA ALA A 415 -7.97 25.41 -36.05
C ALA A 415 -7.32 25.96 -34.78
N VAL A 416 -6.51 27.01 -34.95
CA VAL A 416 -5.88 27.67 -33.82
C VAL A 416 -6.92 28.32 -32.91
N LYS A 417 -7.82 29.08 -33.50
CA LYS A 417 -8.89 29.74 -32.75
C LYS A 417 -9.74 28.72 -31.98
N GLU A 418 -10.01 27.60 -32.64
CA GLU A 418 -10.91 26.59 -32.09
C GLU A 418 -10.32 25.89 -30.87
N ARG A 419 -9.02 25.65 -30.88
CA ARG A 419 -8.36 24.99 -29.76
C ARG A 419 -8.21 25.94 -28.56
N LEU A 420 -8.18 27.24 -28.83
CA LEU A 420 -8.10 28.23 -27.76
C LEU A 420 -9.40 28.30 -26.97
N SER A 421 -10.51 28.24 -27.67
CA SER A 421 -11.83 28.32 -27.04
C SER A 421 -12.14 27.05 -26.24
N ARG A 422 -11.64 25.92 -26.73
CA ARG A 422 -11.86 24.63 -26.10
C ARG A 422 -11.31 24.58 -24.68
N ASN A 423 -10.06 25.01 -24.52
CA ASN A 423 -9.37 24.97 -23.24
C ASN A 423 -10.07 25.79 -22.16
N ASN A 424 -10.60 26.95 -22.55
CA ASN A 424 -11.36 27.80 -21.65
C ASN A 424 -12.36 28.68 -22.40
N LEU B 8 -22.40 21.74 -53.27
CA LEU B 8 -21.38 21.62 -52.24
C LEU B 8 -20.19 20.84 -52.78
N LYS B 9 -19.00 21.24 -52.38
CA LYS B 9 -17.76 20.78 -53.02
C LYS B 9 -17.55 19.27 -52.95
N ASN B 10 -17.47 18.70 -51.76
CA ASN B 10 -17.26 17.26 -51.64
C ASN B 10 -18.40 16.53 -50.94
N ILE B 11 -19.13 15.76 -51.73
CA ILE B 11 -20.18 14.89 -51.20
C ILE B 11 -19.92 13.48 -51.71
N HIS B 12 -20.15 12.49 -50.85
CA HIS B 12 -19.88 11.11 -51.21
C HIS B 12 -21.16 10.32 -51.44
N ALA B 13 -21.04 9.20 -52.14
CA ALA B 13 -22.17 8.30 -52.33
C ALA B 13 -21.73 6.86 -52.21
N GLU B 14 -22.42 6.12 -51.34
CA GLU B 14 -22.15 4.70 -51.15
C GLU B 14 -23.29 3.91 -51.75
N ILE B 15 -22.98 2.95 -52.61
CA ILE B 15 -24.00 2.16 -53.28
C ILE B 15 -23.76 0.67 -53.09
N ARG B 16 -24.73 -0.01 -52.48
CA ARG B 16 -24.64 -1.45 -52.29
C ARG B 16 -25.24 -2.20 -53.47
N ILE B 17 -24.43 -2.95 -54.19
CA ILE B 17 -24.92 -3.80 -55.28
C ILE B 17 -25.21 -5.22 -54.81
N CYS B 18 -25.84 -6.00 -55.69
CA CYS B 18 -26.10 -7.41 -55.39
C CYS B 18 -24.82 -8.22 -55.44
N GLN B 19 -24.83 -9.36 -54.77
CA GLN B 19 -23.70 -10.29 -54.85
C GLN B 19 -23.63 -10.84 -56.26
N LYS B 20 -24.78 -11.16 -56.84
CA LYS B 20 -24.87 -11.69 -58.20
C LYS B 20 -24.36 -10.68 -59.22
N PHE B 21 -24.40 -9.40 -58.86
CA PHE B 21 -23.79 -8.37 -59.69
C PHE B 21 -22.28 -8.57 -59.69
N PRO B 22 -21.70 -8.83 -60.88
CA PRO B 22 -20.25 -8.99 -61.02
C PRO B 22 -19.50 -7.67 -60.87
N LYS B 23 -18.48 -7.65 -60.01
CA LYS B 23 -17.74 -6.43 -59.73
C LYS B 23 -16.94 -5.97 -60.94
N SER B 24 -16.61 -6.91 -61.82
CA SER B 24 -15.82 -6.60 -63.01
C SER B 24 -16.55 -5.65 -63.97
N THR B 25 -17.87 -5.81 -64.05
CA THR B 25 -18.68 -5.02 -64.96
C THR B 25 -19.02 -3.63 -64.41
N VAL B 26 -18.77 -3.43 -63.11
CA VAL B 26 -19.12 -2.19 -62.45
C VAL B 26 -18.44 -0.99 -63.09
N GLN B 27 -17.13 -1.10 -63.30
CA GLN B 27 -16.37 -0.01 -63.92
C GLN B 27 -16.83 0.23 -65.36
N LYS B 28 -17.33 -0.83 -66.00
CA LYS B 28 -17.82 -0.74 -67.37
C LYS B 28 -19.16 -0.01 -67.44
N ARG B 29 -20.02 -0.26 -66.46
CA ARG B 29 -21.34 0.37 -66.40
C ARG B 29 -21.38 1.52 -65.41
N PHE B 30 -20.21 2.10 -65.13
CA PHE B 30 -20.09 3.14 -64.12
C PHE B 30 -20.91 4.38 -64.45
N SER B 31 -21.14 4.62 -65.73
CA SER B 31 -21.89 5.78 -66.18
C SER B 31 -23.34 5.71 -65.71
N GLU B 32 -23.90 4.50 -65.74
CA GLU B 32 -25.28 4.28 -65.35
C GLU B 32 -25.48 4.50 -63.85
N PHE B 33 -24.43 4.21 -63.07
CA PHE B 33 -24.48 4.46 -61.64
C PHE B 33 -24.53 5.95 -61.34
N GLU B 34 -23.81 6.74 -62.14
CA GLU B 34 -23.75 8.17 -61.92
C GLU B 34 -25.08 8.83 -62.26
N GLU B 35 -25.76 8.27 -63.24
CA GLU B 35 -27.09 8.75 -63.62
C GLU B 35 -28.07 8.46 -62.48
N LEU B 36 -27.94 7.28 -61.89
CA LEU B 36 -28.74 6.90 -60.72
C LEU B 36 -28.57 7.90 -59.57
N ILE B 37 -27.31 8.27 -59.31
CA ILE B 37 -27.01 9.16 -58.21
C ILE B 37 -27.53 10.58 -58.47
N LYS B 38 -27.50 11.01 -59.73
CA LYS B 38 -28.05 12.31 -60.08
C LYS B 38 -29.56 12.34 -59.85
N ALA B 39 -30.22 11.23 -60.19
CA ALA B 39 -31.67 11.14 -60.05
C ALA B 39 -32.07 11.02 -58.58
N ALA B 40 -31.28 10.26 -57.82
CA ALA B 40 -31.56 10.03 -56.41
C ALA B 40 -31.31 11.27 -55.56
N SER B 41 -30.39 12.13 -55.99
CA SER B 41 -30.05 13.32 -55.23
C SER B 41 -31.13 14.39 -55.29
N LYS B 42 -32.01 14.28 -56.29
CA LYS B 42 -33.10 15.25 -56.47
C LYS B 42 -34.03 15.26 -55.27
N ASN B 43 -34.18 14.10 -54.64
CA ASN B 43 -34.83 14.01 -53.35
C ASN B 43 -34.05 13.08 -52.44
N ALA B 44 -33.26 13.65 -51.56
CA ALA B 44 -32.44 12.88 -50.66
C ALA B 44 -32.17 13.64 -49.38
N ARG B 45 -32.08 12.92 -48.27
CA ARG B 45 -31.65 13.52 -47.01
C ARG B 45 -30.21 13.09 -46.73
N ASN B 46 -29.44 14.00 -46.14
CA ASN B 46 -28.03 13.74 -45.83
C ASN B 46 -27.86 12.50 -44.95
N TRP B 47 -27.03 11.56 -45.42
CA TRP B 47 -26.74 10.32 -44.70
C TRP B 47 -27.97 9.44 -44.48
N LYS B 48 -29.07 9.76 -45.16
CA LYS B 48 -30.27 8.95 -45.07
C LYS B 48 -30.42 8.10 -46.33
N PRO B 49 -30.42 6.77 -46.17
CA PRO B 49 -30.38 5.83 -47.28
C PRO B 49 -31.68 5.72 -48.07
N ILE B 50 -31.55 5.67 -49.39
CA ILE B 50 -32.68 5.44 -50.27
C ILE B 50 -32.60 4.03 -50.82
N SER B 51 -33.72 3.30 -50.76
CA SER B 51 -33.72 1.90 -51.17
C SER B 51 -34.38 1.69 -52.53
N SER B 52 -35.01 2.73 -53.06
CA SER B 52 -35.72 2.60 -54.31
C SER B 52 -35.98 3.94 -55.00
N VAL B 53 -36.03 3.90 -56.32
CA VAL B 53 -36.45 5.05 -57.12
C VAL B 53 -37.93 4.89 -57.47
N GLU B 54 -38.78 5.70 -56.87
CA GLU B 54 -40.23 5.54 -57.06
C GLU B 54 -40.72 6.30 -58.28
N LEU B 55 -42.02 6.25 -58.53
CA LEU B 55 -42.59 6.94 -59.68
C LEU B 55 -42.31 8.43 -59.65
N PHE B 56 -42.16 9.02 -60.84
CA PHE B 56 -41.91 10.45 -61.01
C PHE B 56 -40.54 10.88 -60.51
N GLN B 57 -39.68 9.91 -60.20
CA GLN B 57 -38.33 10.20 -59.75
C GLN B 57 -37.27 9.68 -60.72
N GLY B 58 -37.71 9.04 -61.79
CA GLY B 58 -36.80 8.54 -62.79
C GLY B 58 -37.10 7.14 -63.28
N ASP B 59 -36.33 6.68 -64.26
CA ASP B 59 -36.51 5.35 -64.84
C ASP B 59 -36.43 4.28 -63.76
N SER B 60 -37.44 3.43 -63.68
CA SER B 60 -37.46 2.38 -62.67
C SER B 60 -36.45 1.29 -63.00
N SER B 61 -35.81 1.40 -64.16
CA SER B 61 -34.73 0.51 -64.55
C SER B 61 -33.48 0.81 -63.72
N LEU B 62 -33.45 1.97 -63.08
CA LEU B 62 -32.35 2.32 -62.20
C LEU B 62 -32.37 1.45 -60.96
N ASN B 63 -33.51 0.86 -60.67
CA ASN B 63 -33.67 0.01 -59.50
C ASN B 63 -32.99 -1.34 -59.66
N GLU B 64 -32.76 -1.73 -60.91
CA GLU B 64 -32.11 -3.01 -61.19
C GLU B 64 -30.62 -2.97 -60.89
N LEU B 65 -30.10 -1.77 -60.60
CA LEU B 65 -28.67 -1.59 -60.36
C LEU B 65 -28.27 -1.81 -58.90
N PHE B 66 -29.00 -1.17 -57.98
CA PHE B 66 -28.57 -1.12 -56.59
C PHE B 66 -29.54 -1.80 -55.61
N GLU B 67 -29.02 -2.06 -54.42
CA GLU B 67 -29.82 -2.65 -53.35
C GLU B 67 -30.12 -1.57 -52.32
N LYS B 68 -29.21 -0.59 -52.21
CA LYS B 68 -29.35 0.52 -51.29
C LYS B 68 -28.26 1.55 -51.57
N LEU B 69 -28.62 2.83 -51.53
CA LEU B 69 -27.63 3.87 -51.71
C LEU B 69 -27.72 4.92 -50.62
N VAL B 70 -26.58 5.52 -50.30
CA VAL B 70 -26.51 6.60 -49.33
C VAL B 70 -25.76 7.78 -49.94
N ILE B 71 -26.30 8.99 -49.77
CA ILE B 71 -25.60 10.20 -50.17
C ILE B 71 -25.37 11.07 -48.94
N GLY B 72 -24.12 11.35 -48.63
CA GLY B 72 -23.80 12.07 -47.42
C GLY B 72 -22.63 13.03 -47.54
N THR B 73 -22.70 14.09 -46.74
CA THR B 73 -21.60 15.06 -46.65
C THR B 73 -21.48 15.56 -45.23
N CYS B 74 -20.31 16.08 -44.88
CA CYS B 74 -20.07 16.61 -43.55
C CYS B 74 -20.33 18.12 -43.52
N GLU B 75 -20.58 18.68 -44.70
CA GLU B 75 -20.87 20.11 -44.82
C GLU B 75 -22.29 20.43 -44.35
N LEU B 76 -23.20 19.47 -44.52
CA LEU B 76 -24.59 19.68 -44.17
C LEU B 76 -24.96 18.99 -42.86
N ARG B 77 -26.07 19.45 -42.27
CA ARG B 77 -26.58 18.87 -41.03
C ARG B 77 -26.97 17.41 -41.27
N ASP B 78 -26.99 16.63 -40.19
CA ASP B 78 -27.22 15.19 -40.27
C ASP B 78 -28.48 14.77 -41.01
N GLY B 79 -29.52 15.59 -40.96
CA GLY B 79 -30.77 15.22 -41.59
C GLY B 79 -31.18 16.06 -42.80
N GLU B 80 -30.37 17.07 -43.10
CA GLU B 80 -30.68 18.05 -44.12
C GLU B 80 -31.04 17.45 -45.48
N LEU B 81 -32.02 18.07 -46.15
CA LEU B 81 -32.38 17.71 -47.52
C LEU B 81 -31.49 18.49 -48.48
N PHE B 82 -31.14 17.86 -49.60
CA PHE B 82 -30.34 18.54 -50.61
C PHE B 82 -31.23 19.47 -51.44
N GLU B 83 -30.63 20.24 -52.33
CA GLU B 83 -31.38 21.21 -53.13
C GLU B 83 -31.14 21.02 -54.63
N LEU B 88 -26.37 19.96 -58.32
CA LEU B 88 -25.40 19.26 -57.50
C LEU B 88 -24.26 18.73 -58.36
N THR B 89 -23.07 18.65 -57.79
CA THR B 89 -21.89 18.22 -58.55
C THR B 89 -21.08 17.18 -57.80
N ILE B 90 -21.27 15.91 -58.16
CA ILE B 90 -20.58 14.81 -57.50
C ILE B 90 -19.51 14.19 -58.38
N ASN B 91 -18.26 14.43 -58.04
CA ASN B 91 -17.12 13.82 -58.71
C ASN B 91 -17.16 12.30 -58.57
N PRO B 92 -17.11 11.57 -59.71
CA PRO B 92 -17.18 10.11 -59.74
C PRO B 92 -16.09 9.39 -58.95
N SER B 93 -15.20 10.13 -58.30
CA SER B 93 -14.16 9.53 -57.48
C SER B 93 -14.61 9.35 -56.03
N ASN B 94 -15.67 10.05 -55.65
CA ASN B 94 -16.18 10.00 -54.28
C ASN B 94 -17.33 9.02 -54.14
N ILE B 95 -17.74 8.41 -55.24
CA ILE B 95 -18.84 7.46 -55.19
C ILE B 95 -18.31 6.03 -55.18
N HIS B 96 -18.67 5.28 -54.15
CA HIS B 96 -18.12 3.95 -53.96
C HIS B 96 -19.19 2.88 -54.01
N VAL B 97 -18.90 1.82 -54.75
CA VAL B 97 -19.82 0.73 -54.91
C VAL B 97 -19.27 -0.47 -54.14
N TYR B 98 -20.15 -1.19 -53.45
CA TYR B 98 -19.71 -2.24 -52.53
C TYR B 98 -20.75 -3.35 -52.38
N LYS B 99 -20.30 -4.51 -51.91
CA LYS B 99 -21.18 -5.60 -51.53
C LYS B 99 -20.75 -6.08 -50.15
N LEU B 100 -21.69 -6.21 -49.21
CA LEU B 100 -21.36 -6.57 -47.84
C LEU B 100 -21.17 -8.06 -47.67
N HIS B 101 -20.22 -8.45 -46.82
CA HIS B 101 -20.00 -9.85 -46.55
C HIS B 101 -20.96 -10.30 -45.46
N LYS B 102 -21.49 -11.52 -45.60
CA LYS B 102 -22.40 -12.09 -44.60
C LYS B 102 -21.73 -13.22 -43.86
N ASP B 103 -20.41 -13.32 -44.04
CA ASP B 103 -19.60 -14.37 -43.45
C ASP B 103 -19.76 -14.45 -41.94
N GLY B 104 -20.04 -13.30 -41.33
CA GLY B 104 -20.26 -13.23 -39.90
C GLY B 104 -18.98 -13.11 -39.10
N PRO B 105 -19.11 -12.89 -37.79
CA PRO B 105 -17.94 -12.77 -36.90
C PRO B 105 -17.24 -14.10 -36.68
N LEU B 106 -15.93 -14.07 -36.49
CA LEU B 106 -15.16 -15.29 -36.28
C LEU B 106 -14.44 -15.29 -34.94
N SER B 107 -14.42 -16.44 -34.29
CA SER B 107 -13.72 -16.61 -33.02
C SER B 107 -12.23 -16.75 -33.24
N GLN B 108 -11.44 -16.03 -32.45
CA GLN B 108 -9.99 -16.08 -32.54
C GLN B 108 -9.33 -15.45 -31.32
N SER B 122 -11.99 -11.37 -28.44
CA SER B 122 -11.36 -11.17 -29.72
C SER B 122 -12.22 -11.73 -30.86
N GLN B 123 -13.00 -10.86 -31.50
CA GLN B 123 -13.82 -11.25 -32.64
C GLN B 123 -13.39 -10.51 -33.91
N LEU B 124 -13.28 -11.24 -35.01
CA LEU B 124 -12.88 -10.62 -36.27
C LEU B 124 -14.09 -10.33 -37.14
N TRP B 125 -14.23 -9.08 -37.55
CA TRP B 125 -15.32 -8.67 -38.44
C TRP B 125 -14.81 -8.35 -39.84
N GLN B 126 -15.48 -8.88 -40.84
CA GLN B 126 -15.17 -8.59 -42.23
C GLN B 126 -15.95 -7.37 -42.69
N LEU B 127 -15.25 -6.30 -43.08
CA LEU B 127 -15.92 -5.04 -43.41
C LEU B 127 -16.01 -4.76 -44.90
N PRO B 128 -17.18 -4.31 -45.36
CA PRO B 128 -18.40 -4.07 -44.56
C PRO B 128 -19.29 -5.30 -44.41
N CYS B 129 -19.84 -5.50 -43.22
CA CYS B 129 -20.65 -6.69 -42.94
C CYS B 129 -22.14 -6.38 -42.83
N VAL B 130 -22.96 -7.42 -42.83
CA VAL B 130 -24.41 -7.22 -42.78
C VAL B 130 -24.84 -6.63 -41.46
N GLU B 131 -24.07 -6.85 -40.40
CA GLU B 131 -24.50 -6.52 -39.06
C GLU B 131 -24.37 -5.04 -38.74
N PHE B 132 -23.43 -4.38 -39.41
CA PHE B 132 -23.13 -2.98 -39.12
C PHE B 132 -23.92 -2.01 -40.00
N ASP B 133 -24.54 -2.53 -41.06
CA ASP B 133 -25.00 -1.69 -42.16
C ASP B 133 -26.05 -0.64 -41.79
N SER B 134 -26.95 -0.98 -40.86
CA SER B 134 -28.05 -0.07 -40.53
C SER B 134 -27.76 0.78 -39.29
N ILE B 135 -26.55 0.66 -38.75
CA ILE B 135 -26.22 1.33 -37.51
C ILE B 135 -26.21 2.86 -37.65
N TRP B 136 -25.43 3.36 -38.59
CA TRP B 136 -25.14 4.79 -38.69
C TRP B 136 -26.39 5.67 -38.83
N GLU B 137 -27.27 5.29 -39.75
CA GLU B 137 -28.46 6.10 -40.04
C GLU B 137 -29.40 6.16 -38.83
N ASN B 138 -29.35 5.13 -38.00
CA ASN B 138 -30.26 5.02 -36.87
C ASN B 138 -29.69 5.61 -35.58
N LEU B 139 -28.42 6.01 -35.64
CA LEU B 139 -27.80 6.71 -34.52
C LEU B 139 -28.27 8.16 -34.50
N ILE B 140 -28.82 8.59 -33.37
CA ILE B 140 -29.43 9.92 -33.26
C ILE B 140 -28.76 10.81 -32.23
N TYR B 141 -28.22 11.93 -32.70
CA TYR B 141 -27.60 12.91 -31.82
C TYR B 141 -28.05 14.32 -32.20
N ASP B 142 -27.95 15.24 -31.26
CA ASP B 142 -28.43 16.61 -31.46
C ASP B 142 -27.27 17.60 -31.56
N SER B 143 -26.04 17.08 -31.48
CA SER B 143 -24.87 17.94 -31.37
C SER B 143 -23.99 17.94 -32.60
N ASN B 144 -24.50 17.39 -33.70
CA ASN B 144 -23.71 17.22 -34.93
C ASN B 144 -22.45 16.39 -34.66
N LEU B 145 -22.52 15.56 -33.63
CA LEU B 145 -21.42 14.70 -33.20
C LEU B 145 -20.99 13.72 -34.28
N LYS B 146 -21.96 13.14 -34.98
CA LYS B 146 -21.69 12.16 -36.01
C LYS B 146 -20.81 12.76 -37.12
N ASN B 147 -21.16 13.97 -37.53
CA ASN B 147 -20.38 14.64 -38.57
C ASN B 147 -18.96 14.94 -38.13
N GLU B 148 -18.80 15.35 -36.87
CA GLU B 148 -17.49 15.74 -36.36
C GLU B 148 -16.53 14.56 -36.30
N VAL B 149 -17.01 13.44 -35.76
CA VAL B 149 -16.20 12.24 -35.66
C VAL B 149 -15.88 11.68 -37.05
N MET B 150 -16.91 11.58 -37.90
CA MET B 150 -16.77 11.08 -39.25
C MET B 150 -15.68 11.81 -40.05
N SER B 151 -15.78 13.13 -40.11
CA SER B 151 -14.85 13.92 -40.91
C SER B 151 -13.43 13.88 -40.37
N TYR B 152 -13.31 13.93 -39.03
CA TYR B 152 -12.00 13.95 -38.40
C TYR B 152 -11.25 12.64 -38.59
N VAL B 153 -11.94 11.53 -38.34
CA VAL B 153 -11.31 10.21 -38.42
C VAL B 153 -10.98 9.89 -39.87
N ALA B 154 -11.81 10.36 -40.80
CA ALA B 154 -11.55 10.23 -42.23
C ALA B 154 -10.24 10.92 -42.58
N ALA B 155 -9.99 12.06 -41.96
CA ALA B 155 -8.77 12.81 -42.19
C ALA B 155 -7.56 12.03 -41.68
N LEU B 156 -7.70 11.43 -40.50
CA LEU B 156 -6.64 10.60 -39.94
C LEU B 156 -6.32 9.44 -40.87
N ALA B 157 -7.37 8.82 -41.42
CA ALA B 157 -7.21 7.69 -42.32
C ALA B 157 -6.60 8.12 -43.65
N ARG B 158 -7.09 9.23 -44.19
CA ARG B 158 -6.59 9.76 -45.47
C ARG B 158 -5.11 10.09 -45.37
N LEU B 159 -4.74 10.81 -44.32
CA LEU B 159 -3.34 11.15 -44.08
C LEU B 159 -2.48 9.89 -43.94
N SER B 160 -2.94 8.98 -43.09
CA SER B 160 -2.21 7.74 -42.82
C SER B 160 -1.99 6.93 -44.11
N GLU B 161 -3.00 6.90 -44.97
CA GLU B 161 -2.88 6.21 -46.25
C GLU B 161 -1.82 6.87 -47.11
N LYS B 162 -1.67 8.18 -46.98
CA LYS B 162 -0.70 8.94 -47.75
C LYS B 162 0.68 8.95 -47.10
N HIS B 163 0.83 8.12 -46.05
CA HIS B 163 2.11 7.89 -45.41
C HIS B 163 2.78 9.15 -44.86
N VAL B 164 2.05 9.88 -44.02
CA VAL B 164 2.59 11.07 -43.38
C VAL B 164 3.68 10.72 -42.39
N ASN B 165 4.75 11.49 -42.39
CA ASN B 165 5.79 11.34 -41.38
C ASN B 165 5.22 11.69 -40.01
N THR B 166 5.19 10.71 -39.11
CA THR B 166 4.61 10.90 -37.79
C THR B 166 5.43 11.89 -36.96
N LYS B 167 6.72 11.99 -37.27
CA LYS B 167 7.62 12.88 -36.54
C LYS B 167 7.31 14.35 -36.83
N ILE B 168 7.09 14.68 -38.09
CA ILE B 168 6.77 16.05 -38.47
C ILE B 168 5.33 16.39 -38.08
N ILE B 169 4.39 15.59 -38.56
CA ILE B 169 2.98 15.79 -38.21
C ILE B 169 2.49 14.67 -37.30
N ASN B 170 1.94 15.06 -36.15
CA ASN B 170 1.56 14.09 -35.13
C ASN B 170 0.22 13.41 -35.41
N VAL B 171 0.28 12.14 -35.79
CA VAL B 171 -0.92 11.35 -36.03
C VAL B 171 -0.88 10.07 -35.20
N ASN B 172 -1.68 10.02 -34.15
CA ASN B 172 -1.64 8.92 -33.19
C ASN B 172 -2.33 7.65 -33.67
N ARG B 173 -3.26 7.81 -34.60
CA ARG B 173 -4.07 6.70 -35.14
C ARG B 173 -4.94 6.05 -34.06
N LEU B 174 -5.16 6.76 -32.96
CA LEU B 174 -6.04 6.29 -31.90
C LEU B 174 -7.16 7.29 -31.69
N ILE B 175 -8.35 6.78 -31.40
CA ILE B 175 -9.49 7.64 -31.09
C ILE B 175 -10.23 7.13 -29.86
N LEU B 176 -10.65 8.06 -29.00
CA LEU B 176 -11.29 7.71 -27.74
C LEU B 176 -12.67 8.34 -27.58
N LEU B 177 -13.68 7.51 -27.35
CA LEU B 177 -15.04 7.98 -27.07
C LEU B 177 -15.39 7.68 -25.61
N THR B 178 -15.88 8.69 -24.90
CA THR B 178 -16.25 8.48 -23.50
C THR B 178 -17.65 9.01 -23.20
N GLY B 179 -18.24 8.52 -22.10
CA GLY B 179 -19.56 8.92 -21.69
C GLY B 179 -20.26 7.82 -20.91
N PRO B 180 -21.52 8.06 -20.53
CA PRO B 180 -22.34 7.02 -19.87
C PRO B 180 -22.55 5.82 -20.78
N PRO B 181 -22.86 4.65 -20.20
CA PRO B 181 -23.02 3.40 -20.95
C PRO B 181 -24.16 3.42 -21.98
N GLY B 182 -25.17 4.26 -21.79
CA GLY B 182 -26.34 4.21 -22.65
C GLY B 182 -26.28 5.07 -23.90
N THR B 183 -25.13 5.70 -24.14
CA THR B 183 -25.02 6.69 -25.21
C THR B 183 -24.72 6.09 -26.59
N GLY B 184 -24.27 4.84 -26.61
CA GLY B 184 -24.03 4.16 -27.86
C GLY B 184 -22.69 4.47 -28.52
N LYS B 185 -21.64 4.48 -27.72
CA LYS B 185 -20.30 4.75 -28.22
C LYS B 185 -19.80 3.63 -29.12
N THR B 186 -20.12 2.39 -28.73
CA THR B 186 -19.72 1.22 -29.51
C THR B 186 -20.34 1.28 -30.89
N SER B 187 -21.64 1.59 -30.95
CA SER B 187 -22.36 1.69 -32.22
C SER B 187 -21.72 2.72 -33.14
N LEU B 188 -21.26 3.83 -32.56
CA LEU B 188 -20.54 4.84 -33.32
C LEU B 188 -19.28 4.25 -33.96
N CYS B 189 -18.52 3.50 -33.18
CA CYS B 189 -17.30 2.89 -33.66
C CYS B 189 -17.57 1.88 -34.76
N LYS B 190 -18.61 1.07 -34.59
CA LYS B 190 -18.99 0.08 -35.59
C LYS B 190 -19.34 0.77 -36.90
N GLY B 191 -20.29 1.71 -36.83
CA GLY B 191 -20.78 2.40 -38.01
C GLY B 191 -19.70 3.22 -38.69
N LEU B 192 -18.83 3.83 -37.90
CA LEU B 192 -17.74 4.64 -38.41
C LEU B 192 -16.79 3.80 -39.27
N ALA B 193 -16.40 2.65 -38.73
CA ALA B 193 -15.55 1.72 -39.47
C ALA B 193 -16.25 1.17 -40.70
N GLN B 194 -17.58 1.02 -40.62
CA GLN B 194 -18.36 0.52 -41.75
C GLN B 194 -18.26 1.49 -42.92
N HIS B 195 -18.41 2.78 -42.63
CA HIS B 195 -18.35 3.79 -43.68
C HIS B 195 -16.94 3.95 -44.22
N LEU B 196 -15.97 4.02 -43.33
CA LEU B 196 -14.58 4.21 -43.73
C LEU B 196 -14.09 3.09 -44.65
N SER B 197 -14.50 1.86 -44.36
CA SER B 197 -14.12 0.72 -45.19
C SER B 197 -14.64 0.87 -46.62
N ILE B 198 -15.81 1.47 -46.76
CA ILE B 198 -16.38 1.73 -48.08
C ILE B 198 -15.76 2.97 -48.73
N ARG B 199 -15.60 4.03 -47.93
CA ARG B 199 -14.98 5.26 -48.39
C ARG B 199 -13.58 5.04 -48.94
N MET B 200 -12.82 4.16 -48.29
CA MET B 200 -11.45 3.91 -48.67
C MET B 200 -11.30 2.64 -49.51
N ASN B 201 -12.40 2.14 -50.06
CA ASN B 201 -12.37 0.87 -50.76
C ASN B 201 -11.55 0.92 -52.05
N ASP B 202 -11.39 2.11 -52.60
CA ASP B 202 -10.53 2.29 -53.76
C ASP B 202 -9.07 2.13 -53.35
N LYS B 203 -8.76 2.55 -52.13
CA LYS B 203 -7.40 2.45 -51.60
C LYS B 203 -7.10 1.09 -50.98
N TYR B 204 -8.11 0.47 -50.37
CA TYR B 204 -7.94 -0.84 -49.75
C TYR B 204 -8.85 -1.88 -50.38
N SER B 205 -8.25 -2.99 -50.80
CA SER B 205 -8.99 -4.09 -51.40
C SER B 205 -9.80 -4.86 -50.37
N LYS B 206 -9.21 -5.10 -49.21
CA LYS B 206 -9.85 -5.85 -48.14
C LYS B 206 -9.86 -5.02 -46.85
N SER B 207 -10.92 -5.15 -46.05
CA SER B 207 -10.99 -4.42 -44.78
C SER B 207 -11.52 -5.30 -43.66
N VAL B 208 -10.80 -5.35 -42.56
CA VAL B 208 -11.18 -6.17 -41.41
C VAL B 208 -11.27 -5.36 -40.14
N MET B 209 -12.02 -5.85 -39.15
CA MET B 209 -12.08 -5.22 -37.85
C MET B 209 -12.00 -6.24 -36.72
N LEU B 210 -11.11 -5.97 -35.78
CA LEU B 210 -10.93 -6.82 -34.61
C LEU B 210 -11.51 -6.15 -33.37
N GLU B 211 -12.50 -6.79 -32.77
CA GLU B 211 -13.15 -6.27 -31.58
C GLU B 211 -12.70 -6.99 -30.33
N ILE B 212 -12.27 -6.24 -29.32
CA ILE B 212 -11.78 -6.80 -28.08
C ILE B 212 -12.65 -6.38 -26.90
N ASN B 213 -12.83 -7.29 -25.93
CA ASN B 213 -13.47 -6.99 -24.66
C ASN B 213 -14.95 -6.62 -24.77
N SER B 214 -15.70 -7.44 -25.51
CA SER B 214 -17.14 -7.21 -25.67
C SER B 214 -17.97 -8.38 -25.14
N HIS B 215 -18.52 -8.23 -23.95
CA HIS B 215 -18.31 -7.03 -23.13
C HIS B 215 -17.74 -7.43 -21.77
N SER B 216 -16.58 -6.88 -21.44
CA SER B 216 -15.89 -7.17 -20.17
C SER B 216 -15.54 -8.65 -20.01
N LEU B 217 -15.59 -9.41 -21.11
CA LEU B 217 -15.20 -10.81 -21.07
C LEU B 217 -13.69 -10.92 -20.92
N PHE B 218 -12.99 -10.02 -21.61
CA PHE B 218 -11.54 -10.01 -21.64
C PHE B 218 -10.95 -9.44 -20.35
N SER B 219 -11.70 -8.56 -19.70
CA SER B 219 -11.21 -7.79 -18.55
C SER B 219 -10.82 -8.64 -17.35
N LYS B 220 -11.66 -9.61 -17.00
CA LYS B 220 -11.41 -10.45 -15.82
C LYS B 220 -10.13 -11.27 -15.96
N TRP B 221 -9.95 -11.87 -17.14
CA TRP B 221 -8.71 -12.60 -17.44
C TRP B 221 -7.55 -11.63 -17.58
N PHE B 222 -7.87 -10.41 -17.99
CA PHE B 222 -6.88 -9.35 -18.11
C PHE B 222 -6.49 -8.81 -16.74
N SER B 223 -7.46 -8.73 -15.84
CA SER B 223 -7.21 -8.34 -14.45
C SER B 223 -6.38 -9.42 -13.77
N GLU B 224 -6.73 -10.68 -14.03
CA GLU B 224 -5.92 -11.82 -13.61
C GLU B 224 -4.53 -11.74 -14.25
N SER B 225 -4.51 -11.17 -15.45
CA SER B 225 -3.31 -10.99 -16.30
C SER B 225 -2.91 -12.27 -17.02
N GLY B 226 -2.36 -12.11 -18.21
CA GLY B 226 -1.91 -13.22 -19.03
C GLY B 226 -0.92 -12.78 -20.10
N LYS B 227 -0.25 -13.74 -20.72
CA LYS B 227 0.74 -13.43 -21.74
C LYS B 227 0.08 -13.22 -23.10
N LEU B 228 -1.14 -13.72 -23.24
CA LEU B 228 -1.79 -13.80 -24.54
C LEU B 228 -2.35 -12.48 -25.06
N VAL B 229 -2.25 -11.41 -24.26
CA VAL B 229 -2.54 -10.08 -24.78
C VAL B 229 -1.52 -9.80 -25.87
N GLN B 230 -0.28 -10.18 -25.61
CA GLN B 230 0.78 -10.11 -26.62
C GLN B 230 0.47 -11.00 -27.80
N LYS B 231 0.06 -12.24 -27.51
CA LYS B 231 -0.28 -13.20 -28.54
C LYS B 231 -1.44 -12.72 -29.42
N MET B 232 -2.41 -12.07 -28.79
CA MET B 232 -3.57 -11.56 -29.50
C MET B 232 -3.18 -10.42 -30.43
N PHE B 233 -2.37 -9.51 -29.92
CA PHE B 233 -1.94 -8.35 -30.69
C PHE B 233 -0.94 -8.75 -31.78
N ASP B 234 -0.22 -9.85 -31.55
CA ASP B 234 0.71 -10.38 -32.54
C ASP B 234 -0.03 -10.84 -33.79
N GLN B 235 -1.25 -11.35 -33.60
CA GLN B 235 -2.08 -11.76 -34.72
C GLN B 235 -2.62 -10.54 -35.47
N ILE B 236 -2.98 -9.50 -34.72
CA ILE B 236 -3.41 -8.26 -35.33
C ILE B 236 -2.27 -7.68 -36.16
N ASP B 237 -1.06 -7.83 -35.64
CA ASP B 237 0.14 -7.33 -36.31
C ASP B 237 0.31 -8.00 -37.67
N GLU B 238 0.18 -9.33 -37.71
CA GLU B 238 0.28 -10.08 -38.96
C GLU B 238 -0.74 -9.58 -39.97
N LEU B 239 -1.96 -9.33 -39.50
CA LEU B 239 -3.02 -8.81 -40.36
C LEU B 239 -2.68 -7.39 -40.80
N ALA B 240 -1.95 -6.67 -39.95
CA ALA B 240 -1.51 -5.31 -40.27
C ALA B 240 -0.31 -5.32 -41.20
N GLU B 241 0.47 -6.40 -41.13
CA GLU B 241 1.61 -6.59 -42.03
C GLU B 241 1.11 -6.67 -43.47
N ASP B 242 -0.10 -7.17 -43.63
CA ASP B 242 -0.76 -7.20 -44.93
C ASP B 242 -1.11 -5.78 -45.36
N GLU B 243 -0.52 -5.33 -46.46
CA GLU B 243 -0.83 -4.01 -47.00
C GLU B 243 -2.04 -4.10 -47.92
N LYS B 244 -2.50 -2.94 -48.38
CA LYS B 244 -3.72 -2.84 -49.17
C LYS B 244 -4.92 -3.36 -48.38
N CYS B 245 -4.75 -3.46 -47.07
CA CYS B 245 -5.83 -3.87 -46.17
C CYS B 245 -5.78 -3.05 -44.89
N MET B 246 -6.89 -2.42 -44.55
CA MET B 246 -6.96 -1.64 -43.32
C MET B 246 -7.62 -2.43 -42.20
N VAL B 247 -7.05 -2.34 -41.01
CA VAL B 247 -7.59 -3.06 -39.87
C VAL B 247 -8.11 -2.08 -38.81
N PHE B 248 -9.24 -2.43 -38.20
CA PHE B 248 -9.83 -1.62 -37.16
C PHE B 248 -9.78 -2.38 -35.85
N VAL B 249 -9.32 -1.72 -34.79
CA VAL B 249 -9.31 -2.35 -33.48
C VAL B 249 -10.23 -1.62 -32.52
N LEU B 250 -11.30 -2.28 -32.12
CA LEU B 250 -12.23 -1.72 -31.15
C LEU B 250 -11.97 -2.30 -29.77
N ILE B 251 -11.93 -1.43 -28.77
CA ILE B 251 -11.71 -1.84 -27.39
C ILE B 251 -12.82 -1.30 -26.49
N ASP B 252 -13.63 -2.20 -25.92
CA ASP B 252 -14.76 -1.81 -25.10
C ASP B 252 -14.44 -1.85 -23.61
N GLU B 253 -15.14 -1.02 -22.84
CA GLU B 253 -14.96 -0.94 -21.38
C GLU B 253 -13.48 -0.83 -21.00
N VAL B 254 -12.80 0.15 -21.61
CA VAL B 254 -11.35 0.27 -21.47
C VAL B 254 -10.88 0.33 -20.02
N GLU B 255 -11.64 1.01 -19.17
CA GLU B 255 -11.24 1.18 -17.79
C GLU B 255 -11.51 -0.05 -16.94
N SER B 256 -12.28 -1.00 -17.49
CA SER B 256 -12.44 -2.29 -16.83
C SER B 256 -11.13 -3.05 -16.98
N LEU B 257 -10.41 -2.77 -18.07
CA LEU B 257 -9.07 -3.28 -18.26
C LEU B 257 -8.09 -2.49 -17.40
N GLY B 258 -7.98 -1.19 -17.69
CA GLY B 258 -7.10 -0.31 -16.94
C GLY B 258 -7.87 0.65 -16.05
N ILE B 274 -1.80 -5.70 -12.97
CA ILE B 274 -1.64 -4.46 -13.72
C ILE B 274 -0.39 -4.55 -14.59
N ARG B 275 0.26 -5.71 -14.56
CA ARG B 275 1.40 -5.97 -15.42
C ARG B 275 0.97 -6.04 -16.87
N ALA B 276 -0.29 -6.40 -17.10
CA ALA B 276 -0.82 -6.59 -18.44
C ALA B 276 -1.22 -5.27 -19.10
N VAL B 277 -1.58 -4.27 -18.31
CA VAL B 277 -1.99 -2.98 -18.86
C VAL B 277 -0.78 -2.26 -19.44
N ASN B 278 0.41 -2.64 -18.98
CA ASN B 278 1.64 -2.13 -19.56
C ASN B 278 1.92 -2.83 -20.88
N ALA B 279 1.67 -4.14 -20.90
CA ALA B 279 1.79 -4.93 -22.11
C ALA B 279 0.77 -4.44 -23.14
N LEU B 280 -0.44 -4.19 -22.66
CA LEU B 280 -1.52 -3.70 -23.52
C LEU B 280 -1.13 -2.39 -24.19
N LEU B 281 -0.69 -1.43 -23.39
CA LEU B 281 -0.30 -0.11 -23.89
C LEU B 281 0.91 -0.20 -24.83
N THR B 282 1.84 -1.10 -24.50
CA THR B 282 2.99 -1.36 -25.37
C THR B 282 2.52 -1.97 -26.68
N GLN B 283 1.60 -2.92 -26.59
CA GLN B 283 1.04 -3.56 -27.79
C GLN B 283 0.19 -2.58 -28.58
N ILE B 284 -0.46 -1.65 -27.87
CA ILE B 284 -1.20 -0.58 -28.54
C ILE B 284 -0.24 0.29 -29.34
N ASP B 285 0.90 0.61 -28.74
CA ASP B 285 1.91 1.46 -29.38
C ASP B 285 2.48 0.84 -30.65
N ARG B 286 2.69 -0.48 -30.62
CA ARG B 286 3.23 -1.18 -31.78
C ARG B 286 2.27 -1.10 -32.96
N ILE B 287 1.00 -1.27 -32.66
CA ILE B 287 -0.04 -1.38 -33.67
C ILE B 287 -0.31 -0.06 -34.40
N ARG B 288 -0.39 1.04 -33.64
CA ARG B 288 -0.74 2.34 -34.20
C ARG B 288 0.32 2.90 -35.16
N ARG B 289 1.52 2.35 -35.12
CA ARG B 289 2.61 2.84 -35.97
C ARG B 289 2.36 2.56 -37.44
N ARG B 290 1.56 1.53 -37.72
CA ARG B 290 1.25 1.18 -39.10
C ARG B 290 0.32 2.22 -39.74
N ASP B 291 0.46 2.40 -41.05
CA ASP B 291 -0.37 3.36 -41.77
C ASP B 291 -1.77 2.82 -42.03
N ASN B 292 -1.88 1.51 -42.22
CA ASN B 292 -3.15 0.89 -42.58
C ASN B 292 -3.92 0.36 -41.38
N VAL B 293 -3.74 1.00 -40.23
CA VAL B 293 -4.37 0.55 -39.00
C VAL B 293 -5.08 1.70 -38.29
N LEU B 294 -6.18 1.39 -37.61
CA LEU B 294 -6.91 2.41 -36.86
C LEU B 294 -7.53 1.78 -35.62
N ILE B 295 -7.21 2.32 -34.44
CA ILE B 295 -7.71 1.75 -33.20
C ILE B 295 -8.72 2.67 -32.51
N LEU B 296 -9.85 2.09 -32.10
CA LEU B 296 -10.93 2.86 -31.49
C LEU B 296 -11.24 2.36 -30.09
N CYS B 297 -11.35 3.29 -29.14
CA CYS B 297 -11.60 2.94 -27.76
C CYS B 297 -12.87 3.59 -27.22
N THR B 298 -13.55 2.91 -26.31
CA THR B 298 -14.72 3.48 -25.66
C THR B 298 -14.62 3.28 -24.15
N SER B 299 -14.97 4.30 -23.38
CA SER B 299 -14.93 4.21 -21.93
C SER B 299 -16.30 4.54 -21.32
N ASN B 300 -16.91 3.55 -20.67
CA ASN B 300 -18.25 3.72 -20.13
C ASN B 300 -18.26 4.60 -18.87
N LEU B 301 -17.09 4.79 -18.28
CA LEU B 301 -16.97 5.65 -17.10
C LEU B 301 -16.66 7.08 -17.53
N GLU B 302 -17.24 8.04 -16.81
CA GLU B 302 -16.99 9.45 -17.10
C GLU B 302 -16.21 10.11 -15.95
N SER B 303 -15.33 11.03 -16.31
CA SER B 303 -14.61 11.90 -15.37
C SER B 303 -13.53 11.23 -14.51
N THR B 304 -13.11 10.03 -14.90
CA THR B 304 -11.94 9.41 -14.25
C THR B 304 -11.10 8.72 -15.32
N LEU B 305 -10.95 9.41 -16.44
CA LEU B 305 -10.22 8.89 -17.60
C LEU B 305 -8.75 8.65 -17.29
N ASP B 306 -8.21 7.53 -17.77
CA ASP B 306 -6.80 7.21 -17.59
C ASP B 306 -5.94 8.18 -18.41
N LYS B 307 -5.03 8.86 -17.72
CA LYS B 307 -4.16 9.86 -18.33
C LYS B 307 -3.36 9.29 -19.50
N ALA B 308 -2.97 8.02 -19.39
CA ALA B 308 -2.16 7.36 -20.40
C ALA B 308 -2.89 7.28 -21.74
N LEU B 309 -4.22 7.14 -21.68
CA LEU B 309 -5.01 6.96 -22.88
C LEU B 309 -5.35 8.29 -23.54
N VAL B 310 -5.61 9.30 -22.73
CA VAL B 310 -5.92 10.63 -23.25
C VAL B 310 -4.71 11.20 -23.99
N ASP B 311 -3.52 10.97 -23.43
CA ASP B 311 -2.28 11.43 -24.04
C ASP B 311 -2.03 10.75 -25.39
N ARG B 312 -2.50 9.51 -25.52
CA ARG B 312 -2.26 8.71 -26.71
C ARG B 312 -3.31 8.93 -27.78
N ALA B 313 -4.39 9.62 -27.42
CA ALA B 313 -5.51 9.80 -28.33
C ALA B 313 -5.30 10.98 -29.28
N ASP B 314 -5.69 10.79 -30.54
CA ASP B 314 -5.76 11.88 -31.51
C ASP B 314 -6.87 12.84 -31.11
N ILE B 315 -8.01 12.27 -30.78
CA ILE B 315 -9.18 13.05 -30.39
C ILE B 315 -10.00 12.32 -29.33
N VAL B 316 -10.45 13.07 -28.32
CA VAL B 316 -11.31 12.52 -27.28
C VAL B 316 -12.67 13.17 -27.34
N LYS B 317 -13.69 12.38 -27.65
CA LYS B 317 -15.06 12.88 -27.77
C LYS B 317 -15.95 12.38 -26.63
N ASN B 318 -16.64 13.32 -25.98
CA ASN B 318 -17.59 12.98 -24.93
C ASN B 318 -18.99 12.84 -25.48
N VAL B 319 -19.60 11.68 -25.30
CA VAL B 319 -20.96 11.44 -25.74
C VAL B 319 -21.90 11.42 -24.55
N GLY B 320 -22.80 12.39 -24.49
CA GLY B 320 -23.69 12.50 -23.35
C GLY B 320 -25.01 11.79 -23.57
N GLN B 321 -25.79 11.65 -22.50
CA GLN B 321 -27.14 11.11 -22.61
C GLN B 321 -27.97 12.05 -23.49
N PRO B 322 -28.88 11.48 -24.30
CA PRO B 322 -29.61 12.29 -25.28
C PRO B 322 -30.41 13.42 -24.63
N SER B 323 -30.46 14.58 -25.27
CA SER B 323 -31.22 15.71 -24.78
C SER B 323 -32.71 15.54 -25.09
N ASP B 324 -33.51 16.52 -24.70
CA ASP B 324 -34.97 16.44 -24.88
C ASP B 324 -35.36 16.31 -26.35
N PHE B 325 -34.65 17.02 -27.22
CA PHE B 325 -34.91 16.93 -28.66
C PHE B 325 -34.51 15.57 -29.19
N ALA B 326 -33.39 15.05 -28.71
CA ALA B 326 -32.89 13.75 -29.16
C ALA B 326 -33.79 12.63 -28.67
N ARG B 327 -34.29 12.75 -27.44
CA ARG B 327 -35.19 11.76 -26.88
C ARG B 327 -36.45 11.62 -27.73
N TYR B 328 -37.01 12.75 -28.14
CA TYR B 328 -38.19 12.76 -29.00
C TYR B 328 -37.91 12.02 -30.30
N SER B 329 -36.74 12.32 -30.88
CA SER B 329 -36.34 11.73 -32.15
C SER B 329 -36.31 10.21 -32.10
N MET B 330 -35.83 9.68 -30.97
CA MET B 330 -35.78 8.25 -30.77
C MET B 330 -37.18 7.66 -30.62
N LEU B 331 -38.00 8.33 -29.82
CA LEU B 331 -39.37 7.88 -29.59
C LEU B 331 -40.18 7.90 -30.89
N LYS B 332 -39.99 8.94 -31.68
CA LYS B 332 -40.67 9.06 -32.96
C LYS B 332 -40.24 7.96 -33.92
N SER B 333 -38.93 7.67 -33.91
CA SER B 333 -38.37 6.62 -34.76
C SER B 333 -38.89 5.25 -34.37
N SER B 334 -39.11 5.06 -33.07
CA SER B 334 -39.64 3.79 -32.57
C SER B 334 -41.07 3.58 -33.06
N ILE B 335 -41.89 4.62 -32.92
CA ILE B 335 -43.28 4.55 -33.34
C ILE B 335 -43.39 4.33 -34.85
N MET B 336 -42.58 5.05 -35.62
CA MET B 336 -42.61 4.93 -37.08
C MET B 336 -42.18 3.53 -37.52
N GLU B 337 -41.24 2.94 -36.78
CA GLU B 337 -40.80 1.58 -37.06
C GLU B 337 -41.87 0.58 -36.65
N LEU B 338 -42.57 0.88 -35.56
CA LEU B 338 -43.67 0.03 -35.11
C LEU B 338 -44.82 0.05 -36.11
N ALA B 339 -44.96 1.17 -36.82
CA ALA B 339 -45.99 1.31 -37.84
C ALA B 339 -45.61 0.57 -39.13
N ARG B 340 -44.31 0.50 -39.38
CA ARG B 340 -43.81 -0.19 -40.56
C ARG B 340 -44.12 -1.68 -40.52
N ILE B 341 -43.95 -2.29 -39.34
CA ILE B 341 -44.21 -3.71 -39.19
C ILE B 341 -45.68 -3.99 -38.88
N GLY B 342 -46.46 -2.92 -38.79
CA GLY B 342 -47.90 -3.06 -38.61
C GLY B 342 -48.34 -3.21 -37.17
N VAL B 343 -47.41 -3.01 -36.24
CA VAL B 343 -47.74 -3.09 -34.82
C VAL B 343 -48.61 -1.90 -34.41
N VAL B 344 -48.21 -0.71 -34.83
CA VAL B 344 -49.00 0.49 -34.59
C VAL B 344 -49.72 0.92 -35.87
N ILE B 345 -51.03 0.68 -35.91
CA ILE B 345 -51.86 1.06 -37.05
C ILE B 345 -52.99 1.98 -36.61
N ASP B 346 -53.18 3.08 -37.34
CA ASP B 346 -54.26 4.01 -37.08
C ASP B 346 -54.69 4.70 -38.37
N ASN B 347 -55.91 4.43 -38.79
CA ASN B 347 -56.46 5.07 -39.99
C ASN B 347 -57.28 6.31 -39.65
N GLU B 348 -57.57 6.51 -38.36
CA GLU B 348 -58.33 7.67 -37.91
C GLU B 348 -57.50 8.95 -38.09
N VAL B 349 -56.19 8.84 -37.87
CA VAL B 349 -55.30 9.98 -37.96
C VAL B 349 -54.40 9.85 -39.19
N HIS B 350 -54.25 10.95 -39.93
CA HIS B 350 -53.51 10.93 -41.19
C HIS B 350 -52.04 11.34 -41.03
N THR B 351 -51.26 11.10 -42.07
CA THR B 351 -49.80 11.28 -42.04
C THR B 351 -49.36 12.66 -41.59
N ASP B 352 -50.06 13.70 -42.05
CA ASP B 352 -49.73 15.07 -41.66
C ASP B 352 -49.95 15.28 -40.16
N TYR B 353 -50.97 14.60 -39.63
CA TYR B 353 -51.35 14.73 -38.24
C TYR B 353 -50.45 13.85 -37.35
N TRP B 354 -49.92 12.78 -37.95
CA TRP B 354 -48.92 11.94 -37.28
C TRP B 354 -47.72 12.79 -36.85
N PRO B 355 -47.05 12.40 -35.75
CA PRO B 355 -45.88 13.14 -35.28
C PRO B 355 -44.78 13.23 -36.33
N GLN B 356 -44.28 14.44 -36.55
CA GLN B 356 -43.28 14.69 -37.58
C GLN B 356 -41.94 15.03 -36.95
N ASP B 357 -40.94 15.31 -37.79
CA ASP B 357 -39.64 15.76 -37.30
C ASP B 357 -39.78 17.15 -36.69
N ILE B 358 -39.23 17.30 -35.48
CA ILE B 358 -39.42 18.51 -34.68
C ILE B 358 -38.22 19.43 -34.78
N CYS B 359 -37.35 19.19 -35.77
CA CYS B 359 -36.08 19.90 -35.86
C CYS B 359 -36.24 21.41 -36.01
N ASP B 360 -35.48 22.14 -35.18
CA ASP B 360 -35.33 23.59 -35.27
C ASP B 360 -36.58 24.40 -34.90
N THR B 361 -37.63 23.72 -34.44
CA THR B 361 -38.89 24.36 -34.11
C THR B 361 -39.41 25.24 -35.24
N LYS B 362 -39.17 24.81 -36.49
CA LYS B 362 -39.48 25.62 -37.66
C LYS B 362 -40.87 25.34 -38.21
N ALA B 363 -41.52 24.29 -37.68
CA ALA B 363 -42.87 23.93 -38.08
C ALA B 363 -43.80 23.97 -36.88
N PRO B 364 -45.10 24.25 -37.12
CA PRO B 364 -46.06 24.24 -36.02
C PRO B 364 -46.16 22.86 -35.38
N ARG B 365 -45.80 22.77 -34.11
CA ARG B 365 -45.83 21.48 -33.42
C ARG B 365 -47.24 20.94 -33.30
N ASN B 366 -47.49 19.85 -34.02
CA ASN B 366 -48.73 19.11 -33.90
C ASN B 366 -48.95 18.73 -32.44
N GLU B 367 -50.20 18.63 -32.01
CA GLU B 367 -50.47 18.28 -30.62
C GLU B 367 -49.90 16.89 -30.33
N PHE B 368 -50.08 15.97 -31.27
CA PHE B 368 -49.47 14.64 -31.15
C PHE B 368 -47.95 14.75 -31.13
N THR B 369 -47.41 15.63 -31.95
CA THR B 369 -45.99 15.97 -31.92
C THR B 369 -45.66 16.56 -30.55
N GLU B 370 -46.57 17.39 -30.05
CA GLU B 370 -46.38 18.05 -28.76
C GLU B 370 -46.54 17.09 -27.59
N ILE B 371 -47.56 16.22 -27.66
CA ILE B 371 -47.81 15.24 -26.62
C ILE B 371 -46.63 14.28 -26.50
N LEU B 372 -46.08 13.87 -27.64
CA LEU B 372 -44.93 12.99 -27.66
C LEU B 372 -43.70 13.69 -27.10
N PHE B 373 -43.58 14.98 -27.39
CA PHE B 373 -42.48 15.79 -26.84
C PHE B 373 -42.59 15.88 -25.33
N LYS B 374 -43.83 15.94 -24.85
CA LYS B 374 -44.09 16.02 -23.42
C LYS B 374 -43.63 14.73 -22.73
N ILE B 375 -43.77 13.62 -23.45
CA ILE B 375 -43.29 12.33 -22.96
C ILE B 375 -41.77 12.36 -22.86
N ALA B 376 -41.12 12.95 -23.86
CA ALA B 376 -39.67 13.10 -23.87
C ALA B 376 -39.21 13.92 -22.66
N GLN B 377 -40.04 14.87 -22.24
CA GLN B 377 -39.76 15.66 -21.05
C GLN B 377 -39.84 14.82 -19.78
N GLU B 378 -40.68 13.80 -19.81
CA GLU B 378 -40.86 12.93 -18.65
C GLU B 378 -39.78 11.85 -18.61
N ALA B 379 -39.09 11.67 -19.73
CA ALA B 379 -38.10 10.59 -19.86
C ALA B 379 -36.67 11.11 -19.77
N ARG B 380 -36.44 12.07 -18.88
CA ARG B 380 -35.13 12.72 -18.79
C ARG B 380 -34.04 11.79 -18.24
N GLY B 381 -34.40 10.92 -17.31
CA GLY B 381 -33.43 10.03 -16.69
C GLY B 381 -32.99 8.86 -17.57
N LEU B 382 -33.85 8.47 -18.50
CA LEU B 382 -33.60 7.30 -19.34
C LEU B 382 -32.43 7.48 -20.31
N SER B 383 -31.66 6.40 -20.50
CA SER B 383 -30.53 6.42 -21.42
C SER B 383 -30.98 6.09 -22.84
N GLY B 384 -30.08 6.24 -23.80
CA GLY B 384 -30.37 5.94 -25.19
C GLY B 384 -30.75 4.49 -25.38
N ARG B 385 -30.03 3.59 -24.70
CA ARG B 385 -30.34 2.17 -24.77
C ARG B 385 -31.70 1.90 -24.17
N ALA B 386 -31.98 2.53 -23.04
CA ALA B 386 -33.25 2.36 -22.35
C ALA B 386 -34.44 2.78 -23.21
N ILE B 387 -34.25 3.84 -23.99
CA ILE B 387 -35.30 4.31 -24.89
C ILE B 387 -35.55 3.30 -26.01
N SER B 388 -34.49 2.63 -26.43
CA SER B 388 -34.60 1.56 -27.43
C SER B 388 -35.32 0.35 -26.86
N MET B 389 -35.24 0.19 -25.54
CA MET B 389 -35.87 -0.92 -24.84
C MET B 389 -37.37 -0.69 -24.64
N LEU B 390 -37.76 0.58 -24.60
CA LEU B 390 -39.15 0.95 -24.29
C LEU B 390 -40.25 0.34 -25.15
N PRO B 391 -40.08 0.27 -26.49
CA PRO B 391 -41.19 -0.22 -27.31
C PRO B 391 -41.70 -1.62 -26.96
N THR B 392 -40.79 -2.56 -26.66
CA THR B 392 -41.20 -3.93 -26.38
C THR B 392 -41.95 -4.02 -25.05
N LEU B 393 -41.72 -3.07 -24.15
CA LEU B 393 -42.47 -2.99 -22.91
C LEU B 393 -43.87 -2.45 -23.20
N VAL B 394 -43.95 -1.50 -24.12
CA VAL B 394 -45.23 -0.92 -24.53
C VAL B 394 -46.10 -1.97 -25.21
N TYR B 395 -45.47 -2.81 -26.01
CA TYR B 395 -46.19 -3.85 -26.76
C TYR B 395 -46.86 -4.86 -25.84
N SER B 396 -46.19 -5.19 -24.74
CA SER B 396 -46.70 -6.18 -23.79
C SER B 396 -47.90 -5.65 -23.01
N LYS B 397 -47.90 -4.35 -22.73
CA LYS B 397 -48.99 -3.72 -21.99
C LYS B 397 -50.29 -3.68 -22.79
N SER B 398 -50.17 -3.47 -24.10
CA SER B 398 -51.35 -3.34 -24.95
C SER B 398 -52.13 -4.65 -25.05
N PRO B 399 -53.42 -4.60 -24.68
CA PRO B 399 -54.30 -5.77 -24.88
C PRO B 399 -54.42 -6.10 -26.36
N GLU B 400 -54.91 -5.14 -27.14
CA GLU B 400 -55.12 -5.32 -28.58
C GLU B 400 -53.85 -5.77 -29.30
N GLU B 401 -54.04 -6.51 -30.40
CA GLU B 401 -52.93 -6.96 -31.23
C GLU B 401 -52.27 -5.77 -31.92
N THR B 402 -53.05 -4.71 -32.11
CA THR B 402 -52.59 -3.50 -32.78
C THR B 402 -52.93 -2.27 -31.94
N ILE B 403 -51.98 -1.36 -31.80
CA ILE B 403 -52.17 -0.17 -30.98
C ILE B 403 -52.59 1.05 -31.80
N THR B 404 -53.63 1.73 -31.34
CA THR B 404 -54.03 3.00 -31.96
C THR B 404 -53.02 4.07 -31.56
N LEU B 405 -52.88 5.10 -32.39
CA LEU B 405 -51.94 6.18 -32.12
C LEU B 405 -52.23 6.94 -30.82
N PRO B 406 -53.51 7.28 -30.55
CA PRO B 406 -53.76 7.96 -29.27
C PRO B 406 -53.41 7.09 -28.06
N ASN B 407 -53.73 5.80 -28.12
CA ASN B 407 -53.40 4.89 -27.04
C ASN B 407 -51.90 4.65 -26.94
N CYS B 408 -51.24 4.64 -28.10
CA CYS B 408 -49.79 4.45 -28.17
C CYS B 408 -49.04 5.50 -27.36
N MET B 409 -49.48 6.75 -27.47
CA MET B 409 -48.91 7.84 -26.71
C MET B 409 -49.15 7.62 -25.21
N ASN B 410 -50.33 7.12 -24.88
CA ASN B 410 -50.69 6.87 -23.49
C ASN B 410 -49.88 5.71 -22.90
N LEU B 411 -49.67 4.68 -23.70
CA LEU B 411 -48.92 3.51 -23.24
C LEU B 411 -47.43 3.82 -23.10
N PHE B 412 -46.90 4.58 -24.07
CA PHE B 412 -45.50 4.98 -24.03
C PHE B 412 -45.20 5.76 -22.77
N LEU B 413 -46.09 6.67 -22.41
CA LEU B 413 -45.93 7.48 -21.21
C LEU B 413 -45.90 6.60 -19.96
N GLU B 414 -46.77 5.59 -19.92
CA GLU B 414 -46.84 4.69 -18.78
C GLU B 414 -45.55 3.88 -18.64
N ALA B 415 -45.03 3.41 -19.77
CA ALA B 415 -43.80 2.63 -19.77
C ALA B 415 -42.62 3.47 -19.28
N VAL B 416 -42.56 4.73 -19.72
CA VAL B 416 -41.53 5.66 -19.29
C VAL B 416 -41.53 5.81 -17.76
N LYS B 417 -42.70 6.08 -17.21
CA LYS B 417 -42.86 6.22 -15.77
C LYS B 417 -42.47 4.94 -15.03
N GLU B 418 -42.84 3.80 -15.60
CA GLU B 418 -42.55 2.51 -14.99
C GLU B 418 -41.05 2.24 -15.03
N ARG B 419 -40.41 2.67 -16.12
CA ARG B 419 -38.98 2.43 -16.31
C ARG B 419 -38.15 3.30 -15.38
N LEU B 420 -38.66 4.48 -15.04
CA LEU B 420 -37.94 5.41 -14.18
C LEU B 420 -37.94 4.97 -12.72
N SER B 421 -39.02 4.30 -12.30
CA SER B 421 -39.18 3.87 -10.92
C SER B 421 -38.12 2.83 -10.53
N LYS C 9 -60.88 -8.07 -24.58
CA LYS C 9 -60.10 -7.31 -25.55
C LYS C 9 -59.00 -8.16 -26.17
N ASN C 10 -58.37 -8.99 -25.36
CA ASN C 10 -57.30 -9.87 -25.82
C ASN C 10 -57.40 -11.26 -25.21
N ILE C 11 -57.97 -12.20 -25.96
CA ILE C 11 -58.16 -13.56 -25.48
C ILE C 11 -57.79 -14.60 -26.53
N HIS C 12 -56.98 -15.57 -26.13
CA HIS C 12 -56.58 -16.66 -27.02
C HIS C 12 -57.19 -17.98 -26.57
N ALA C 13 -57.13 -18.96 -27.46
CA ALA C 13 -57.65 -20.29 -27.14
C ALA C 13 -56.82 -21.37 -27.83
N GLU C 14 -56.43 -22.38 -27.05
CA GLU C 14 -55.63 -23.48 -27.55
C GLU C 14 -56.42 -24.78 -27.46
N ILE C 15 -56.24 -25.66 -28.44
CA ILE C 15 -56.98 -26.92 -28.48
C ILE C 15 -56.12 -28.10 -28.89
N ARG C 16 -56.03 -29.09 -28.00
CA ARG C 16 -55.24 -30.29 -28.27
C ARG C 16 -56.10 -31.34 -28.98
N ILE C 17 -55.57 -31.92 -30.06
CA ILE C 17 -56.32 -32.90 -30.83
C ILE C 17 -55.64 -34.27 -30.84
N CYS C 18 -56.46 -35.31 -30.66
CA CYS C 18 -56.04 -36.70 -30.79
C CYS C 18 -55.20 -36.93 -32.04
N GLN C 19 -54.20 -37.81 -31.92
CA GLN C 19 -53.28 -38.10 -33.00
C GLN C 19 -53.99 -38.64 -34.25
N LYS C 20 -55.13 -39.30 -34.04
CA LYS C 20 -55.87 -39.93 -35.14
C LYS C 20 -56.39 -38.92 -36.16
N PHE C 21 -57.31 -38.07 -35.72
CA PHE C 21 -57.98 -37.09 -36.58
C PHE C 21 -57.01 -36.20 -37.36
N PRO C 22 -57.25 -36.04 -38.68
CA PRO C 22 -56.39 -35.20 -39.54
C PRO C 22 -56.54 -33.72 -39.18
N LYS C 23 -55.69 -32.89 -39.76
CA LYS C 23 -55.70 -31.47 -39.45
C LYS C 23 -56.68 -30.70 -40.34
N SER C 24 -57.12 -31.32 -41.43
CA SER C 24 -58.04 -30.68 -42.35
C SER C 24 -59.48 -30.81 -41.87
N THR C 25 -59.83 -31.98 -41.33
CA THR C 25 -61.18 -32.24 -40.86
C THR C 25 -61.52 -31.35 -39.68
N VAL C 26 -60.51 -31.02 -38.88
CA VAL C 26 -60.69 -30.11 -37.77
C VAL C 26 -60.91 -28.70 -38.29
N GLN C 27 -60.23 -28.35 -39.37
CA GLN C 27 -60.41 -27.06 -40.02
C GLN C 27 -61.81 -26.92 -40.61
N LYS C 28 -62.41 -28.05 -40.96
CA LYS C 28 -63.77 -28.05 -41.50
C LYS C 28 -64.78 -27.79 -40.39
N ARG C 29 -64.53 -28.37 -39.22
CA ARG C 29 -65.39 -28.18 -38.06
C ARG C 29 -64.96 -26.98 -37.23
N PHE C 30 -64.06 -26.16 -37.78
CA PHE C 30 -63.48 -25.03 -37.05
C PHE C 30 -64.55 -24.05 -36.54
N SER C 31 -65.54 -23.78 -37.38
CA SER C 31 -66.58 -22.83 -37.02
C SER C 31 -67.35 -23.30 -35.78
N GLU C 32 -67.54 -24.61 -35.67
CA GLU C 32 -68.20 -25.18 -34.52
C GLU C 32 -67.37 -24.99 -33.25
N PHE C 33 -66.05 -25.04 -33.40
CA PHE C 33 -65.14 -24.84 -32.28
C PHE C 33 -65.28 -23.43 -31.72
N GLU C 34 -65.42 -22.46 -32.60
CA GLU C 34 -65.57 -21.06 -32.18
C GLU C 34 -66.84 -20.88 -31.34
N GLU C 35 -67.93 -21.50 -31.77
CA GLU C 35 -69.18 -21.42 -31.04
C GLU C 35 -69.08 -22.20 -29.72
N LEU C 36 -68.25 -23.24 -29.74
CA LEU C 36 -68.04 -24.07 -28.56
C LEU C 36 -67.22 -23.35 -27.49
N ILE C 37 -66.15 -22.70 -27.93
CA ILE C 37 -65.25 -21.97 -27.03
C ILE C 37 -65.99 -20.84 -26.33
N LYS C 38 -66.85 -20.14 -27.08
CA LYS C 38 -67.66 -19.07 -26.51
C LYS C 38 -68.58 -19.59 -25.41
N ALA C 39 -69.15 -20.77 -25.64
CA ALA C 39 -70.03 -21.40 -24.67
C ALA C 39 -69.24 -21.90 -23.46
N ALA C 40 -68.06 -22.47 -23.72
CA ALA C 40 -67.20 -22.95 -22.65
C ALA C 40 -66.64 -21.78 -21.85
N SER C 41 -66.57 -20.62 -22.50
CA SER C 41 -66.06 -19.41 -21.87
C SER C 41 -66.96 -18.92 -20.74
N LYS C 42 -68.25 -19.15 -20.88
CA LYS C 42 -69.24 -18.68 -19.91
C LYS C 42 -68.89 -19.13 -18.50
N ASN C 43 -68.60 -20.42 -18.34
CA ASN C 43 -68.14 -20.97 -17.08
C ASN C 43 -66.75 -21.57 -17.22
N ALA C 44 -65.73 -20.78 -16.88
CA ALA C 44 -64.35 -21.21 -17.06
C ALA C 44 -63.39 -20.49 -16.13
N ARG C 45 -62.22 -21.07 -15.94
CA ARG C 45 -61.14 -20.42 -15.19
C ARG C 45 -60.04 -19.99 -16.13
N ASN C 46 -59.47 -18.81 -15.91
CA ASN C 46 -58.41 -18.30 -16.77
C ASN C 46 -57.16 -19.18 -16.69
N TRP C 47 -56.58 -19.47 -17.86
CA TRP C 47 -55.38 -20.29 -17.97
C TRP C 47 -55.52 -21.68 -17.33
N LYS C 48 -56.75 -22.15 -17.19
CA LYS C 48 -56.98 -23.48 -16.62
C LYS C 48 -57.64 -24.39 -17.66
N PRO C 49 -57.16 -25.64 -17.76
CA PRO C 49 -57.60 -26.55 -18.81
C PRO C 49 -59.06 -26.99 -18.65
N ILE C 50 -59.75 -27.14 -19.78
CA ILE C 50 -61.09 -27.69 -19.81
C ILE C 50 -61.06 -29.01 -20.58
N SER C 51 -61.48 -30.09 -19.96
CA SER C 51 -61.40 -31.39 -20.63
C SER C 51 -62.58 -31.58 -21.59
N SER C 52 -62.40 -32.46 -22.57
CA SER C 52 -63.46 -32.80 -23.51
C SER C 52 -64.58 -33.51 -22.76
N VAL C 53 -64.17 -34.28 -21.76
CA VAL C 53 -65.10 -34.99 -20.89
C VAL C 53 -66.00 -34.02 -20.11
N GLU C 54 -65.46 -32.86 -19.72
CA GLU C 54 -66.19 -31.89 -18.92
C GLU C 54 -67.58 -31.56 -19.45
N LEU C 55 -67.74 -31.52 -20.77
CA LEU C 55 -69.04 -31.31 -21.38
C LEU C 55 -69.39 -32.42 -22.37
N PHE C 56 -70.45 -33.17 -22.06
CA PHE C 56 -70.87 -34.28 -22.90
C PHE C 56 -71.94 -33.81 -23.87
N GLN C 57 -72.59 -32.70 -23.51
CA GLN C 57 -73.57 -32.04 -24.34
C GLN C 57 -72.92 -31.43 -25.58
N GLY C 58 -73.74 -31.07 -26.57
CA GLY C 58 -73.21 -30.62 -27.84
C GLY C 58 -72.99 -31.78 -28.80
N ASP C 59 -71.84 -31.81 -29.48
CA ASP C 59 -71.54 -32.91 -30.39
C ASP C 59 -70.53 -33.90 -29.81
N SER C 60 -70.89 -35.17 -29.83
CA SER C 60 -69.96 -36.23 -29.49
C SER C 60 -68.86 -36.27 -30.55
N SER C 61 -69.23 -35.94 -31.78
CA SER C 61 -68.30 -35.87 -32.90
C SER C 61 -67.28 -34.75 -32.74
N LEU C 62 -67.75 -33.58 -32.33
CA LEU C 62 -66.86 -32.44 -32.09
C LEU C 62 -66.00 -32.68 -30.86
N ASN C 63 -66.52 -33.43 -29.89
CA ASN C 63 -65.79 -33.69 -28.66
C ASN C 63 -64.84 -34.88 -28.78
N GLU C 64 -65.10 -35.73 -29.77
CA GLU C 64 -64.20 -36.85 -30.07
C GLU C 64 -62.88 -36.33 -30.63
N LEU C 65 -62.94 -35.17 -31.26
CA LEU C 65 -61.77 -34.58 -31.92
C LEU C 65 -60.71 -34.07 -30.94
N PHE C 66 -61.14 -33.31 -29.94
CA PHE C 66 -60.19 -32.64 -29.05
C PHE C 66 -60.14 -33.25 -27.66
N GLU C 67 -58.97 -33.16 -27.04
CA GLU C 67 -58.78 -33.72 -25.70
C GLU C 67 -58.99 -32.67 -24.62
N LYS C 68 -58.50 -31.46 -24.86
CA LYS C 68 -58.73 -30.36 -23.92
C LYS C 68 -58.56 -29.00 -24.59
N LEU C 69 -59.13 -27.97 -23.97
CA LEU C 69 -59.00 -26.62 -24.48
C LEU C 69 -58.65 -25.67 -23.34
N VAL C 70 -57.76 -24.72 -23.63
CA VAL C 70 -57.35 -23.75 -22.63
C VAL C 70 -57.59 -22.34 -23.13
N ILE C 71 -58.32 -21.56 -22.33
CA ILE C 71 -58.56 -20.16 -22.64
C ILE C 71 -57.74 -19.27 -21.72
N GLY C 72 -56.95 -18.39 -22.30
CA GLY C 72 -56.06 -17.54 -21.52
C GLY C 72 -56.04 -16.09 -21.95
N THR C 73 -56.01 -15.20 -20.95
CA THR C 73 -55.91 -13.77 -21.21
C THR C 73 -55.01 -13.10 -20.17
N CYS C 74 -54.18 -12.18 -20.63
CA CYS C 74 -53.19 -11.55 -19.75
C CYS C 74 -53.76 -10.36 -18.98
N GLU C 75 -54.92 -9.88 -19.40
CA GLU C 75 -55.55 -8.74 -18.73
C GLU C 75 -56.23 -9.17 -17.43
N LEU C 76 -56.65 -10.42 -17.37
CA LEU C 76 -57.25 -10.97 -16.16
C LEU C 76 -56.22 -11.67 -15.28
N ARG C 77 -56.52 -11.77 -13.99
CA ARG C 77 -55.63 -12.48 -13.05
C ARG C 77 -55.57 -13.96 -13.41
N ASP C 78 -54.68 -14.68 -12.72
CA ASP C 78 -54.42 -16.07 -13.06
C ASP C 78 -55.65 -16.97 -12.95
N GLY C 79 -56.26 -17.00 -11.77
CA GLY C 79 -57.35 -17.93 -11.53
C GLY C 79 -58.77 -17.39 -11.64
N GLU C 80 -58.91 -16.13 -12.06
CA GLU C 80 -60.23 -15.50 -12.08
C GLU C 80 -61.19 -16.19 -13.04
N LEU C 81 -62.48 -16.03 -12.79
CA LEU C 81 -63.50 -16.79 -13.51
C LEU C 81 -64.39 -15.90 -14.39
N PHE C 82 -63.83 -14.82 -14.91
CA PHE C 82 -64.55 -13.87 -15.76
C PHE C 82 -65.78 -13.31 -15.04
N THR C 89 -65.63 -11.86 -29.10
CA THR C 89 -64.31 -11.83 -28.49
C THR C 89 -63.46 -13.02 -28.91
N ILE C 90 -63.44 -13.30 -30.21
CA ILE C 90 -62.71 -14.44 -30.76
C ILE C 90 -62.19 -14.16 -32.16
N ASN C 91 -60.92 -14.49 -32.40
CA ASN C 91 -60.35 -14.42 -33.73
C ASN C 91 -59.87 -15.79 -34.20
N PRO C 92 -60.12 -16.13 -35.47
CA PRO C 92 -59.65 -17.40 -36.05
C PRO C 92 -58.13 -17.55 -35.91
N SER C 93 -57.41 -16.43 -35.92
CA SER C 93 -55.98 -16.44 -35.72
C SER C 93 -55.65 -16.55 -34.24
N ASN C 94 -56.46 -15.89 -33.41
CA ASN C 94 -56.28 -15.95 -31.96
C ASN C 94 -56.60 -17.34 -31.40
N ILE C 95 -57.38 -18.11 -32.14
CA ILE C 95 -57.74 -19.45 -31.71
C ILE C 95 -56.81 -20.45 -32.39
N HIS C 96 -55.96 -21.13 -31.62
CA HIS C 96 -54.97 -22.02 -32.21
C HIS C 96 -55.28 -23.49 -31.91
N VAL C 97 -54.68 -24.36 -32.72
CA VAL C 97 -54.99 -25.77 -32.80
C VAL C 97 -53.67 -26.54 -32.82
N TYR C 98 -53.33 -27.21 -31.73
CA TYR C 98 -52.04 -27.91 -31.63
C TYR C 98 -52.21 -29.41 -31.44
N LYS C 99 -51.14 -30.13 -31.76
CA LYS C 99 -51.12 -31.58 -31.74
C LYS C 99 -49.82 -32.05 -31.09
N LEU C 100 -49.92 -32.56 -29.87
CA LEU C 100 -48.76 -32.90 -29.05
C LEU C 100 -47.81 -33.92 -29.69
N HIS C 101 -46.51 -33.65 -29.56
CA HIS C 101 -45.48 -34.59 -29.97
C HIS C 101 -45.31 -35.64 -28.87
N LYS C 102 -45.66 -36.88 -29.18
CA LYS C 102 -45.79 -37.92 -28.16
C LYS C 102 -44.50 -38.23 -27.40
N ASP C 103 -43.41 -38.47 -28.12
CA ASP C 103 -42.15 -38.80 -27.47
C ASP C 103 -40.96 -38.06 -28.07
N GLY C 104 -40.76 -36.82 -27.63
CA GLY C 104 -39.63 -36.03 -28.09
C GLY C 104 -38.44 -35.73 -27.18
N PRO C 105 -38.36 -36.33 -25.98
CA PRO C 105 -37.14 -35.98 -25.23
C PRO C 105 -35.94 -36.85 -25.60
N LEU C 106 -34.93 -36.24 -26.21
CA LEU C 106 -33.70 -36.96 -26.49
C LEU C 106 -32.51 -36.20 -25.90
N SER C 107 -31.64 -36.93 -25.20
CA SER C 107 -30.45 -36.34 -24.62
C SER C 107 -29.29 -36.40 -25.62
N GLN C 108 -28.28 -35.57 -25.39
CA GLN C 108 -27.09 -35.56 -26.23
C GLN C 108 -25.82 -35.39 -25.39
N SER C 122 -27.37 -32.04 -22.03
CA SER C 122 -28.25 -31.28 -22.92
C SER C 122 -29.36 -32.15 -23.49
N GLN C 123 -30.52 -31.52 -23.73
CA GLN C 123 -31.67 -32.23 -24.28
C GLN C 123 -32.41 -31.39 -25.33
N LEU C 124 -32.94 -32.08 -26.35
CA LEU C 124 -33.74 -31.42 -27.37
C LEU C 124 -35.21 -31.81 -27.23
N TRP C 125 -36.09 -30.80 -27.23
CA TRP C 125 -37.52 -31.06 -27.09
C TRP C 125 -38.27 -30.60 -28.34
N GLN C 126 -39.25 -31.39 -28.76
CA GLN C 126 -40.12 -31.03 -29.87
C GLN C 126 -41.42 -30.47 -29.34
N LEU C 127 -41.68 -29.19 -29.62
CA LEU C 127 -42.82 -28.50 -29.02
C LEU C 127 -43.98 -28.34 -30.02
N PRO C 128 -45.22 -28.42 -29.53
CA PRO C 128 -45.58 -28.71 -28.13
C PRO C 128 -45.44 -30.18 -27.79
N CYS C 129 -44.79 -30.49 -26.67
CA CYS C 129 -44.64 -31.87 -26.23
C CYS C 129 -45.58 -32.18 -25.07
N VAL C 130 -45.72 -33.47 -24.77
CA VAL C 130 -46.65 -33.96 -23.75
C VAL C 130 -46.19 -33.60 -22.35
N GLU C 131 -44.87 -33.65 -22.16
CA GLU C 131 -44.25 -33.45 -20.86
C GLU C 131 -44.46 -32.04 -20.32
N PHE C 132 -44.36 -31.05 -21.22
CA PHE C 132 -44.48 -29.65 -20.85
C PHE C 132 -45.94 -29.21 -20.79
N ASP C 133 -46.84 -30.09 -21.24
CA ASP C 133 -48.21 -29.67 -21.51
C ASP C 133 -49.01 -29.34 -20.26
N SER C 134 -48.65 -29.94 -19.13
CA SER C 134 -49.46 -29.79 -17.92
C SER C 134 -48.78 -28.95 -16.84
N ILE C 135 -47.61 -28.38 -17.15
CA ILE C 135 -46.84 -27.71 -16.10
C ILE C 135 -47.28 -26.27 -15.87
N TRP C 136 -47.79 -25.61 -16.91
CA TRP C 136 -48.14 -24.21 -16.78
C TRP C 136 -49.32 -24.00 -15.83
N GLU C 137 -50.21 -24.98 -15.78
CA GLU C 137 -51.40 -24.88 -14.94
C GLU C 137 -51.08 -25.20 -13.48
N ASN C 138 -49.99 -25.93 -13.27
CA ASN C 138 -49.57 -26.30 -11.92
C ASN C 138 -48.59 -25.31 -11.31
N LEU C 139 -48.25 -24.26 -12.05
CA LEU C 139 -47.41 -23.21 -11.49
C LEU C 139 -48.28 -22.19 -10.77
N ILE C 140 -48.01 -22.00 -9.49
CA ILE C 140 -48.80 -21.10 -8.66
C ILE C 140 -47.93 -20.03 -8.00
N TYR C 141 -48.18 -18.78 -8.37
CA TYR C 141 -47.46 -17.66 -7.80
C TYR C 141 -48.45 -16.67 -7.18
N ASP C 142 -48.04 -16.01 -6.11
CA ASP C 142 -48.90 -15.05 -5.44
C ASP C 142 -48.87 -13.71 -6.14
N SER C 143 -47.92 -13.52 -7.04
CA SER C 143 -47.60 -12.19 -7.55
C SER C 143 -48.00 -11.94 -9.00
N ASN C 144 -48.84 -12.79 -9.57
CA ASN C 144 -49.25 -12.65 -10.96
C ASN C 144 -48.02 -12.61 -11.89
N LEU C 145 -47.04 -13.45 -11.58
CA LEU C 145 -45.78 -13.49 -12.30
C LEU C 145 -45.93 -14.06 -13.69
N LYS C 146 -46.78 -15.07 -13.82
CA LYS C 146 -46.94 -15.79 -15.07
C LYS C 146 -47.43 -14.89 -16.19
N ASN C 147 -48.39 -14.02 -15.88
CA ASN C 147 -48.97 -13.14 -16.89
C ASN C 147 -47.99 -12.09 -17.40
N GLU C 148 -47.20 -11.55 -16.49
CA GLU C 148 -46.22 -10.53 -16.83
C GLU C 148 -45.15 -11.08 -17.76
N VAL C 149 -44.65 -12.27 -17.43
CA VAL C 149 -43.63 -12.93 -18.23
C VAL C 149 -44.21 -13.34 -19.58
N MET C 150 -45.39 -13.94 -19.55
CA MET C 150 -46.08 -14.36 -20.76
C MET C 150 -46.24 -13.19 -21.75
N SER C 151 -46.71 -12.05 -21.23
CA SER C 151 -46.97 -10.87 -22.06
C SER C 151 -45.71 -10.31 -22.69
N TYR C 152 -44.65 -10.22 -21.89
CA TYR C 152 -43.41 -9.59 -22.34
C TYR C 152 -42.69 -10.44 -23.38
N VAL C 153 -42.58 -11.74 -23.11
CA VAL C 153 -41.93 -12.64 -24.04
C VAL C 153 -42.72 -12.74 -25.34
N ALA C 154 -44.04 -12.69 -25.24
CA ALA C 154 -44.90 -12.71 -26.42
C ALA C 154 -44.61 -11.49 -27.29
N ALA C 155 -44.49 -10.34 -26.64
CA ALA C 155 -44.17 -9.10 -27.34
C ALA C 155 -42.84 -9.22 -28.08
N LEU C 156 -41.85 -9.85 -27.45
CA LEU C 156 -40.56 -10.07 -28.09
C LEU C 156 -40.70 -11.03 -29.26
N ALA C 157 -41.58 -12.02 -29.11
CA ALA C 157 -41.80 -13.02 -30.14
C ALA C 157 -42.48 -12.40 -31.36
N ARG C 158 -43.50 -11.59 -31.11
CA ARG C 158 -44.23 -10.92 -32.18
C ARG C 158 -43.35 -9.91 -32.91
N LEU C 159 -42.65 -9.08 -32.15
CA LEU C 159 -41.72 -8.10 -32.73
C LEU C 159 -40.67 -8.76 -33.60
N SER C 160 -40.13 -9.89 -33.12
CA SER C 160 -39.11 -10.62 -33.87
C SER C 160 -39.67 -11.18 -35.16
N GLU C 161 -40.85 -11.78 -35.08
CA GLU C 161 -41.47 -12.44 -36.22
C GLU C 161 -41.74 -11.45 -37.35
N LYS C 162 -41.99 -10.20 -36.98
CA LYS C 162 -42.24 -9.15 -37.96
C LYS C 162 -40.94 -8.53 -38.46
N HIS C 163 -39.82 -9.06 -37.97
CA HIS C 163 -38.49 -8.63 -38.38
C HIS C 163 -38.27 -7.14 -38.15
N VAL C 164 -38.55 -6.68 -36.94
CA VAL C 164 -38.32 -5.30 -36.57
C VAL C 164 -36.83 -4.99 -36.62
N ASN C 165 -36.48 -3.83 -37.15
CA ASN C 165 -35.08 -3.44 -37.22
C ASN C 165 -34.47 -3.31 -35.83
N THR C 166 -33.41 -4.06 -35.60
CA THR C 166 -32.75 -4.08 -34.30
C THR C 166 -32.17 -2.71 -33.94
N LYS C 167 -31.66 -1.99 -34.92
CA LYS C 167 -30.93 -0.75 -34.66
C LYS C 167 -31.85 0.41 -34.30
N ILE C 168 -33.12 0.31 -34.66
CA ILE C 168 -34.10 1.32 -34.27
C ILE C 168 -34.71 0.91 -32.94
N ILE C 169 -35.22 -0.32 -32.91
CA ILE C 169 -35.80 -0.88 -31.70
C ILE C 169 -34.95 -2.05 -31.25
N ASN C 170 -34.31 -1.93 -30.09
CA ASN C 170 -33.39 -2.95 -29.63
C ASN C 170 -34.10 -4.16 -29.05
N VAL C 171 -33.96 -5.29 -29.72
CA VAL C 171 -34.54 -6.54 -29.26
C VAL C 171 -33.43 -7.59 -29.12
N ASN C 172 -33.12 -7.95 -27.88
CA ASN C 172 -32.02 -8.87 -27.62
C ASN C 172 -32.44 -10.33 -27.66
N ARG C 173 -33.75 -10.55 -27.66
CA ARG C 173 -34.38 -11.87 -27.53
C ARG C 173 -33.60 -12.81 -26.59
N LEU C 174 -33.24 -12.27 -25.43
CA LEU C 174 -32.65 -13.04 -24.35
C LEU C 174 -33.30 -12.62 -23.04
N ILE C 175 -33.79 -13.59 -22.28
CA ILE C 175 -34.52 -13.30 -21.05
C ILE C 175 -33.92 -14.05 -19.86
N LEU C 176 -33.67 -13.31 -18.78
CA LEU C 176 -33.08 -13.90 -17.58
C LEU C 176 -34.06 -13.87 -16.41
N LEU C 177 -34.28 -15.03 -15.80
CA LEU C 177 -35.20 -15.18 -14.68
C LEU C 177 -34.44 -15.58 -13.41
N THR C 178 -34.57 -14.80 -12.35
CA THR C 178 -33.77 -15.02 -11.15
C THR C 178 -34.63 -15.37 -9.94
N GLY C 179 -34.12 -16.26 -9.10
CA GLY C 179 -34.83 -16.65 -7.89
C GLY C 179 -34.19 -17.84 -7.20
N PRO C 180 -34.56 -18.06 -5.93
CA PRO C 180 -34.09 -19.22 -5.15
C PRO C 180 -34.53 -20.55 -5.77
N PRO C 181 -33.77 -21.63 -5.52
CA PRO C 181 -33.93 -22.97 -6.10
C PRO C 181 -35.32 -23.61 -5.99
N GLY C 182 -36.26 -23.02 -5.25
CA GLY C 182 -37.55 -23.66 -5.06
C GLY C 182 -38.70 -23.09 -5.87
N THR C 183 -38.45 -21.97 -6.55
CA THR C 183 -39.53 -21.21 -7.16
C THR C 183 -39.91 -21.66 -8.57
N GLY C 184 -39.38 -22.81 -8.99
CA GLY C 184 -39.72 -23.39 -10.28
C GLY C 184 -39.44 -22.51 -11.47
N LYS C 185 -38.22 -22.01 -11.59
CA LYS C 185 -37.87 -21.13 -12.69
C LYS C 185 -37.80 -21.87 -14.02
N THR C 186 -37.12 -23.02 -14.04
CA THR C 186 -36.90 -23.73 -15.29
C THR C 186 -38.21 -24.31 -15.84
N SER C 187 -39.14 -24.64 -14.94
CA SER C 187 -40.45 -25.11 -15.35
C SER C 187 -41.22 -23.99 -16.04
N LEU C 188 -41.11 -22.78 -15.48
CA LEU C 188 -41.79 -21.61 -16.04
C LEU C 188 -41.32 -21.35 -17.46
N CYS C 189 -40.03 -21.54 -17.70
CA CYS C 189 -39.46 -21.36 -19.03
C CYS C 189 -40.00 -22.42 -19.99
N LYS C 190 -40.08 -23.65 -19.50
CA LYS C 190 -40.59 -24.76 -20.29
C LYS C 190 -42.05 -24.54 -20.68
N GLY C 191 -42.87 -24.17 -19.70
CA GLY C 191 -44.28 -23.94 -19.94
C GLY C 191 -44.52 -22.73 -20.82
N LEU C 192 -43.57 -21.79 -20.76
CA LEU C 192 -43.65 -20.58 -21.56
C LEU C 192 -43.36 -20.87 -23.03
N ALA C 193 -42.35 -21.69 -23.27
CA ALA C 193 -41.97 -22.06 -24.62
C ALA C 193 -43.04 -22.94 -25.25
N GLN C 194 -43.69 -23.76 -24.43
CA GLN C 194 -44.78 -24.61 -24.89
C GLN C 194 -45.92 -23.78 -25.43
N HIS C 195 -46.37 -22.81 -24.64
CA HIS C 195 -47.50 -21.96 -25.03
C HIS C 195 -47.16 -21.02 -26.18
N LEU C 196 -45.89 -20.63 -26.30
CA LEU C 196 -45.48 -19.76 -27.39
C LEU C 196 -45.54 -20.48 -28.72
N SER C 197 -45.12 -21.75 -28.73
CA SER C 197 -45.18 -22.56 -29.93
C SER C 197 -46.62 -22.71 -30.42
N ILE C 198 -47.56 -22.71 -29.49
CA ILE C 198 -48.98 -22.83 -29.83
C ILE C 198 -49.56 -21.49 -30.26
N ARG C 199 -49.15 -20.41 -29.59
CA ARG C 199 -49.62 -19.07 -29.94
C ARG C 199 -49.05 -18.62 -31.30
N MET C 200 -47.82 -19.05 -31.61
CA MET C 200 -47.19 -18.71 -32.88
C MET C 200 -47.33 -19.86 -33.88
N ASN C 201 -48.37 -20.65 -33.71
CA ASN C 201 -48.59 -21.83 -34.55
C ASN C 201 -48.74 -21.52 -36.03
N ASP C 202 -49.43 -20.42 -36.33
CA ASP C 202 -49.68 -20.01 -37.71
C ASP C 202 -48.40 -19.50 -38.35
N LYS C 203 -47.59 -18.79 -37.57
CA LYS C 203 -46.37 -18.19 -38.08
C LYS C 203 -45.23 -19.20 -38.16
N TYR C 204 -45.17 -20.12 -37.20
CA TYR C 204 -44.11 -21.12 -37.16
C TYR C 204 -44.66 -22.54 -37.35
N SER C 205 -44.14 -23.24 -38.35
CA SER C 205 -44.56 -24.61 -38.64
C SER C 205 -44.05 -25.57 -37.58
N LYS C 206 -42.78 -25.41 -37.22
CA LYS C 206 -42.12 -26.30 -36.28
C LYS C 206 -41.52 -25.52 -35.11
N SER C 207 -41.46 -26.15 -33.94
CA SER C 207 -40.87 -25.53 -32.76
C SER C 207 -40.01 -26.53 -31.99
N VAL C 208 -38.81 -26.12 -31.61
CA VAL C 208 -37.87 -27.01 -30.92
C VAL C 208 -37.10 -26.27 -29.83
N MET C 209 -36.87 -26.93 -28.70
CA MET C 209 -36.14 -26.33 -27.59
C MET C 209 -34.95 -27.16 -27.13
N LEU C 210 -33.83 -26.48 -26.91
CA LEU C 210 -32.65 -27.13 -26.33
C LEU C 210 -32.39 -26.63 -24.92
N GLU C 211 -32.29 -27.56 -23.98
CA GLU C 211 -32.02 -27.22 -22.59
C GLU C 211 -30.59 -27.59 -22.23
N ILE C 212 -29.84 -26.62 -21.74
CA ILE C 212 -28.43 -26.83 -21.41
C ILE C 212 -28.19 -26.65 -19.92
N ASN C 213 -27.30 -27.48 -19.38
CA ASN C 213 -26.74 -27.30 -18.05
C ASN C 213 -27.73 -27.55 -16.92
N SER C 214 -28.55 -28.58 -17.06
CA SER C 214 -29.51 -28.91 -16.02
C SER C 214 -29.11 -30.22 -15.33
N HIS C 215 -28.48 -30.13 -14.16
CA HIS C 215 -28.20 -28.84 -13.52
C HIS C 215 -26.72 -28.71 -13.14
N SER C 216 -26.05 -27.72 -13.73
CA SER C 216 -24.63 -27.40 -13.48
C SER C 216 -23.69 -28.54 -13.91
N LEU C 217 -24.09 -29.28 -14.95
CA LEU C 217 -23.41 -30.54 -15.28
C LEU C 217 -22.24 -30.38 -16.25
N PHE C 218 -22.27 -29.34 -17.09
CA PHE C 218 -21.30 -29.19 -18.18
C PHE C 218 -19.94 -28.66 -17.73
N SER C 219 -19.94 -27.77 -16.75
CA SER C 219 -18.70 -27.19 -16.25
C SER C 219 -17.85 -28.27 -15.58
N LYS C 220 -18.50 -29.09 -14.76
CA LYS C 220 -17.81 -30.17 -14.04
C LYS C 220 -17.25 -31.24 -14.98
N TRP C 221 -17.90 -31.42 -16.13
CA TRP C 221 -17.54 -32.45 -17.12
C TRP C 221 -16.04 -32.55 -17.42
N PHE C 222 -15.35 -31.41 -17.41
CA PHE C 222 -13.90 -31.38 -17.45
C PHE C 222 -13.40 -30.60 -16.24
N GLY C 226 -16.50 -26.78 -23.33
CA GLY C 226 -15.70 -27.79 -24.01
C GLY C 226 -15.82 -27.71 -25.51
N LYS C 227 -15.43 -28.79 -26.18
CA LYS C 227 -15.52 -28.86 -27.64
C LYS C 227 -16.96 -29.10 -28.08
N LEU C 228 -17.74 -29.71 -27.19
CA LEU C 228 -19.12 -30.08 -27.50
C LEU C 228 -20.05 -28.88 -27.61
N VAL C 229 -19.78 -27.82 -26.83
CA VAL C 229 -20.66 -26.68 -26.81
C VAL C 229 -20.69 -25.99 -28.18
N GLN C 230 -19.56 -26.00 -28.88
CA GLN C 230 -19.53 -25.44 -30.22
C GLN C 230 -20.35 -26.32 -31.15
N LYS C 231 -20.27 -27.63 -30.94
CA LYS C 231 -20.95 -28.60 -31.79
C LYS C 231 -22.47 -28.52 -31.64
N MET C 232 -22.95 -28.56 -30.41
CA MET C 232 -24.39 -28.55 -30.17
C MET C 232 -25.03 -27.24 -30.60
N PHE C 233 -24.28 -26.14 -30.47
CA PHE C 233 -24.76 -24.85 -30.91
C PHE C 233 -24.78 -24.77 -32.44
N ASP C 234 -23.88 -25.51 -33.08
CA ASP C 234 -23.85 -25.59 -34.53
C ASP C 234 -25.09 -26.32 -35.07
N GLN C 235 -25.56 -27.29 -34.30
CA GLN C 235 -26.75 -28.06 -34.69
C GLN C 235 -27.99 -27.19 -34.55
N ILE C 236 -28.01 -26.34 -33.53
CA ILE C 236 -29.08 -25.37 -33.35
C ILE C 236 -29.15 -24.44 -34.55
N ASP C 237 -27.97 -23.95 -34.96
CA ASP C 237 -27.84 -23.08 -36.12
C ASP C 237 -28.43 -23.73 -37.36
N GLU C 238 -28.20 -25.03 -37.51
CA GLU C 238 -28.76 -25.79 -38.63
C GLU C 238 -30.27 -25.83 -38.55
N LEU C 239 -30.79 -26.08 -37.36
CA LEU C 239 -32.24 -26.08 -37.14
C LEU C 239 -32.81 -24.68 -37.29
N ALA C 240 -32.06 -23.68 -36.86
CA ALA C 240 -32.51 -22.29 -36.90
C ALA C 240 -32.43 -21.72 -38.31
N GLU C 241 -31.77 -22.44 -39.22
CA GLU C 241 -31.66 -22.02 -40.61
C GLU C 241 -33.03 -21.99 -41.26
N ASP C 242 -33.87 -22.95 -40.89
CA ASP C 242 -35.26 -22.97 -41.33
C ASP C 242 -36.00 -21.79 -40.71
N GLU C 243 -36.50 -20.90 -41.56
CA GLU C 243 -37.20 -19.70 -41.09
C GLU C 243 -38.53 -20.03 -40.42
N LYS C 244 -39.20 -21.08 -40.90
CA LYS C 244 -40.47 -21.48 -40.33
C LYS C 244 -40.32 -22.08 -38.94
N CYS C 245 -39.11 -22.48 -38.58
CA CYS C 245 -38.87 -23.15 -37.31
C CYS C 245 -38.70 -22.16 -36.15
N MET C 246 -39.27 -22.50 -35.00
CA MET C 246 -39.13 -21.69 -33.81
C MET C 246 -38.16 -22.35 -32.83
N VAL C 247 -37.08 -21.65 -32.49
CA VAL C 247 -36.03 -22.24 -31.67
C VAL C 247 -35.96 -21.62 -30.27
N PHE C 248 -36.03 -22.47 -29.25
CA PHE C 248 -35.85 -22.03 -27.87
C PHE C 248 -34.57 -22.59 -27.28
N VAL C 249 -33.81 -21.75 -26.58
CA VAL C 249 -32.62 -22.23 -25.88
C VAL C 249 -32.71 -21.88 -24.40
N LEU C 250 -32.79 -22.90 -23.55
CA LEU C 250 -32.93 -22.70 -22.10
C LEU C 250 -31.65 -23.07 -21.35
N ILE C 251 -30.98 -22.06 -20.81
CA ILE C 251 -29.79 -22.25 -20.00
C ILE C 251 -30.09 -21.97 -18.53
N ASP C 252 -30.05 -23.00 -17.70
CA ASP C 252 -30.34 -22.82 -16.29
C ASP C 252 -29.10 -22.94 -15.42
N GLU C 253 -29.19 -22.39 -14.21
CA GLU C 253 -28.07 -22.33 -13.27
C GLU C 253 -26.84 -21.72 -13.92
N VAL C 254 -26.99 -20.48 -14.40
CA VAL C 254 -25.92 -19.77 -15.07
C VAL C 254 -24.74 -19.51 -14.13
N GLU C 255 -25.06 -19.31 -12.86
CA GLU C 255 -24.06 -19.03 -11.84
C GLU C 255 -22.97 -20.12 -11.75
N ILE C 274 -12.02 -20.11 -18.07
CA ILE C 274 -12.45 -18.82 -18.60
C ILE C 274 -12.74 -18.90 -20.10
N ARG C 275 -12.11 -19.85 -20.76
CA ARG C 275 -12.22 -19.97 -22.22
C ARG C 275 -13.56 -20.58 -22.61
N ALA C 276 -14.06 -21.48 -21.78
CA ALA C 276 -15.33 -22.16 -22.07
C ALA C 276 -16.51 -21.19 -22.00
N VAL C 277 -16.47 -20.28 -21.03
CA VAL C 277 -17.52 -19.30 -20.84
C VAL C 277 -17.64 -18.35 -22.03
N ASN C 278 -16.50 -17.83 -22.46
CA ASN C 278 -16.44 -16.95 -23.63
C ASN C 278 -17.04 -17.61 -24.86
N ALA C 279 -16.62 -18.85 -25.11
CA ALA C 279 -17.14 -19.64 -26.22
C ALA C 279 -18.65 -19.82 -26.11
N LEU C 280 -19.13 -20.01 -24.90
CA LEU C 280 -20.57 -20.14 -24.65
C LEU C 280 -21.30 -18.83 -24.97
N LEU C 281 -20.73 -17.72 -24.51
CA LEU C 281 -21.32 -16.40 -24.76
C LEU C 281 -21.28 -16.03 -26.23
N THR C 282 -20.21 -16.41 -26.93
CA THR C 282 -20.11 -16.12 -28.37
C THR C 282 -21.19 -16.85 -29.16
N GLN C 283 -21.41 -18.12 -28.84
CA GLN C 283 -22.41 -18.91 -29.53
C GLN C 283 -23.81 -18.35 -29.26
N ILE C 284 -24.02 -17.84 -28.05
CA ILE C 284 -25.27 -17.21 -27.68
C ILE C 284 -25.56 -16.02 -28.59
N ASP C 285 -24.52 -15.27 -28.92
CA ASP C 285 -24.67 -14.10 -29.78
C ASP C 285 -25.05 -14.46 -31.21
N ARG C 286 -24.41 -15.47 -31.78
CA ARG C 286 -24.69 -15.88 -33.15
C ARG C 286 -26.14 -16.35 -33.29
N ILE C 287 -26.65 -17.00 -32.26
CA ILE C 287 -28.05 -17.42 -32.25
C ILE C 287 -28.95 -16.22 -32.00
N ARG C 288 -28.59 -15.41 -31.01
CA ARG C 288 -29.36 -14.22 -30.64
C ARG C 288 -29.67 -13.31 -31.83
N ARG C 289 -28.77 -13.28 -32.81
CA ARG C 289 -28.96 -12.45 -33.99
C ARG C 289 -30.12 -12.95 -34.85
N ARG C 290 -30.38 -14.25 -34.80
CA ARG C 290 -31.42 -14.85 -35.62
C ARG C 290 -32.81 -14.42 -35.15
N ASP C 291 -33.73 -14.26 -36.08
CA ASP C 291 -35.04 -13.70 -35.78
C ASP C 291 -36.02 -14.71 -35.21
N ASN C 292 -35.75 -15.99 -35.42
CA ASN C 292 -36.68 -17.05 -35.06
C ASN C 292 -36.31 -17.76 -33.75
N VAL C 293 -35.36 -17.20 -33.01
CA VAL C 293 -34.93 -17.82 -31.75
C VAL C 293 -35.24 -16.99 -30.52
N LEU C 294 -35.27 -17.67 -29.37
CA LEU C 294 -35.47 -17.04 -28.08
C LEU C 294 -34.59 -17.73 -27.04
N ILE C 295 -33.88 -16.93 -26.26
CA ILE C 295 -32.98 -17.48 -25.26
C ILE C 295 -33.51 -17.22 -23.86
N LEU C 296 -33.77 -18.29 -23.14
CA LEU C 296 -34.29 -18.21 -21.78
C LEU C 296 -33.22 -18.66 -20.78
N CYS C 297 -32.93 -17.80 -19.81
CA CYS C 297 -31.90 -18.10 -18.82
C CYS C 297 -32.45 -18.01 -17.41
N THR C 298 -32.02 -18.93 -16.56
CA THR C 298 -32.40 -18.88 -15.14
C THR C 298 -31.18 -18.84 -14.25
N SER C 299 -31.22 -17.99 -13.23
CA SER C 299 -30.12 -17.87 -12.28
C SER C 299 -30.62 -17.97 -10.84
N ASN C 300 -29.91 -18.73 -10.02
CA ASN C 300 -30.24 -18.87 -8.60
C ASN C 300 -29.83 -17.64 -7.82
N LEU C 301 -28.81 -16.95 -8.30
CA LEU C 301 -28.36 -15.72 -7.66
C LEU C 301 -29.27 -14.57 -8.02
N GLU C 302 -29.60 -13.78 -7.01
CA GLU C 302 -30.44 -12.61 -7.17
C GLU C 302 -29.71 -11.52 -7.96
N SER C 303 -28.40 -11.35 -7.71
CA SER C 303 -27.68 -10.22 -8.32
C SER C 303 -26.15 -10.28 -8.27
N THR C 304 -25.54 -11.40 -7.88
CA THR C 304 -24.09 -11.45 -7.76
C THR C 304 -23.37 -11.38 -9.11
N LEU C 305 -23.82 -12.18 -10.08
CA LEU C 305 -23.21 -12.19 -11.40
C LEU C 305 -24.09 -11.45 -12.41
N ASP C 306 -23.75 -10.19 -12.67
CA ASP C 306 -24.63 -9.34 -13.49
C ASP C 306 -24.03 -8.94 -14.84
N LYS C 307 -22.75 -8.56 -14.85
CA LYS C 307 -22.16 -7.87 -16.00
C LYS C 307 -22.39 -8.51 -17.37
N ALA C 308 -22.14 -9.81 -17.47
CA ALA C 308 -22.11 -10.49 -18.76
C ALA C 308 -23.49 -10.60 -19.40
N LEU C 309 -24.47 -11.04 -18.62
CA LEU C 309 -25.78 -11.40 -19.14
C LEU C 309 -26.82 -10.29 -19.01
N VAL C 310 -26.84 -9.60 -17.87
CA VAL C 310 -27.83 -8.57 -17.58
C VAL C 310 -27.91 -7.54 -18.69
N ASP C 311 -26.75 -7.16 -19.20
CA ASP C 311 -26.67 -6.23 -20.33
C ASP C 311 -27.30 -6.83 -21.57
N ARG C 312 -27.16 -8.15 -21.74
CA ARG C 312 -27.67 -8.83 -22.92
C ARG C 312 -29.16 -9.10 -22.84
N ALA C 313 -29.73 -8.98 -21.64
CA ALA C 313 -31.13 -9.36 -21.42
C ALA C 313 -32.09 -8.23 -21.80
N ASP C 314 -33.19 -8.59 -22.45
CA ASP C 314 -34.24 -7.61 -22.74
C ASP C 314 -34.91 -7.20 -21.45
N ILE C 315 -35.17 -8.19 -20.60
CA ILE C 315 -35.74 -7.93 -19.29
C ILE C 315 -35.19 -8.93 -18.28
N VAL C 316 -34.98 -8.46 -17.05
CA VAL C 316 -34.60 -9.33 -15.95
C VAL C 316 -35.74 -9.34 -14.94
N LYS C 317 -36.47 -10.44 -14.88
CA LYS C 317 -37.59 -10.54 -13.97
C LYS C 317 -37.24 -11.41 -12.78
N ASN C 318 -37.56 -10.92 -11.58
CA ASN C 318 -37.38 -11.70 -10.38
C ASN C 318 -38.69 -12.38 -10.01
N VAL C 319 -38.60 -13.64 -9.58
CA VAL C 319 -39.77 -14.41 -9.19
C VAL C 319 -40.51 -13.74 -8.03
N GLY C 320 -39.74 -13.21 -7.09
CA GLY C 320 -40.32 -12.55 -5.94
C GLY C 320 -40.41 -13.46 -4.74
N GLN C 321 -41.38 -13.19 -3.88
CA GLN C 321 -41.62 -14.01 -2.70
C GLN C 321 -41.93 -15.45 -3.11
N PRO C 322 -41.44 -16.42 -2.33
CA PRO C 322 -41.78 -17.82 -2.60
C PRO C 322 -43.23 -18.13 -2.23
N SER C 323 -43.93 -18.85 -3.09
CA SER C 323 -45.30 -19.27 -2.81
C SER C 323 -45.30 -20.39 -1.79
N ASP C 324 -46.49 -20.89 -1.47
CA ASP C 324 -46.63 -22.03 -0.56
C ASP C 324 -46.01 -23.27 -1.16
N PHE C 325 -46.20 -23.45 -2.46
CA PHE C 325 -45.66 -24.61 -3.16
C PHE C 325 -44.16 -24.52 -3.30
N ALA C 326 -43.64 -23.30 -3.38
CA ALA C 326 -42.20 -23.10 -3.46
C ALA C 326 -41.55 -23.44 -2.12
N ARG C 327 -42.15 -22.96 -1.03
CA ARG C 327 -41.59 -23.19 0.29
C ARG C 327 -41.68 -24.66 0.66
N TYR C 328 -42.71 -25.32 0.15
CA TYR C 328 -42.82 -26.76 0.34
C TYR C 328 -41.64 -27.47 -0.31
N SER C 329 -41.29 -27.04 -1.52
CA SER C 329 -40.22 -27.65 -2.27
C SER C 329 -38.88 -27.49 -1.57
N MET C 330 -38.69 -26.32 -0.96
CA MET C 330 -37.43 -26.04 -0.25
C MET C 330 -37.35 -26.81 1.06
N LEU C 331 -38.49 -26.97 1.72
CA LEU C 331 -38.54 -27.73 2.97
C LEU C 331 -38.35 -29.22 2.73
N LYS C 332 -38.89 -29.72 1.63
CA LYS C 332 -38.75 -31.13 1.29
C LYS C 332 -37.31 -31.44 0.88
N SER C 333 -36.70 -30.51 0.13
CA SER C 333 -35.32 -30.68 -0.30
C SER C 333 -34.37 -30.77 0.87
N SER C 334 -34.66 -30.02 1.93
CA SER C 334 -33.84 -30.04 3.14
C SER C 334 -33.97 -31.36 3.88
N ILE C 335 -35.19 -31.87 3.96
CA ILE C 335 -35.46 -33.10 4.69
C ILE C 335 -34.83 -34.31 4.00
N MET C 336 -34.92 -34.34 2.68
CA MET C 336 -34.31 -35.43 1.92
C MET C 336 -32.78 -35.36 2.03
N GLU C 337 -32.22 -34.16 2.13
CA GLU C 337 -30.78 -34.01 2.31
C GLU C 337 -30.34 -34.50 3.68
N LEU C 338 -31.16 -34.21 4.70
CA LEU C 338 -30.91 -34.71 6.04
C LEU C 338 -31.04 -36.22 6.09
N ALA C 339 -31.90 -36.76 5.22
CA ALA C 339 -32.10 -38.20 5.15
C ALA C 339 -30.91 -38.87 4.47
N ARG C 340 -30.42 -38.24 3.41
CA ARG C 340 -29.27 -38.75 2.68
C ARG C 340 -28.05 -38.81 3.58
N ILE C 341 -27.91 -37.78 4.40
CA ILE C 341 -26.83 -37.67 5.37
C ILE C 341 -26.90 -38.76 6.44
N GLY C 342 -28.10 -38.95 6.99
CA GLY C 342 -28.30 -39.90 8.07
C GLY C 342 -28.77 -39.22 9.33
N VAL C 343 -29.01 -37.92 9.23
CA VAL C 343 -29.54 -37.14 10.34
C VAL C 343 -30.99 -37.50 10.60
N VAL C 344 -31.78 -37.53 9.53
CA VAL C 344 -33.17 -37.95 9.62
C VAL C 344 -33.32 -39.38 9.11
N ILE C 345 -33.47 -40.32 10.05
CA ILE C 345 -33.60 -41.72 9.71
C ILE C 345 -34.90 -42.28 10.24
N ASP C 346 -35.70 -42.88 9.36
CA ASP C 346 -36.93 -43.54 9.76
C ASP C 346 -37.14 -44.83 8.97
N ASN C 347 -37.00 -45.95 9.66
CA ASN C 347 -37.16 -47.25 9.02
C ASN C 347 -38.56 -47.84 9.20
N GLU C 348 -39.38 -47.16 10.01
CA GLU C 348 -40.76 -47.59 10.24
C GLU C 348 -41.66 -47.20 9.07
N VAL C 349 -41.44 -46.01 8.53
CA VAL C 349 -42.26 -45.49 7.43
C VAL C 349 -41.63 -45.79 6.07
N HIS C 350 -42.42 -46.39 5.18
CA HIS C 350 -41.95 -46.77 3.85
C HIS C 350 -41.80 -45.57 2.92
N THR C 351 -41.07 -45.76 1.83
CA THR C 351 -40.68 -44.66 0.95
C THR C 351 -41.85 -44.00 0.24
N ASP C 352 -42.92 -44.77 0.02
CA ASP C 352 -44.11 -44.24 -0.66
C ASP C 352 -44.82 -43.22 0.21
N TYR C 353 -44.72 -43.38 1.52
CA TYR C 353 -45.44 -42.51 2.45
C TYR C 353 -44.58 -41.35 2.92
N TRP C 354 -43.35 -41.29 2.42
CA TRP C 354 -42.47 -40.14 2.66
C TRP C 354 -43.00 -38.95 1.88
N PRO C 355 -42.63 -37.72 2.28
CA PRO C 355 -43.03 -36.54 1.51
C PRO C 355 -42.69 -36.67 0.03
N GLN C 356 -43.63 -36.30 -0.84
CA GLN C 356 -43.48 -36.48 -2.28
C GLN C 356 -43.62 -35.14 -3.01
N ASP C 357 -43.16 -35.11 -4.26
CA ASP C 357 -43.28 -33.92 -5.08
C ASP C 357 -44.73 -33.69 -5.50
N ILE C 358 -45.20 -32.46 -5.31
CA ILE C 358 -46.53 -32.09 -5.75
C ILE C 358 -46.47 -31.62 -7.21
N CYS C 359 -46.65 -32.57 -8.13
CA CYS C 359 -46.60 -32.26 -9.56
C CYS C 359 -47.96 -31.76 -10.04
N ASP C 360 -49.01 -32.26 -9.40
CA ASP C 360 -50.37 -31.84 -9.70
C ASP C 360 -50.99 -31.24 -8.44
N THR C 361 -51.47 -30.01 -8.54
CA THR C 361 -51.89 -29.25 -7.36
C THR C 361 -53.15 -29.80 -6.70
N LYS C 362 -53.92 -30.60 -7.43
CA LYS C 362 -55.16 -31.15 -6.89
C LYS C 362 -55.13 -32.67 -6.80
N ALA C 363 -53.99 -33.27 -7.13
CA ALA C 363 -53.81 -34.72 -7.01
C ALA C 363 -53.83 -35.13 -5.54
N PRO C 364 -54.05 -36.43 -5.28
CA PRO C 364 -53.98 -36.95 -3.90
C PRO C 364 -52.62 -36.72 -3.26
N ARG C 365 -52.60 -36.46 -1.96
CA ARG C 365 -51.36 -36.25 -1.23
C ARG C 365 -51.27 -37.20 -0.04
N ASN C 366 -50.08 -37.74 0.20
CA ASN C 366 -49.83 -38.58 1.37
C ASN C 366 -50.00 -37.79 2.65
N GLU C 367 -50.10 -38.50 3.77
CA GLU C 367 -50.32 -37.87 5.07
C GLU C 367 -49.14 -36.97 5.45
N PHE C 368 -47.92 -37.43 5.19
CA PHE C 368 -46.73 -36.66 5.55
C PHE C 368 -46.56 -35.43 4.66
N THR C 369 -46.85 -35.56 3.37
CA THR C 369 -46.73 -34.42 2.47
C THR C 369 -47.78 -33.38 2.84
N GLU C 370 -48.95 -33.84 3.25
CA GLU C 370 -50.02 -32.94 3.69
C GLU C 370 -49.60 -32.18 4.95
N ILE C 371 -48.81 -32.84 5.80
CA ILE C 371 -48.28 -32.21 7.00
C ILE C 371 -47.21 -31.18 6.64
N LEU C 372 -46.28 -31.59 5.80
CA LEU C 372 -45.16 -30.75 5.41
C LEU C 372 -45.64 -29.53 4.64
N PHE C 373 -46.74 -29.69 3.90
CA PHE C 373 -47.34 -28.59 3.17
C PHE C 373 -47.98 -27.61 4.15
N LYS C 374 -48.51 -28.14 5.25
CA LYS C 374 -49.10 -27.30 6.28
C LYS C 374 -48.01 -26.47 6.94
N ILE C 375 -46.89 -27.12 7.27
CA ILE C 375 -45.72 -26.43 7.82
C ILE C 375 -45.16 -25.40 6.83
N ALA C 376 -45.27 -25.71 5.54
CA ALA C 376 -44.83 -24.77 4.52
C ALA C 376 -45.76 -23.57 4.47
N GLN C 377 -47.03 -23.78 4.81
CA GLN C 377 -47.97 -22.68 4.92
C GLN C 377 -47.70 -21.89 6.20
N GLU C 378 -47.29 -22.59 7.25
CA GLU C 378 -46.97 -21.95 8.53
C GLU C 378 -45.87 -20.91 8.38
N ALA C 379 -44.97 -21.14 7.42
CA ALA C 379 -43.79 -20.31 7.25
C ALA C 379 -43.94 -19.31 6.10
N ARG C 380 -45.09 -18.64 6.06
CA ARG C 380 -45.41 -17.72 4.96
C ARG C 380 -44.49 -16.52 4.90
N GLY C 381 -44.01 -16.07 6.05
CA GLY C 381 -43.21 -14.88 6.13
C GLY C 381 -41.75 -15.05 5.75
N LEU C 382 -41.17 -16.20 6.13
CA LEU C 382 -39.74 -16.45 5.95
C LEU C 382 -39.30 -16.45 4.48
N SER C 383 -38.13 -15.86 4.23
CA SER C 383 -37.55 -15.85 2.88
C SER C 383 -36.92 -17.19 2.54
N GLY C 384 -36.46 -17.32 1.30
CA GLY C 384 -35.80 -18.52 0.84
C GLY C 384 -34.51 -18.79 1.61
N ARG C 385 -33.81 -17.71 1.97
CA ARG C 385 -32.56 -17.82 2.69
C ARG C 385 -32.78 -18.34 4.11
N ALA C 386 -33.88 -17.90 4.72
CA ALA C 386 -34.20 -18.29 6.09
C ALA C 386 -34.59 -19.77 6.17
N ILE C 387 -35.32 -20.25 5.17
CA ILE C 387 -35.80 -21.62 5.15
C ILE C 387 -34.65 -22.60 4.90
N SER C 388 -33.67 -22.15 4.13
CA SER C 388 -32.50 -22.99 3.83
C SER C 388 -31.56 -23.09 5.02
N MET C 389 -31.76 -22.25 6.04
CA MET C 389 -30.93 -22.28 7.23
C MET C 389 -31.63 -22.98 8.39
N LEU C 390 -32.92 -23.25 8.24
CA LEU C 390 -33.69 -23.93 9.27
C LEU C 390 -33.12 -25.29 9.72
N PRO C 391 -32.65 -26.13 8.78
CA PRO C 391 -32.18 -27.46 9.21
C PRO C 391 -31.13 -27.45 10.32
N THR C 392 -30.28 -26.43 10.34
CA THR C 392 -29.28 -26.29 11.38
C THR C 392 -29.96 -26.10 12.74
N LEU C 393 -30.99 -25.26 12.78
CA LEU C 393 -31.74 -25.02 14.00
C LEU C 393 -32.50 -26.27 14.41
N VAL C 394 -33.05 -26.97 13.42
CA VAL C 394 -33.77 -28.21 13.66
C VAL C 394 -32.89 -29.25 14.34
N TYR C 395 -31.71 -29.49 13.78
CA TYR C 395 -30.76 -30.45 14.33
C TYR C 395 -30.33 -30.06 15.74
N SER C 396 -30.31 -28.76 15.99
CA SER C 396 -29.94 -28.23 17.30
C SER C 396 -30.92 -28.67 18.39
N LYS C 397 -32.21 -28.71 18.05
CA LYS C 397 -33.24 -29.05 19.02
C LYS C 397 -33.29 -30.54 19.33
N SER C 398 -32.95 -31.37 18.35
CA SER C 398 -32.98 -32.81 18.55
C SER C 398 -31.85 -33.25 19.47
N PRO C 399 -32.21 -33.91 20.58
CA PRO C 399 -31.20 -34.46 21.48
C PRO C 399 -30.59 -35.77 20.97
N GLU C 400 -31.31 -36.53 20.13
CA GLU C 400 -30.94 -37.91 19.80
C GLU C 400 -29.80 -38.07 18.78
N GLU C 401 -29.43 -36.96 18.12
CA GLU C 401 -28.53 -36.98 16.95
C GLU C 401 -29.15 -37.74 15.77
N THR C 402 -30.23 -38.47 16.02
CA THR C 402 -30.93 -39.21 14.97
C THR C 402 -32.41 -38.91 15.06
N ILE C 403 -33.03 -38.56 13.94
CA ILE C 403 -34.40 -38.05 13.96
C ILE C 403 -35.35 -38.89 13.12
N THR C 404 -36.50 -39.23 13.70
CA THR C 404 -37.56 -39.91 12.97
C THR C 404 -38.35 -38.90 12.15
N LEU C 405 -39.18 -39.39 11.24
CA LEU C 405 -39.99 -38.49 10.41
C LEU C 405 -41.03 -37.69 11.20
N PRO C 406 -41.75 -38.33 12.14
CA PRO C 406 -42.68 -37.49 12.92
C PRO C 406 -41.97 -36.39 13.71
N ASN C 407 -40.86 -36.73 14.36
CA ASN C 407 -40.09 -35.73 15.10
C ASN C 407 -39.44 -34.70 14.18
N CYS C 408 -39.12 -35.11 12.96
CA CYS C 408 -38.57 -34.21 11.97
C CYS C 408 -39.58 -33.12 11.63
N MET C 409 -40.85 -33.52 11.55
CA MET C 409 -41.92 -32.59 11.25
C MET C 409 -42.17 -31.64 12.41
N ASN C 410 -42.11 -32.16 13.63
CA ASN C 410 -42.36 -31.34 14.80
C ASN C 410 -41.24 -30.32 15.02
N LEU C 411 -40.00 -30.75 14.82
CA LEU C 411 -38.86 -29.86 15.01
C LEU C 411 -38.77 -28.79 13.93
N PHE C 412 -39.11 -29.17 12.70
CA PHE C 412 -39.14 -28.19 11.62
C PHE C 412 -40.22 -27.14 11.89
N LEU C 413 -41.36 -27.61 12.38
CA LEU C 413 -42.46 -26.71 12.70
C LEU C 413 -42.10 -25.76 13.83
N GLU C 414 -41.43 -26.27 14.86
CA GLU C 414 -40.96 -25.43 15.96
C GLU C 414 -39.93 -24.43 15.48
N ALA C 415 -39.00 -24.89 14.65
CA ALA C 415 -37.95 -24.03 14.12
C ALA C 415 -38.53 -22.92 13.28
N VAL C 416 -39.61 -23.23 12.56
CA VAL C 416 -40.30 -22.24 11.74
C VAL C 416 -40.89 -21.14 12.62
N LYS C 417 -41.59 -21.54 13.67
CA LYS C 417 -42.27 -20.59 14.54
C LYS C 417 -41.28 -19.75 15.34
N GLU C 418 -40.11 -20.30 15.64
CA GLU C 418 -39.12 -19.59 16.44
C GLU C 418 -38.40 -18.54 15.60
N ARG C 419 -38.19 -18.84 14.32
CA ARG C 419 -37.48 -17.94 13.44
C ARG C 419 -38.39 -16.81 12.95
N LEU C 420 -39.70 -17.09 12.90
CA LEU C 420 -40.67 -16.05 12.59
C LEU C 420 -40.71 -15.01 13.69
N SER C 421 -40.74 -15.50 14.93
CA SER C 421 -40.75 -14.65 16.11
C SER C 421 -39.45 -13.85 16.23
N ARG C 422 -38.34 -14.53 16.03
CA ARG C 422 -37.02 -13.92 16.25
C ARG C 422 -36.19 -13.89 14.96
N THR D 7 -36.26 -39.47 31.34
CA THR D 7 -36.69 -38.21 30.75
C THR D 7 -35.65 -37.12 30.98
N LEU D 8 -34.61 -37.13 30.17
CA LEU D 8 -33.55 -36.12 30.26
C LEU D 8 -32.81 -36.04 28.93
N LYS D 9 -32.43 -34.84 28.53
CA LYS D 9 -31.76 -34.64 27.25
C LYS D 9 -30.45 -35.40 27.22
N ASN D 10 -29.99 -35.73 26.03
CA ASN D 10 -28.81 -36.57 25.87
C ASN D 10 -27.55 -35.94 26.43
N ILE D 11 -26.99 -36.60 27.43
CA ILE D 11 -25.87 -36.08 28.19
C ILE D 11 -24.54 -36.50 27.59
N HIS D 12 -23.57 -35.59 27.66
CA HIS D 12 -22.20 -35.90 27.25
C HIS D 12 -21.28 -35.87 28.47
N ALA D 13 -20.31 -36.77 28.49
CA ALA D 13 -19.32 -36.79 29.55
C ALA D 13 -17.92 -36.67 28.98
N GLU D 14 -17.11 -35.81 29.59
CA GLU D 14 -15.73 -35.63 29.15
C GLU D 14 -14.76 -36.03 30.25
N ILE D 15 -13.84 -36.92 29.91
CA ILE D 15 -12.88 -37.44 30.88
C ILE D 15 -11.44 -37.16 30.46
N ARG D 16 -10.71 -36.43 31.28
CA ARG D 16 -9.30 -36.14 30.99
C ARG D 16 -8.42 -37.28 31.48
N ILE D 17 -7.46 -37.73 30.67
CA ILE D 17 -6.57 -38.81 31.07
C ILE D 17 -5.10 -38.39 31.21
N CYS D 18 -4.45 -38.92 32.23
CA CYS D 18 -3.01 -38.78 32.43
C CYS D 18 -2.24 -39.12 31.15
N GLN D 19 -1.24 -38.29 30.85
CA GLN D 19 -0.51 -38.34 29.59
C GLN D 19 0.17 -39.69 29.32
N LYS D 20 0.73 -40.29 30.37
CA LYS D 20 1.52 -41.52 30.20
C LYS D 20 0.71 -42.69 29.68
N PHE D 21 -0.57 -42.75 30.04
CA PHE D 21 -1.39 -43.94 29.79
C PHE D 21 -2.01 -43.89 28.41
N PRO D 22 -1.84 -44.95 27.61
CA PRO D 22 -2.39 -45.02 26.24
C PRO D 22 -3.87 -45.40 26.19
N LYS D 23 -4.44 -45.34 24.99
CA LYS D 23 -5.86 -45.63 24.76
C LYS D 23 -6.23 -47.07 25.09
N SER D 24 -5.32 -47.99 24.81
CA SER D 24 -5.57 -49.41 25.01
C SER D 24 -5.98 -49.72 26.43
N THR D 25 -5.18 -49.26 27.39
CA THR D 25 -5.45 -49.50 28.81
C THR D 25 -6.82 -48.96 29.18
N VAL D 26 -7.13 -47.79 28.64
CA VAL D 26 -8.35 -47.07 28.96
C VAL D 26 -9.60 -47.76 28.43
N GLN D 27 -9.52 -48.25 27.21
CA GLN D 27 -10.64 -48.88 26.55
C GLN D 27 -11.07 -50.15 27.29
N LYS D 28 -10.09 -50.84 27.87
CA LYS D 28 -10.39 -52.07 28.61
C LYS D 28 -11.17 -51.75 29.88
N ARG D 29 -11.04 -50.52 30.36
CA ARG D 29 -11.69 -50.11 31.59
C ARG D 29 -12.84 -49.16 31.30
N PHE D 30 -13.38 -49.26 30.09
CA PHE D 30 -14.45 -48.37 29.64
C PHE D 30 -15.73 -48.53 30.48
N SER D 31 -16.11 -49.77 30.75
CA SER D 31 -17.31 -50.05 31.51
C SER D 31 -17.17 -49.56 32.95
N GLU D 32 -15.94 -49.52 33.45
CA GLU D 32 -15.65 -49.00 34.78
C GLU D 32 -15.89 -47.49 34.81
N PHE D 33 -15.55 -46.81 33.72
CA PHE D 33 -15.79 -45.38 33.59
C PHE D 33 -17.27 -45.07 33.47
N GLU D 34 -17.99 -45.91 32.73
CA GLU D 34 -19.43 -45.76 32.54
C GLU D 34 -20.18 -45.81 33.88
N GLU D 35 -19.75 -46.71 34.76
CA GLU D 35 -20.37 -46.85 36.07
C GLU D 35 -19.98 -45.72 37.01
N LEU D 36 -18.73 -45.25 36.87
CA LEU D 36 -18.23 -44.13 37.66
C LEU D 36 -19.04 -42.87 37.39
N ILE D 37 -19.40 -42.68 36.12
CA ILE D 37 -20.19 -41.53 35.71
C ILE D 37 -21.60 -41.60 36.29
N LYS D 38 -22.21 -42.77 36.22
CA LYS D 38 -23.54 -42.99 36.80
C LYS D 38 -23.53 -42.67 38.29
N ALA D 39 -22.42 -43.01 38.94
CA ALA D 39 -22.25 -42.74 40.37
C ALA D 39 -22.00 -41.26 40.64
N ALA D 40 -21.03 -40.70 39.94
CA ALA D 40 -20.62 -39.31 40.13
C ALA D 40 -21.75 -38.32 39.85
N SER D 41 -22.73 -38.76 39.08
CA SER D 41 -23.83 -37.89 38.70
C SER D 41 -24.88 -37.78 39.80
N LYS D 42 -24.69 -38.54 40.88
CA LYS D 42 -25.61 -38.53 42.01
C LYS D 42 -25.74 -37.13 42.58
N ASN D 43 -24.63 -36.41 42.64
CA ASN D 43 -24.63 -35.03 43.08
C ASN D 43 -23.58 -34.18 42.36
N ALA D 44 -23.57 -34.30 41.03
CA ALA D 44 -22.73 -33.45 40.20
C ALA D 44 -23.58 -32.31 39.65
N ARG D 45 -22.93 -31.34 39.02
CA ARG D 45 -23.66 -30.24 38.42
C ARG D 45 -23.33 -30.06 36.96
N ASN D 46 -24.26 -29.45 36.23
CA ASN D 46 -24.15 -29.26 34.80
C ASN D 46 -22.88 -28.49 34.43
N TRP D 47 -22.10 -29.04 33.50
CA TRP D 47 -20.88 -28.38 33.01
C TRP D 47 -19.88 -27.99 34.09
N LYS D 48 -20.11 -28.42 35.32
CA LYS D 48 -19.18 -28.16 36.41
C LYS D 48 -18.36 -29.42 36.70
N PRO D 49 -17.03 -29.29 36.69
CA PRO D 49 -16.13 -30.44 36.88
C PRO D 49 -16.11 -30.94 38.31
N ILE D 50 -15.73 -32.20 38.48
CA ILE D 50 -15.50 -32.77 39.79
C ILE D 50 -14.17 -33.52 39.80
N SER D 51 -13.55 -33.61 40.97
CA SER D 51 -12.27 -34.29 41.09
C SER D 51 -12.17 -35.07 42.40
N SER D 52 -12.31 -36.39 42.30
CA SER D 52 -12.21 -37.29 43.46
C SER D 52 -13.21 -36.92 44.55
N SER D 60 -10.17 -47.08 44.47
CA SER D 60 -10.21 -47.86 43.23
C SER D 60 -9.01 -47.54 42.36
N SER D 61 -8.87 -48.30 41.27
CA SER D 61 -7.73 -48.17 40.38
C SER D 61 -7.95 -47.12 39.29
N LEU D 62 -9.21 -46.76 39.06
CA LEU D 62 -9.55 -45.81 38.00
C LEU D 62 -8.92 -44.45 38.24
N ASN D 63 -8.90 -44.03 39.50
CA ASN D 63 -8.45 -42.70 39.86
C ASN D 63 -7.01 -42.41 39.44
N GLU D 64 -6.23 -43.47 39.23
CA GLU D 64 -4.86 -43.33 38.77
C GLU D 64 -4.82 -42.95 37.28
N LEU D 65 -5.90 -43.25 36.57
CA LEU D 65 -5.95 -43.07 35.12
C LEU D 65 -6.34 -41.65 34.69
N PHE D 66 -7.34 -41.09 35.36
CA PHE D 66 -7.94 -39.83 34.91
C PHE D 66 -7.81 -38.71 35.94
N GLU D 67 -7.96 -37.48 35.48
CA GLU D 67 -7.73 -36.29 36.31
C GLU D 67 -8.97 -35.41 36.47
N LYS D 68 -9.83 -35.40 35.45
CA LYS D 68 -11.04 -34.58 35.51
C LYS D 68 -12.23 -35.25 34.84
N LEU D 69 -13.43 -35.02 35.39
CA LEU D 69 -14.67 -35.55 34.84
C LEU D 69 -15.75 -34.48 34.75
N VAL D 70 -16.30 -34.25 33.57
CA VAL D 70 -17.37 -33.28 33.42
C VAL D 70 -18.60 -33.86 32.73
N ILE D 71 -19.74 -33.75 33.38
CA ILE D 71 -21.01 -34.20 32.84
C ILE D 71 -21.83 -32.97 32.42
N GLY D 72 -22.35 -32.97 31.18
CA GLY D 72 -23.01 -31.78 30.64
C GLY D 72 -24.22 -31.99 29.76
N THR D 73 -25.13 -31.01 29.73
CA THR D 73 -26.35 -31.06 28.93
C THR D 73 -26.78 -29.64 28.54
N CYS D 74 -27.40 -29.49 27.38
CA CYS D 74 -27.83 -28.18 26.91
C CYS D 74 -29.29 -27.89 27.26
N GLU D 75 -29.96 -28.86 27.86
CA GLU D 75 -31.34 -28.67 28.27
C GLU D 75 -31.47 -28.67 29.80
N LEU D 76 -30.45 -28.12 30.45
CA LEU D 76 -30.49 -27.79 31.88
C LEU D 76 -29.66 -26.54 32.08
N ARG D 77 -29.99 -25.74 33.10
CA ARG D 77 -29.25 -24.51 33.36
C ARG D 77 -27.77 -24.80 33.58
N ASP D 78 -26.95 -23.76 33.43
CA ASP D 78 -25.50 -23.91 33.43
C ASP D 78 -24.96 -24.58 34.69
N GLY D 79 -25.40 -24.14 35.86
CA GLY D 79 -24.84 -24.68 37.08
C GLY D 79 -25.85 -25.50 37.86
N GLU D 80 -26.90 -25.94 37.19
CA GLU D 80 -28.01 -26.59 37.86
C GLU D 80 -27.67 -28.00 38.27
N LEU D 81 -28.26 -28.44 39.39
CA LEU D 81 -28.11 -29.80 39.85
C LEU D 81 -28.96 -30.74 39.00
N PHE D 82 -28.62 -32.02 39.03
CA PHE D 82 -29.47 -33.02 38.38
C PHE D 82 -30.59 -33.43 39.33
N GLU D 83 -31.61 -32.60 39.40
CA GLU D 83 -32.76 -32.82 40.27
C GLU D 83 -33.90 -33.50 39.54
N ASN D 84 -34.72 -34.24 40.29
CA ASN D 84 -35.93 -34.87 39.77
C ASN D 84 -35.67 -35.71 38.52
N VAL D 85 -34.44 -36.20 38.39
CA VAL D 85 -34.06 -36.94 37.21
C VAL D 85 -34.19 -38.45 37.41
N ASN D 86 -34.75 -39.12 36.40
CA ASN D 86 -34.78 -40.57 36.40
C ASN D 86 -33.36 -41.11 36.26
N ASP D 87 -33.20 -42.42 36.44
CA ASP D 87 -31.87 -43.02 36.33
C ASP D 87 -31.29 -42.73 34.95
N LEU D 88 -30.20 -41.98 34.92
CA LEU D 88 -29.63 -41.47 33.67
C LEU D 88 -29.24 -42.58 32.71
N THR D 89 -29.41 -42.31 31.41
CA THR D 89 -28.90 -43.19 30.39
C THR D 89 -27.90 -42.43 29.51
N ILE D 90 -26.62 -42.74 29.69
CA ILE D 90 -25.57 -42.09 28.92
C ILE D 90 -25.05 -43.01 27.83
N ASN D 91 -25.40 -42.69 26.59
CA ASN D 91 -24.96 -43.45 25.43
C ASN D 91 -23.44 -43.47 25.37
N PRO D 92 -22.85 -44.67 25.17
CA PRO D 92 -21.39 -44.83 25.13
C PRO D 92 -20.71 -43.93 24.10
N SER D 93 -21.44 -43.56 23.05
CA SER D 93 -20.88 -42.70 22.01
C SER D 93 -20.80 -41.26 22.48
N ASN D 94 -21.55 -40.95 23.54
CA ASN D 94 -21.55 -39.61 24.12
C ASN D 94 -20.56 -39.48 25.27
N ILE D 95 -19.72 -40.49 25.45
CA ILE D 95 -18.64 -40.38 26.43
C ILE D 95 -17.30 -40.19 25.74
N HIS D 96 -16.74 -39.00 25.82
CA HIS D 96 -15.51 -38.66 25.14
C HIS D 96 -14.33 -38.61 26.11
N VAL D 97 -13.20 -39.15 25.63
CA VAL D 97 -11.99 -39.23 26.42
C VAL D 97 -10.90 -38.40 25.72
N TYR D 98 -10.20 -37.55 26.46
CA TYR D 98 -9.29 -36.60 25.82
C TYR D 98 -8.02 -36.46 26.61
N LYS D 99 -6.98 -36.04 25.91
CA LYS D 99 -5.66 -35.82 26.47
C LYS D 99 -5.14 -34.45 26.05
N LEU D 100 -4.70 -33.66 27.01
CA LEU D 100 -4.29 -32.28 26.72
C LEU D 100 -2.91 -32.17 26.07
N HIS D 101 -2.81 -31.32 25.05
CA HIS D 101 -1.54 -31.03 24.40
C HIS D 101 -0.80 -29.93 25.17
N LYS D 102 0.42 -30.21 25.60
CA LYS D 102 1.14 -29.34 26.52
C LYS D 102 1.82 -28.15 25.86
N ASP D 103 2.16 -28.29 24.58
CA ASP D 103 2.80 -27.20 23.86
C ASP D 103 1.78 -26.11 23.54
N GLY D 104 2.27 -24.89 23.31
CA GLY D 104 1.40 -23.76 23.02
C GLY D 104 1.67 -23.15 21.66
N SER D 122 -1.46 -15.91 13.25
CA SER D 122 -0.69 -15.36 14.34
C SER D 122 -0.38 -16.40 15.40
N GLN D 123 -1.35 -16.68 16.26
CA GLN D 123 -1.15 -17.64 17.36
C GLN D 123 -1.87 -18.96 17.07
N LEU D 124 -1.12 -20.05 17.09
CA LEU D 124 -1.65 -21.36 16.72
C LEU D 124 -1.68 -22.31 17.93
N TRP D 125 -2.82 -22.99 18.11
CA TRP D 125 -3.01 -23.88 19.25
C TRP D 125 -3.39 -25.29 18.80
N GLN D 126 -2.94 -26.30 19.55
CA GLN D 126 -3.41 -27.66 19.33
C GLN D 126 -4.44 -28.05 20.37
N LEU D 127 -5.65 -28.37 19.92
CA LEU D 127 -6.77 -28.66 20.81
C LEU D 127 -7.02 -30.17 20.99
N PRO D 128 -7.37 -30.58 22.22
CA PRO D 128 -7.51 -29.72 23.40
C PRO D 128 -6.15 -29.35 24.00
N CYS D 129 -5.96 -28.08 24.38
CA CYS D 129 -4.70 -27.65 24.99
C CYS D 129 -4.94 -27.38 26.49
N VAL D 130 -3.87 -27.14 27.25
CA VAL D 130 -3.96 -27.03 28.70
C VAL D 130 -4.59 -25.70 29.14
N GLU D 131 -4.35 -24.65 28.37
CA GLU D 131 -4.84 -23.32 28.70
C GLU D 131 -6.36 -23.24 28.73
N PHE D 132 -6.98 -23.86 27.73
CA PHE D 132 -8.39 -23.64 27.48
C PHE D 132 -9.31 -24.43 28.39
N ASP D 133 -8.79 -25.51 28.98
CA ASP D 133 -9.64 -26.53 29.59
C ASP D 133 -10.36 -26.05 30.85
N SER D 134 -9.87 -24.98 31.46
CA SER D 134 -10.53 -24.43 32.64
C SER D 134 -11.47 -23.28 32.30
N ILE D 135 -11.38 -22.76 31.08
CA ILE D 135 -12.10 -21.56 30.68
C ILE D 135 -13.61 -21.68 30.81
N TRP D 136 -14.18 -22.69 30.17
CA TRP D 136 -15.64 -22.81 30.07
C TRP D 136 -16.34 -22.89 31.42
N GLU D 137 -15.77 -23.64 32.35
CA GLU D 137 -16.40 -23.84 33.65
C GLU D 137 -16.39 -22.58 34.51
N ASN D 138 -15.42 -21.70 34.26
CA ASN D 138 -15.28 -20.48 35.03
C ASN D 138 -15.95 -19.28 34.38
N LEU D 139 -16.56 -19.50 33.20
CA LEU D 139 -17.36 -18.47 32.56
C LEU D 139 -18.82 -18.61 32.96
N ILE D 140 -19.30 -17.63 33.73
CA ILE D 140 -20.67 -17.67 34.22
C ILE D 140 -21.45 -16.45 33.74
N TYR D 141 -22.60 -16.71 33.10
CA TYR D 141 -23.48 -15.66 32.63
C TYR D 141 -24.87 -15.85 33.20
N ASP D 142 -25.62 -14.76 33.31
CA ASP D 142 -26.97 -14.83 33.86
C ASP D 142 -27.93 -15.34 32.79
N SER D 143 -27.50 -15.28 31.54
CA SER D 143 -28.28 -15.78 30.42
C SER D 143 -28.05 -17.28 30.21
N ASN D 144 -28.78 -17.84 29.25
CA ASN D 144 -28.56 -19.23 28.86
C ASN D 144 -27.59 -19.29 27.68
N LEU D 145 -26.79 -18.24 27.55
CA LEU D 145 -25.90 -18.05 26.39
C LEU D 145 -25.00 -19.23 26.06
N LYS D 146 -24.33 -19.79 27.07
CA LYS D 146 -23.37 -20.87 26.82
C LYS D 146 -24.03 -22.08 26.21
N ASN D 147 -25.14 -22.52 26.80
CA ASN D 147 -25.92 -23.63 26.26
C ASN D 147 -26.41 -23.38 24.84
N GLU D 148 -26.85 -22.16 24.58
CA GLU D 148 -27.38 -21.81 23.26
C GLU D 148 -26.29 -21.85 22.20
N VAL D 149 -25.14 -21.25 22.50
CA VAL D 149 -24.00 -21.29 21.59
C VAL D 149 -23.50 -22.72 21.38
N MET D 150 -23.29 -23.43 22.48
CA MET D 150 -22.79 -24.80 22.45
C MET D 150 -23.66 -25.71 21.59
N SER D 151 -24.96 -25.71 21.87
CA SER D 151 -25.91 -26.56 21.16
C SER D 151 -26.01 -26.25 19.67
N TYR D 152 -25.94 -24.98 19.31
CA TYR D 152 -26.10 -24.60 17.90
C TYR D 152 -24.84 -24.88 17.11
N VAL D 153 -23.69 -24.52 17.65
CA VAL D 153 -22.42 -24.73 16.96
C VAL D 153 -22.12 -26.23 16.84
N ALA D 154 -22.56 -27.01 17.80
CA ALA D 154 -22.41 -28.46 17.72
C ALA D 154 -23.18 -29.01 16.53
N ALA D 155 -24.32 -28.40 16.23
CA ALA D 155 -25.14 -28.83 15.11
C ALA D 155 -24.45 -28.49 13.79
N LEU D 156 -23.84 -27.32 13.74
CA LEU D 156 -23.08 -26.90 12.57
C LEU D 156 -21.92 -27.85 12.31
N ALA D 157 -21.24 -28.27 13.37
CA ALA D 157 -20.07 -29.12 13.26
C ALA D 157 -20.45 -30.52 12.80
N ARG D 158 -21.62 -30.99 13.22
CA ARG D 158 -22.09 -32.32 12.84
C ARG D 158 -22.56 -32.38 11.40
N LEU D 159 -23.31 -31.37 10.96
CA LEU D 159 -23.76 -31.31 9.57
C LEU D 159 -22.57 -31.20 8.62
N SER D 160 -21.57 -30.41 9.01
CA SER D 160 -20.38 -30.24 8.20
C SER D 160 -19.56 -31.53 8.08
N GLU D 161 -19.31 -32.18 9.22
CA GLU D 161 -18.53 -33.41 9.24
C GLU D 161 -19.20 -34.51 8.43
N LYS D 162 -20.52 -34.47 8.33
CA LYS D 162 -21.27 -35.43 7.52
C LYS D 162 -21.40 -34.95 6.08
N HIS D 163 -20.69 -33.88 5.75
CA HIS D 163 -20.63 -33.35 4.39
C HIS D 163 -22.00 -33.04 3.82
N VAL D 164 -22.72 -32.16 4.51
CA VAL D 164 -24.00 -31.67 4.03
C VAL D 164 -23.79 -30.86 2.75
N ASN D 165 -24.72 -30.99 1.81
CA ASN D 165 -24.67 -30.22 0.57
C ASN D 165 -25.10 -28.77 0.82
N THR D 166 -24.14 -27.86 0.84
CA THR D 166 -24.41 -26.46 1.15
C THR D 166 -25.20 -25.72 0.08
N LYS D 167 -25.44 -26.38 -1.05
CA LYS D 167 -26.30 -25.83 -2.10
C LYS D 167 -27.77 -26.06 -1.77
N ILE D 168 -28.04 -27.08 -0.96
CA ILE D 168 -29.41 -27.40 -0.56
C ILE D 168 -29.67 -26.91 0.86
N ILE D 169 -28.80 -27.27 1.79
CA ILE D 169 -28.87 -26.78 3.16
C ILE D 169 -27.75 -25.80 3.44
N ASN D 170 -28.12 -24.58 3.78
CA ASN D 170 -27.15 -23.49 3.92
C ASN D 170 -26.51 -23.46 5.30
N VAL D 171 -25.31 -24.04 5.41
CA VAL D 171 -24.49 -23.89 6.60
C VAL D 171 -23.29 -23.01 6.23
N ASN D 172 -23.08 -21.93 6.98
CA ASN D 172 -22.05 -20.97 6.63
C ASN D 172 -20.72 -21.22 7.34
N ARG D 173 -20.75 -22.03 8.39
CA ARG D 173 -19.58 -22.35 9.18
C ARG D 173 -18.88 -21.08 9.70
N LEU D 174 -19.69 -20.09 10.06
CA LEU D 174 -19.21 -18.85 10.65
C LEU D 174 -20.18 -18.38 11.73
N ILE D 175 -19.68 -18.14 12.93
CA ILE D 175 -20.55 -17.62 13.98
C ILE D 175 -20.00 -16.27 14.45
N LEU D 176 -20.87 -15.48 15.08
CA LEU D 176 -20.51 -14.12 15.45
C LEU D 176 -20.94 -13.80 16.87
N LEU D 177 -19.97 -13.45 17.70
CA LEU D 177 -20.27 -13.04 19.07
C LEU D 177 -20.07 -11.54 19.20
N THR D 178 -21.09 -10.86 19.71
CA THR D 178 -21.02 -9.41 19.88
C THR D 178 -21.18 -9.02 21.34
N GLY D 179 -20.60 -7.89 21.72
CA GLY D 179 -20.67 -7.41 23.08
C GLY D 179 -19.48 -6.53 23.41
N PRO D 180 -19.64 -5.66 24.42
CA PRO D 180 -18.58 -4.73 24.84
C PRO D 180 -17.33 -5.49 25.26
N PRO D 181 -16.15 -4.85 25.16
CA PRO D 181 -14.90 -5.47 25.59
C PRO D 181 -14.93 -5.89 27.05
N GLY D 182 -14.15 -6.92 27.39
CA GLY D 182 -14.09 -7.41 28.76
C GLY D 182 -15.23 -8.34 29.11
N THR D 183 -16.13 -8.58 28.17
CA THR D 183 -17.29 -9.43 28.43
C THR D 183 -16.98 -10.91 28.18
N GLY D 184 -15.75 -11.18 27.74
CA GLY D 184 -15.30 -12.56 27.61
C GLY D 184 -15.74 -13.24 26.33
N LYS D 185 -15.77 -12.49 25.23
CA LYS D 185 -16.13 -13.06 23.93
C LYS D 185 -15.06 -14.04 23.47
N THR D 186 -13.80 -13.66 23.60
CA THR D 186 -12.71 -14.49 23.14
C THR D 186 -12.65 -15.78 23.94
N SER D 187 -12.86 -15.68 25.25
CA SER D 187 -12.85 -16.84 26.13
C SER D 187 -13.95 -17.82 25.78
N LEU D 188 -15.08 -17.31 25.32
CA LEU D 188 -16.18 -18.17 24.88
C LEU D 188 -15.76 -18.96 23.65
N CYS D 189 -15.16 -18.29 22.68
CA CYS D 189 -14.72 -18.96 21.45
C CYS D 189 -13.69 -20.05 21.72
N LYS D 190 -12.70 -19.72 22.55
CA LYS D 190 -11.66 -20.68 22.90
C LYS D 190 -12.25 -21.87 23.67
N GLY D 191 -13.05 -21.57 24.70
CA GLY D 191 -13.71 -22.62 25.46
C GLY D 191 -14.60 -23.50 24.61
N LEU D 192 -15.27 -22.89 23.64
CA LEU D 192 -16.19 -23.60 22.75
C LEU D 192 -15.44 -24.56 21.83
N ALA D 193 -14.34 -24.08 21.26
CA ALA D 193 -13.49 -24.88 20.40
C ALA D 193 -12.84 -26.04 21.15
N GLN D 194 -12.48 -25.79 22.40
CA GLN D 194 -11.91 -26.81 23.25
C GLN D 194 -12.87 -27.98 23.39
N HIS D 195 -14.11 -27.69 23.79
CA HIS D 195 -15.10 -28.74 23.99
C HIS D 195 -15.49 -29.44 22.69
N LEU D 196 -15.59 -28.68 21.61
CA LEU D 196 -15.94 -29.26 20.31
C LEU D 196 -14.90 -30.27 19.84
N SER D 197 -13.63 -29.93 20.03
CA SER D 197 -12.54 -30.81 19.65
C SER D 197 -12.60 -32.11 20.45
N ILE D 198 -13.12 -32.01 21.67
CA ILE D 198 -13.28 -33.19 22.53
C ILE D 198 -14.49 -34.02 22.12
N ARG D 199 -15.64 -33.35 21.98
CA ARG D 199 -16.89 -34.06 21.65
C ARG D 199 -16.88 -34.65 20.24
N MET D 200 -15.98 -34.16 19.39
CA MET D 200 -15.89 -34.64 18.02
C MET D 200 -14.65 -35.48 17.78
N ASN D 201 -13.88 -35.75 18.84
CA ASN D 201 -12.55 -36.35 18.69
C ASN D 201 -12.56 -37.79 18.16
N ASP D 202 -13.74 -38.36 18.00
CA ASP D 202 -13.87 -39.69 17.40
C ASP D 202 -14.00 -39.59 15.88
N LYS D 203 -14.49 -38.45 15.41
CA LYS D 203 -14.64 -38.20 13.97
C LYS D 203 -13.40 -37.49 13.42
N TYR D 204 -12.75 -36.70 14.26
CA TYR D 204 -11.53 -35.97 13.87
C TYR D 204 -10.31 -36.44 14.66
N SER D 205 -9.24 -36.80 13.95
CA SER D 205 -8.03 -37.29 14.58
C SER D 205 -7.24 -36.17 15.25
N LYS D 206 -7.38 -34.96 14.72
CA LYS D 206 -6.58 -33.82 15.16
C LYS D 206 -7.42 -32.55 15.13
N SER D 207 -7.12 -31.61 16.02
CA SER D 207 -7.85 -30.35 16.05
C SER D 207 -6.93 -29.16 16.30
N VAL D 208 -7.14 -28.08 15.55
CA VAL D 208 -6.25 -26.93 15.60
C VAL D 208 -7.05 -25.62 15.67
N MET D 209 -6.47 -24.60 16.28
CA MET D 209 -7.13 -23.28 16.33
C MET D 209 -6.17 -22.13 16.07
N LEU D 210 -6.60 -21.20 15.22
CA LEU D 210 -5.81 -20.02 14.90
C LEU D 210 -6.52 -18.76 15.39
N GLU D 211 -5.77 -17.89 16.05
CA GLU D 211 -6.32 -16.63 16.55
C GLU D 211 -5.76 -15.46 15.74
N ILE D 212 -6.66 -14.69 15.14
CA ILE D 212 -6.26 -13.55 14.31
C ILE D 212 -6.71 -12.22 14.92
N ASN D 213 -5.80 -11.25 14.91
CA ASN D 213 -6.07 -9.88 15.33
C ASN D 213 -6.37 -9.76 16.83
N SER D 214 -5.47 -10.28 17.65
CA SER D 214 -5.55 -10.09 19.09
C SER D 214 -4.20 -9.66 19.66
N HIS D 215 -4.12 -8.41 20.12
CA HIS D 215 -5.24 -7.49 20.08
C HIS D 215 -5.01 -6.37 19.06
N SER D 216 -5.76 -6.43 17.97
CA SER D 216 -5.81 -5.37 16.96
C SER D 216 -4.47 -5.08 16.29
N LEU D 217 -3.50 -5.97 16.44
CA LEU D 217 -2.22 -5.80 15.74
C LEU D 217 -2.42 -6.00 14.25
N PHE D 218 -3.11 -7.07 13.90
CA PHE D 218 -3.39 -7.39 12.50
C PHE D 218 -4.14 -6.27 11.80
N SER D 219 -4.92 -5.52 12.58
CA SER D 219 -5.69 -4.40 12.03
C SER D 219 -4.78 -3.27 11.60
N LYS D 220 -3.62 -3.14 12.25
CA LYS D 220 -2.64 -2.13 11.87
C LYS D 220 -1.98 -2.49 10.55
N TRP D 221 -1.59 -3.75 10.42
CA TRP D 221 -1.02 -4.26 9.17
C TRP D 221 -2.06 -4.28 8.07
N PHE D 222 -3.32 -4.44 8.47
CA PHE D 222 -4.44 -4.46 7.53
C PHE D 222 -4.80 -3.05 7.07
N SER D 223 -4.69 -2.10 8.00
CA SER D 223 -4.97 -0.70 7.70
C SER D 223 -3.92 -0.12 6.74
N GLU D 224 -2.66 -0.38 7.02
CA GLU D 224 -1.58 -0.01 6.10
C GLU D 224 -1.73 -0.84 4.82
N SER D 225 -2.34 -2.01 4.97
CA SER D 225 -2.61 -2.98 3.90
C SER D 225 -1.37 -3.75 3.47
N GLY D 226 -1.59 -5.00 3.04
CA GLY D 226 -0.51 -5.87 2.62
C GLY D 226 -1.01 -7.07 1.83
N LYS D 227 -0.09 -7.72 1.10
CA LYS D 227 -0.42 -8.91 0.35
C LYS D 227 -0.39 -10.15 1.25
N LEU D 228 0.14 -9.97 2.46
CA LEU D 228 0.31 -11.07 3.39
C LEU D 228 -1.01 -11.61 3.92
N VAL D 229 -2.05 -10.78 3.88
CA VAL D 229 -3.37 -11.21 4.37
C VAL D 229 -3.90 -12.34 3.49
N GLN D 230 -3.46 -12.37 2.24
CA GLN D 230 -3.84 -13.44 1.33
C GLN D 230 -2.89 -14.62 1.53
N LYS D 231 -1.66 -14.32 1.90
CA LYS D 231 -0.66 -15.36 2.13
C LYS D 231 -0.91 -16.07 3.46
N MET D 232 -1.52 -15.35 4.41
CA MET D 232 -1.78 -15.94 5.71
C MET D 232 -2.99 -16.86 5.66
N PHE D 233 -3.94 -16.52 4.78
CA PHE D 233 -5.11 -17.36 4.58
C PHE D 233 -4.75 -18.55 3.70
N ASP D 234 -3.74 -18.37 2.86
CA ASP D 234 -3.16 -19.47 2.12
C ASP D 234 -2.63 -20.49 3.11
N GLN D 235 -2.06 -19.99 4.19
CA GLN D 235 -1.49 -20.84 5.22
C GLN D 235 -2.59 -21.50 6.05
N ILE D 236 -3.71 -20.80 6.21
CA ILE D 236 -4.86 -21.36 6.92
C ILE D 236 -5.51 -22.46 6.10
N ASP D 237 -5.69 -22.19 4.81
CA ASP D 237 -6.34 -23.16 3.93
C ASP D 237 -5.48 -24.41 3.79
N GLU D 238 -4.18 -24.25 3.96
CA GLU D 238 -3.25 -25.38 3.93
C GLU D 238 -3.47 -26.28 5.14
N LEU D 239 -3.77 -25.67 6.29
CA LEU D 239 -4.03 -26.43 7.51
C LEU D 239 -5.26 -27.31 7.33
N ALA D 240 -6.21 -26.83 6.55
CA ALA D 240 -7.48 -27.53 6.36
C ALA D 240 -7.34 -28.71 5.41
N GLU D 241 -6.20 -28.82 4.74
CA GLU D 241 -5.99 -29.88 3.75
C GLU D 241 -6.02 -31.26 4.38
N ASP D 242 -5.70 -31.34 5.67
CA ASP D 242 -5.86 -32.58 6.42
C ASP D 242 -7.34 -32.75 6.74
N GLU D 243 -7.99 -33.68 6.05
CA GLU D 243 -9.41 -33.91 6.26
C GLU D 243 -9.70 -34.53 7.62
N LYS D 244 -8.69 -35.19 8.18
CA LYS D 244 -8.78 -35.76 9.53
C LYS D 244 -8.80 -34.67 10.60
N CYS D 245 -8.25 -33.50 10.26
CA CYS D 245 -8.08 -32.43 11.24
C CYS D 245 -9.13 -31.35 11.11
N MET D 246 -9.71 -30.94 12.23
CA MET D 246 -10.70 -29.86 12.21
C MET D 246 -10.02 -28.56 12.59
N VAL D 247 -10.34 -27.51 11.84
CA VAL D 247 -9.64 -26.24 11.94
C VAL D 247 -10.54 -25.13 12.44
N PHE D 248 -10.18 -24.54 13.58
CA PHE D 248 -10.91 -23.41 14.14
C PHE D 248 -10.20 -22.12 13.86
N VAL D 249 -10.90 -21.15 13.29
CA VAL D 249 -10.31 -19.84 13.03
C VAL D 249 -11.04 -18.80 13.86
N LEU D 250 -10.32 -18.18 14.79
CA LEU D 250 -10.90 -17.17 15.65
C LEU D 250 -10.42 -15.79 15.23
N ILE D 251 -11.34 -14.96 14.71
CA ILE D 251 -11.00 -13.62 14.27
C ILE D 251 -11.56 -12.60 15.25
N ASP D 252 -10.69 -12.03 16.08
CA ASP D 252 -11.08 -11.11 17.13
C ASP D 252 -11.29 -9.69 16.62
N GLU D 253 -12.28 -9.01 17.21
CA GLU D 253 -12.55 -7.59 16.93
C GLU D 253 -12.53 -7.32 15.43
N VAL D 254 -13.45 -7.99 14.75
CA VAL D 254 -13.61 -7.90 13.32
C VAL D 254 -14.07 -6.49 12.93
N GLU D 255 -14.53 -5.73 13.91
CA GLU D 255 -14.88 -4.33 13.71
C GLU D 255 -13.66 -3.51 13.28
N SER D 256 -12.48 -3.93 13.75
CA SER D 256 -11.23 -3.22 13.49
C SER D 256 -10.71 -3.54 12.10
N LEU D 257 -11.14 -4.69 11.57
CA LEU D 257 -10.80 -5.11 10.22
C LEU D 257 -11.70 -4.42 9.19
N GLY D 258 -12.94 -4.13 9.59
CA GLY D 258 -13.90 -3.50 8.71
C GLY D 258 -15.25 -3.26 9.36
N ILE D 274 -11.21 -0.05 1.47
CA ILE D 274 -12.42 -0.74 1.05
C ILE D 274 -12.08 -2.03 0.31
N ARG D 275 -11.11 -1.95 -0.61
CA ARG D 275 -10.66 -3.10 -1.37
C ARG D 275 -10.12 -4.18 -0.45
N ALA D 276 -9.41 -3.74 0.59
CA ALA D 276 -8.84 -4.64 1.58
C ALA D 276 -9.92 -5.47 2.27
N VAL D 277 -11.06 -4.84 2.54
CA VAL D 277 -12.18 -5.52 3.19
C VAL D 277 -12.77 -6.60 2.29
N ASN D 278 -13.03 -6.25 1.04
CA ASN D 278 -13.52 -7.23 0.07
C ASN D 278 -12.56 -8.38 -0.09
N ALA D 279 -11.26 -8.09 -0.03
CA ALA D 279 -10.23 -9.11 -0.13
C ALA D 279 -10.31 -10.07 1.05
N LEU D 280 -10.52 -9.52 2.24
CA LEU D 280 -10.62 -10.33 3.44
C LEU D 280 -11.86 -11.20 3.39
N LEU D 281 -12.95 -10.60 2.89
CA LEU D 281 -14.21 -11.30 2.77
C LEU D 281 -14.14 -12.49 1.80
N THR D 282 -13.42 -12.33 0.69
CA THR D 282 -13.28 -13.43 -0.26
C THR D 282 -12.44 -14.56 0.34
N GLN D 283 -11.43 -14.20 1.13
CA GLN D 283 -10.60 -15.21 1.78
C GLN D 283 -11.38 -15.96 2.85
N ILE D 284 -12.28 -15.25 3.53
CA ILE D 284 -13.16 -15.89 4.49
C ILE D 284 -14.08 -16.88 3.80
N ASP D 285 -14.71 -16.46 2.70
CA ASP D 285 -15.61 -17.33 1.95
C ASP D 285 -14.87 -18.56 1.42
N ARG D 286 -13.59 -18.40 1.09
CA ARG D 286 -12.77 -19.48 0.57
C ARG D 286 -12.59 -20.61 1.58
N ILE D 287 -12.20 -20.25 2.80
CA ILE D 287 -11.97 -21.25 3.83
C ILE D 287 -13.26 -21.78 4.44
N ARG D 288 -14.33 -20.99 4.38
CA ARG D 288 -15.66 -21.43 4.81
C ARG D 288 -16.13 -22.64 4.01
N ARG D 289 -15.64 -22.73 2.77
CA ARG D 289 -16.04 -23.77 1.85
C ARG D 289 -15.67 -25.15 2.39
N ARG D 290 -14.56 -25.21 3.13
CA ARG D 290 -14.06 -26.47 3.68
C ARG D 290 -15.01 -27.02 4.74
N ASP D 291 -15.14 -28.34 4.80
CA ASP D 291 -16.11 -28.96 5.71
C ASP D 291 -15.57 -29.06 7.13
N ASN D 292 -14.25 -28.97 7.29
CA ASN D 292 -13.64 -29.10 8.61
C ASN D 292 -13.31 -27.74 9.25
N VAL D 293 -13.50 -26.66 8.50
CA VAL D 293 -13.21 -25.33 9.02
C VAL D 293 -14.42 -24.76 9.75
N LEU D 294 -14.16 -24.08 10.86
CA LEU D 294 -15.19 -23.35 11.58
C LEU D 294 -14.63 -21.99 12.00
N ILE D 295 -15.34 -20.92 11.64
CA ILE D 295 -14.85 -19.57 11.92
C ILE D 295 -15.61 -18.91 13.07
N LEU D 296 -14.88 -18.41 14.06
CA LEU D 296 -15.48 -17.73 15.19
C LEU D 296 -15.09 -16.26 15.15
N CYS D 297 -16.07 -15.37 15.06
CA CYS D 297 -15.78 -13.93 15.01
C CYS D 297 -16.28 -13.23 16.26
N THR D 298 -15.51 -12.26 16.74
CA THR D 298 -15.97 -11.42 17.83
C THR D 298 -16.03 -9.97 17.38
N SER D 299 -16.99 -9.23 17.91
CA SER D 299 -17.15 -7.82 17.58
C SER D 299 -17.65 -7.06 18.79
N ASN D 300 -17.15 -5.85 18.98
CA ASN D 300 -17.61 -5.00 20.06
C ASN D 300 -18.80 -4.15 19.62
N LEU D 301 -19.10 -4.19 18.34
CA LEU D 301 -20.31 -3.56 17.82
C LEU D 301 -21.44 -4.57 17.84
N GLU D 302 -22.54 -4.22 18.49
CA GLU D 302 -23.61 -5.19 18.70
C GLU D 302 -24.68 -5.15 17.61
N SER D 303 -24.82 -4.03 16.91
CA SER D 303 -25.86 -3.92 15.89
C SER D 303 -25.56 -2.91 14.78
N THR D 304 -24.28 -2.66 14.53
CA THR D 304 -23.91 -1.72 13.48
C THR D 304 -22.78 -2.28 12.63
N LEU D 305 -22.78 -3.61 12.48
CA LEU D 305 -21.81 -4.28 11.61
C LEU D 305 -22.28 -4.30 10.17
N ASP D 306 -21.32 -4.38 9.24
CA ASP D 306 -21.64 -4.44 7.82
C ASP D 306 -22.54 -5.65 7.55
N LYS D 307 -23.53 -5.45 6.68
CA LYS D 307 -24.48 -6.52 6.34
C LYS D 307 -23.78 -7.68 5.65
N ALA D 308 -22.65 -7.41 5.00
CA ALA D 308 -21.94 -8.43 4.25
C ALA D 308 -21.40 -9.52 5.19
N LEU D 309 -21.01 -9.11 6.39
CA LEU D 309 -20.45 -10.05 7.35
C LEU D 309 -21.55 -10.76 8.14
N VAL D 310 -22.55 -9.99 8.56
CA VAL D 310 -23.65 -10.56 9.34
C VAL D 310 -24.39 -11.61 8.54
N ASP D 311 -24.57 -11.37 7.25
CA ASP D 311 -25.27 -12.32 6.37
C ASP D 311 -24.51 -13.63 6.21
N ARG D 312 -23.22 -13.61 6.52
CA ARG D 312 -22.39 -14.80 6.42
C ARG D 312 -22.38 -15.60 7.71
N ALA D 313 -23.04 -15.07 8.74
CA ALA D 313 -23.03 -15.73 10.04
C ALA D 313 -24.22 -16.66 10.19
N ASP D 314 -23.97 -17.87 10.68
CA ASP D 314 -25.05 -18.82 10.90
C ASP D 314 -25.92 -18.32 12.04
N ILE D 315 -25.28 -17.84 13.10
CA ILE D 315 -25.97 -17.14 14.17
C ILE D 315 -25.13 -15.98 14.67
N VAL D 316 -25.80 -14.95 15.16
CA VAL D 316 -25.15 -13.85 15.85
C VAL D 316 -25.63 -13.87 17.28
N LYS D 317 -24.70 -13.86 18.22
CA LYS D 317 -25.08 -13.95 19.62
C LYS D 317 -24.48 -12.80 20.42
N ASN D 318 -25.33 -12.09 21.14
CA ASN D 318 -24.85 -11.01 22.00
C ASN D 318 -24.42 -11.55 23.35
N VAL D 319 -23.25 -11.11 23.81
CA VAL D 319 -22.71 -11.56 25.07
C VAL D 319 -22.93 -10.53 26.16
N GLY D 320 -23.65 -10.92 27.21
CA GLY D 320 -23.94 -10.02 28.31
C GLY D 320 -22.74 -9.89 29.25
N GLN D 321 -22.87 -9.02 30.23
CA GLN D 321 -21.84 -8.86 31.24
C GLN D 321 -21.77 -10.11 32.11
N PRO D 322 -20.54 -10.61 32.37
CA PRO D 322 -20.35 -11.76 33.25
C PRO D 322 -20.86 -11.47 34.65
N SER D 323 -21.53 -12.43 35.27
CA SER D 323 -22.17 -12.22 36.57
C SER D 323 -21.17 -12.13 37.71
N ASP D 324 -21.68 -11.80 38.89
CA ASP D 324 -20.84 -11.64 40.07
C ASP D 324 -20.13 -12.93 40.46
N PHE D 325 -20.73 -14.06 40.09
CA PHE D 325 -20.17 -15.35 40.43
C PHE D 325 -18.96 -15.69 39.58
N ALA D 326 -18.89 -15.09 38.39
CA ALA D 326 -17.74 -15.27 37.52
C ALA D 326 -16.52 -14.59 38.13
N ARG D 327 -16.74 -13.38 38.63
CA ARG D 327 -15.69 -12.63 39.29
C ARG D 327 -15.30 -13.26 40.63
N TYR D 328 -16.26 -13.88 41.31
CA TYR D 328 -15.96 -14.54 42.58
C TYR D 328 -15.07 -15.75 42.39
N SER D 329 -15.36 -16.56 41.36
CA SER D 329 -14.57 -17.75 41.06
C SER D 329 -13.09 -17.42 40.82
N MET D 330 -12.84 -16.40 40.00
CA MET D 330 -11.48 -15.98 39.69
C MET D 330 -10.74 -15.51 40.94
N LEU D 331 -11.42 -14.70 41.74
CA LEU D 331 -10.86 -14.20 42.99
C LEU D 331 -10.59 -15.34 43.96
N LYS D 332 -11.54 -16.25 44.07
CA LYS D 332 -11.41 -17.43 44.93
C LYS D 332 -10.23 -18.31 44.49
N SER D 333 -10.14 -18.53 43.19
CA SER D 333 -9.07 -19.36 42.63
C SER D 333 -7.71 -18.69 42.80
N SER D 334 -7.68 -17.37 42.75
CA SER D 334 -6.42 -16.64 42.95
C SER D 334 -5.90 -16.83 44.36
N ILE D 335 -6.80 -16.72 45.34
CA ILE D 335 -6.42 -16.84 46.74
C ILE D 335 -5.88 -18.23 47.06
N MET D 336 -6.53 -19.25 46.52
CA MET D 336 -6.11 -20.62 46.77
C MET D 336 -4.74 -20.89 46.16
N GLU D 337 -4.47 -20.29 45.01
CA GLU D 337 -3.17 -20.47 44.34
C GLU D 337 -2.08 -19.75 45.13
N LEU D 338 -2.43 -18.61 45.72
CA LEU D 338 -1.51 -17.92 46.62
C LEU D 338 -1.26 -18.76 47.87
N ALA D 339 -2.30 -19.46 48.32
CA ALA D 339 -2.18 -20.31 49.49
C ALA D 339 -1.33 -21.53 49.18
N ARG D 340 -1.49 -22.07 47.98
CA ARG D 340 -0.77 -23.29 47.58
C ARG D 340 0.73 -23.07 47.61
N ILE D 341 1.17 -21.87 47.24
CA ILE D 341 2.59 -21.56 47.14
C ILE D 341 3.11 -20.91 48.42
N GLY D 342 2.21 -20.66 49.37
CA GLY D 342 2.61 -20.17 50.67
C GLY D 342 2.64 -18.65 50.83
N VAL D 343 2.05 -17.94 49.88
CA VAL D 343 1.97 -16.49 49.98
C VAL D 343 0.88 -16.08 50.97
N VAL D 344 -0.26 -16.75 50.89
CA VAL D 344 -1.34 -16.52 51.84
C VAL D 344 -1.36 -17.64 52.87
N ILE D 345 -1.06 -17.30 54.12
CA ILE D 345 -1.04 -18.27 55.20
C ILE D 345 -1.82 -17.75 56.40
N ASP D 346 -2.78 -18.54 56.87
CA ASP D 346 -3.53 -18.19 58.06
C ASP D 346 -3.89 -19.45 58.86
N ASN D 347 -3.01 -19.81 59.79
CA ASN D 347 -3.26 -20.97 60.64
C ASN D 347 -4.33 -20.67 61.68
N GLU D 348 -4.56 -19.40 61.92
CA GLU D 348 -5.51 -18.94 62.93
C GLU D 348 -6.95 -19.23 62.49
N VAL D 349 -7.19 -19.25 61.18
CA VAL D 349 -8.50 -19.56 60.63
C VAL D 349 -8.53 -20.94 59.99
N HIS D 350 -9.42 -21.79 60.48
CA HIS D 350 -9.52 -23.17 60.01
C HIS D 350 -9.92 -23.25 58.53
N THR D 351 -9.64 -24.39 57.92
CA THR D 351 -9.89 -24.62 56.50
C THR D 351 -11.38 -24.47 56.13
N ASP D 352 -12.24 -24.94 57.02
CA ASP D 352 -13.68 -24.94 56.78
C ASP D 352 -14.24 -23.53 56.61
N TYR D 353 -13.57 -22.55 57.22
CA TYR D 353 -14.08 -21.17 57.21
C TYR D 353 -13.41 -20.33 56.12
N TRP D 354 -12.56 -20.97 55.33
CA TRP D 354 -11.95 -20.32 54.17
C TRP D 354 -13.00 -20.16 53.08
N PRO D 355 -12.79 -19.21 52.14
CA PRO D 355 -13.74 -19.01 51.05
C PRO D 355 -14.07 -20.32 50.33
N GLN D 356 -15.36 -20.61 50.20
CA GLN D 356 -15.79 -21.85 49.57
C GLN D 356 -16.41 -21.58 48.20
N ASP D 357 -16.54 -22.64 47.39
CA ASP D 357 -17.24 -22.54 46.12
C ASP D 357 -18.69 -22.15 46.37
N ILE D 358 -19.23 -21.28 45.52
CA ILE D 358 -20.66 -20.98 45.56
C ILE D 358 -21.35 -21.81 44.50
N CYS D 359 -21.54 -23.09 44.81
CA CYS D 359 -22.21 -24.01 43.91
C CYS D 359 -23.68 -23.65 43.75
N ASP D 360 -24.28 -23.22 44.86
CA ASP D 360 -25.68 -22.80 44.85
C ASP D 360 -25.78 -21.32 45.17
N THR D 361 -26.36 -20.55 44.26
CA THR D 361 -26.44 -19.11 44.39
C THR D 361 -27.28 -18.66 45.59
N LYS D 362 -28.36 -19.39 45.86
CA LYS D 362 -29.22 -19.07 46.99
C LYS D 362 -29.00 -20.06 48.14
N ALA D 363 -27.81 -19.98 48.72
CA ALA D 363 -27.39 -20.89 49.77
C ALA D 363 -26.62 -20.10 50.83
N PRO D 364 -26.60 -20.60 52.08
CA PRO D 364 -25.87 -19.87 53.12
C PRO D 364 -24.35 -19.91 52.91
N ARG D 365 -23.64 -18.87 53.33
CA ARG D 365 -22.21 -18.77 53.05
C ARG D 365 -21.38 -18.41 54.26
N ASN D 366 -20.09 -18.74 54.20
CA ASN D 366 -19.14 -18.34 55.23
C ASN D 366 -19.06 -16.83 55.36
N GLU D 367 -18.48 -16.36 56.47
CA GLU D 367 -18.24 -14.94 56.63
C GLU D 367 -17.21 -14.46 55.61
N PHE D 368 -16.17 -15.26 55.39
CA PHE D 368 -15.12 -14.90 54.45
C PHE D 368 -15.62 -14.98 53.01
N THR D 369 -16.53 -15.92 52.76
CA THR D 369 -17.15 -16.06 51.45
C THR D 369 -18.01 -14.82 51.15
N GLU D 370 -18.70 -14.34 52.18
CA GLU D 370 -19.54 -13.15 52.03
C GLU D 370 -18.68 -11.91 51.82
N ILE D 371 -17.54 -11.86 52.51
CA ILE D 371 -16.59 -10.77 52.32
C ILE D 371 -16.07 -10.77 50.89
N LEU D 372 -15.66 -11.94 50.43
CA LEU D 372 -15.08 -12.07 49.10
C LEU D 372 -16.09 -11.76 48.00
N PHE D 373 -17.33 -12.17 48.20
CA PHE D 373 -18.38 -11.95 47.21
C PHE D 373 -18.67 -10.47 47.03
N LYS D 374 -18.56 -9.71 48.11
CA LYS D 374 -18.76 -8.26 48.03
C LYS D 374 -17.63 -7.62 47.24
N ILE D 375 -16.44 -8.21 47.34
CA ILE D 375 -15.30 -7.76 46.56
C ILE D 375 -15.54 -8.05 45.08
N ALA D 376 -16.13 -9.20 44.79
CA ALA D 376 -16.51 -9.55 43.42
C ALA D 376 -17.55 -8.56 42.90
N GLN D 377 -18.43 -8.10 43.77
CA GLN D 377 -19.44 -7.12 43.39
C GLN D 377 -18.77 -5.77 43.16
N GLU D 378 -17.74 -5.50 43.95
CA GLU D 378 -17.03 -4.22 43.85
C GLU D 378 -16.17 -4.15 42.58
N ALA D 379 -15.84 -5.31 42.03
CA ALA D 379 -14.96 -5.38 40.86
C ALA D 379 -15.76 -5.55 39.57
N ARG D 380 -16.99 -5.06 39.57
CA ARG D 380 -17.88 -5.24 38.42
C ARG D 380 -17.34 -4.58 37.16
N GLY D 381 -16.60 -3.50 37.32
CA GLY D 381 -16.04 -2.80 36.18
C GLY D 381 -14.93 -3.56 35.48
N LEU D 382 -14.20 -4.36 36.25
CA LEU D 382 -13.01 -5.04 35.74
C LEU D 382 -13.35 -6.30 34.94
N SER D 383 -12.56 -6.54 33.90
CA SER D 383 -12.70 -7.74 33.07
C SER D 383 -12.11 -8.95 33.78
N GLY D 384 -12.29 -10.11 33.17
CA GLY D 384 -11.76 -11.35 33.73
C GLY D 384 -10.25 -11.37 33.76
N ARG D 385 -9.63 -10.72 32.78
CA ARG D 385 -8.17 -10.69 32.69
C ARG D 385 -7.58 -9.78 33.75
N ALA D 386 -8.16 -8.59 33.92
CA ALA D 386 -7.71 -7.63 34.92
C ALA D 386 -7.74 -8.19 36.34
N ILE D 387 -8.73 -9.04 36.63
CA ILE D 387 -8.87 -9.64 37.95
C ILE D 387 -7.74 -10.64 38.23
N SER D 388 -7.35 -11.40 37.20
CA SER D 388 -6.27 -12.38 37.32
C SER D 388 -4.91 -11.71 37.49
N MET D 389 -4.85 -10.42 37.22
CA MET D 389 -3.63 -9.63 37.39
C MET D 389 -3.48 -9.12 38.82
N LEU D 390 -4.60 -8.92 39.49
CA LEU D 390 -4.64 -8.34 40.83
C LEU D 390 -3.72 -8.97 41.87
N PRO D 391 -3.63 -10.32 41.93
CA PRO D 391 -2.80 -10.90 43.00
C PRO D 391 -1.35 -10.42 43.02
N THR D 392 -0.81 -10.09 41.85
CA THR D 392 0.55 -9.56 41.78
C THR D 392 0.63 -8.20 42.44
N LEU D 393 -0.39 -7.38 42.23
CA LEU D 393 -0.48 -6.07 42.86
C LEU D 393 -0.70 -6.22 44.36
N VAL D 394 -1.49 -7.23 44.74
CA VAL D 394 -1.76 -7.54 46.13
C VAL D 394 -0.49 -7.93 46.87
N TYR D 395 0.28 -8.83 46.27
CA TYR D 395 1.56 -9.26 46.84
C TYR D 395 2.51 -8.08 46.95
N SER D 396 2.49 -7.22 45.94
CA SER D 396 3.31 -6.01 45.91
C SER D 396 2.96 -5.05 47.05
N LYS D 397 1.68 -5.01 47.40
CA LYS D 397 1.16 -4.11 48.43
C LYS D 397 1.39 -4.64 49.84
N SER D 398 1.49 -5.96 49.97
CA SER D 398 1.65 -6.58 51.28
C SER D 398 2.95 -6.19 51.97
N PRO D 399 2.84 -5.55 53.14
CA PRO D 399 4.02 -5.22 53.95
C PRO D 399 4.68 -6.47 54.52
N GLU D 400 3.88 -7.47 54.84
CA GLU D 400 4.38 -8.74 55.34
C GLU D 400 4.80 -9.66 54.20
N GLU D 401 5.75 -10.55 54.47
CA GLU D 401 6.20 -11.52 53.48
C GLU D 401 5.12 -12.57 53.22
N THR D 402 4.37 -12.90 54.26
CA THR D 402 3.22 -13.79 54.12
C THR D 402 1.96 -13.04 54.54
N ILE D 403 0.87 -13.30 53.82
CA ILE D 403 -0.39 -12.59 54.05
C ILE D 403 -1.38 -13.46 54.83
N THR D 404 -1.89 -12.91 55.94
CA THR D 404 -2.93 -13.59 56.71
C THR D 404 -4.26 -13.41 55.97
N LEU D 405 -5.21 -14.29 56.22
CA LEU D 405 -6.46 -14.30 55.46
C LEU D 405 -7.29 -13.01 55.58
N PRO D 406 -7.45 -12.46 56.81
CA PRO D 406 -8.18 -11.19 56.85
C PRO D 406 -7.48 -10.05 56.09
N ASN D 407 -6.16 -9.94 56.21
CA ASN D 407 -5.41 -8.92 55.47
C ASN D 407 -5.47 -9.16 53.97
N CYS D 408 -5.60 -10.43 53.59
CA CYS D 408 -5.71 -10.79 52.18
C CYS D 408 -6.98 -10.20 51.57
N MET D 409 -8.04 -10.17 52.37
CA MET D 409 -9.31 -9.64 51.89
C MET D 409 -9.25 -8.14 51.69
N ASN D 410 -8.51 -7.45 52.55
CA ASN D 410 -8.39 -6.00 52.48
C ASN D 410 -7.51 -5.56 51.32
N LEU D 411 -6.44 -6.31 51.08
CA LEU D 411 -5.49 -5.99 50.02
C LEU D 411 -6.12 -6.16 48.63
N PHE D 412 -6.94 -7.19 48.46
CA PHE D 412 -7.63 -7.41 47.20
C PHE D 412 -8.63 -6.29 46.92
N LEU D 413 -9.39 -5.93 47.94
CA LEU D 413 -10.36 -4.85 47.82
C LEU D 413 -9.67 -3.53 47.45
N GLU D 414 -8.48 -3.32 48.02
CA GLU D 414 -7.73 -2.12 47.72
C GLU D 414 -7.20 -2.17 46.30
N ALA D 415 -6.77 -3.35 45.87
CA ALA D 415 -6.25 -3.54 44.52
C ALA D 415 -7.36 -3.35 43.49
N VAL D 416 -8.56 -3.84 43.81
CA VAL D 416 -9.71 -3.67 42.95
C VAL D 416 -10.05 -2.19 42.76
N LYS D 417 -10.15 -1.47 43.87
CA LYS D 417 -10.45 -0.05 43.84
C LYS D 417 -9.41 0.74 43.05
N GLU D 418 -8.15 0.36 43.25
CA GLU D 418 -7.04 1.05 42.60
C GLU D 418 -7.09 0.88 41.08
N ARG D 419 -7.39 -0.33 40.62
CA ARG D 419 -7.39 -0.61 39.19
C ARG D 419 -8.57 0.05 38.49
N LEU D 420 -9.70 0.14 39.19
CA LEU D 420 -10.87 0.84 38.66
C LEU D 420 -10.61 2.34 38.53
N SER D 421 -9.83 2.87 39.47
CA SER D 421 -9.55 4.30 39.52
C SER D 421 -8.73 4.77 38.32
N ARG D 422 -7.91 3.87 37.79
CA ARG D 422 -7.08 4.19 36.65
C ARG D 422 -7.86 4.09 35.34
N LEU E 8 6.74 -1.72 60.47
CA LEU E 8 7.88 -1.96 59.59
C LEU E 8 8.27 -3.40 59.68
N LYS E 9 7.60 -4.24 58.89
CA LYS E 9 7.73 -5.70 58.97
C LYS E 9 8.94 -6.26 58.24
N ASN E 10 9.29 -5.68 57.10
CA ASN E 10 10.36 -6.24 56.28
C ASN E 10 11.42 -5.23 55.79
N ILE E 11 12.68 -5.47 56.15
CA ILE E 11 13.86 -4.81 55.56
C ILE E 11 14.86 -5.84 55.05
N HIS E 12 15.55 -5.54 53.95
CA HIS E 12 16.59 -6.41 53.46
C HIS E 12 17.98 -5.82 53.67
N ALA E 13 18.99 -6.69 53.59
CA ALA E 13 20.37 -6.27 53.79
C ALA E 13 21.26 -6.84 52.69
N GLU E 14 22.03 -5.96 52.05
CA GLU E 14 22.95 -6.35 51.00
C GLU E 14 24.38 -6.03 51.40
N ILE E 15 25.22 -7.07 51.46
CA ILE E 15 26.61 -6.91 51.87
C ILE E 15 27.57 -7.36 50.79
N ARG E 16 28.50 -6.49 50.42
CA ARG E 16 29.55 -6.84 49.48
C ARG E 16 30.71 -7.51 50.20
N ILE E 17 31.21 -8.61 49.65
CA ILE E 17 32.31 -9.31 50.27
C ILE E 17 33.51 -9.44 49.34
N CYS E 18 34.69 -9.29 49.92
CA CYS E 18 35.94 -9.47 49.20
C CYS E 18 36.02 -10.78 48.42
N GLN E 19 36.72 -10.70 47.30
CA GLN E 19 36.88 -11.81 46.37
C GLN E 19 37.79 -12.88 46.98
N LYS E 20 38.73 -12.42 47.79
CA LYS E 20 39.70 -13.29 48.44
C LYS E 20 39.04 -14.26 49.42
N PHE E 21 38.16 -13.73 50.24
CA PHE E 21 37.51 -14.53 51.29
C PHE E 21 36.47 -15.49 50.72
N PRO E 22 36.44 -16.72 51.26
CA PRO E 22 35.47 -17.73 50.85
C PRO E 22 34.07 -17.41 51.36
N LYS E 23 33.06 -18.09 50.81
CA LYS E 23 31.69 -17.82 51.18
C LYS E 23 31.30 -18.52 52.47
N SER E 24 32.12 -19.45 52.92
CA SER E 24 31.77 -20.27 54.08
C SER E 24 32.16 -19.62 55.41
N THR E 25 33.27 -18.89 55.42
CA THR E 25 33.76 -18.28 56.65
C THR E 25 32.89 -17.12 57.09
N VAL E 26 32.25 -16.47 56.12
CA VAL E 26 31.37 -15.35 56.41
C VAL E 26 29.99 -15.87 56.81
N GLN E 27 29.74 -17.14 56.50
CA GLN E 27 28.57 -17.83 57.01
C GLN E 27 28.84 -18.20 58.46
N LYS E 28 30.12 -18.26 58.82
CA LYS E 28 30.54 -18.55 60.18
C LYS E 28 30.57 -17.28 61.02
N ARG E 29 30.79 -16.14 60.38
CA ARG E 29 30.75 -14.84 61.04
C ARG E 29 29.41 -14.17 60.78
N PHE E 30 28.42 -14.98 60.44
CA PHE E 30 27.08 -14.50 60.08
C PHE E 30 26.41 -13.72 61.19
N SER E 31 26.47 -14.25 62.41
CA SER E 31 25.73 -13.70 63.54
C SER E 31 26.15 -12.27 63.90
N GLU E 32 27.44 -11.98 63.78
CA GLU E 32 27.96 -10.64 64.11
C GLU E 32 27.54 -9.63 63.07
N PHE E 33 27.47 -10.05 61.81
CA PHE E 33 27.00 -9.20 60.73
C PHE E 33 25.60 -8.66 61.02
N GLU E 34 24.71 -9.56 61.41
CA GLU E 34 23.33 -9.22 61.73
C GLU E 34 23.27 -8.15 62.82
N GLU E 35 24.15 -8.28 63.81
CA GLU E 35 24.19 -7.32 64.90
C GLU E 35 24.90 -6.04 64.49
N LEU E 36 25.87 -6.16 63.59
CA LEU E 36 26.54 -4.99 63.03
C LEU E 36 25.57 -4.21 62.17
N ILE E 37 24.72 -4.94 61.45
CA ILE E 37 23.66 -4.34 60.66
C ILE E 37 22.71 -3.58 61.59
N LYS E 38 22.40 -4.18 62.73
CA LYS E 38 21.55 -3.56 63.73
C LYS E 38 22.20 -2.29 64.29
N ALA E 39 23.52 -2.34 64.49
CA ALA E 39 24.26 -1.18 64.96
C ALA E 39 24.32 -0.09 63.90
N ALA E 40 24.50 -0.51 62.65
CA ALA E 40 24.55 0.41 61.53
C ALA E 40 23.16 0.98 61.23
N SER E 41 22.14 0.23 61.60
CA SER E 41 20.75 0.61 61.34
C SER E 41 20.33 1.82 62.18
N LYS E 42 21.06 2.09 63.25
CA LYS E 42 20.76 3.22 64.13
C LYS E 42 20.70 4.52 63.34
N ASN E 43 21.70 4.74 62.49
CA ASN E 43 21.73 5.91 61.63
C ASN E 43 21.95 5.49 60.18
N ALA E 44 20.90 5.57 59.37
CA ALA E 44 20.99 5.13 57.98
C ALA E 44 19.92 5.79 57.13
N ARG E 45 20.18 5.87 55.83
CA ARG E 45 19.18 6.34 54.89
C ARG E 45 18.65 5.15 54.09
N ASN E 46 17.34 5.14 53.85
CA ASN E 46 16.71 4.05 53.10
C ASN E 46 17.29 3.94 51.70
N TRP E 47 17.66 2.72 51.31
CA TRP E 47 18.25 2.45 50.00
C TRP E 47 19.53 3.25 49.74
N LYS E 48 20.15 3.74 50.81
CA LYS E 48 21.42 4.44 50.71
C LYS E 48 22.47 3.75 51.56
N PRO E 49 23.59 3.34 50.94
CA PRO E 49 24.66 2.61 51.61
C PRO E 49 25.56 3.52 52.45
N ILE E 50 26.23 2.95 53.45
CA ILE E 50 27.20 3.70 54.24
C ILE E 50 28.43 2.85 54.53
N SER E 51 29.61 3.42 54.30
CA SER E 51 30.88 2.74 54.58
C SER E 51 31.70 3.50 55.61
N SER E 52 32.33 2.76 56.53
CA SER E 52 33.15 3.36 57.57
C SER E 52 34.08 2.33 58.19
N LEU E 62 38.05 -8.67 60.22
CA LEU E 62 36.78 -8.51 60.92
C LEU E 62 35.95 -7.37 60.33
N ASN E 63 36.00 -6.22 60.99
CA ASN E 63 35.23 -5.05 60.56
C ASN E 63 35.67 -4.53 59.20
N GLU E 64 36.91 -4.83 58.83
CA GLU E 64 37.52 -4.24 57.65
C GLU E 64 37.37 -5.09 56.40
N LEU E 65 36.59 -6.17 56.49
CA LEU E 65 36.51 -7.11 55.38
C LEU E 65 35.42 -6.74 54.37
N PHE E 66 34.20 -6.49 54.85
CA PHE E 66 33.09 -6.19 53.96
C PHE E 66 33.29 -4.81 53.34
N GLU E 67 33.11 -4.72 52.03
CA GLU E 67 33.40 -3.50 51.29
C GLU E 67 32.25 -2.51 51.28
N LYS E 68 31.02 -3.00 51.40
CA LYS E 68 29.86 -2.12 51.42
C LYS E 68 28.63 -2.80 52.03
N LEU E 69 27.74 -1.97 52.58
CA LEU E 69 26.49 -2.45 53.16
C LEU E 69 25.32 -1.54 52.80
N VAL E 70 24.25 -2.13 52.30
CA VAL E 70 23.03 -1.38 52.01
C VAL E 70 21.83 -2.03 52.68
N ILE E 71 21.04 -1.26 53.40
CA ILE E 71 19.76 -1.75 53.91
C ILE E 71 18.63 -0.89 53.38
N GLY E 72 17.51 -1.54 53.07
CA GLY E 72 16.39 -0.83 52.45
C GLY E 72 15.06 -1.53 52.62
N THR E 73 13.99 -0.74 52.60
CA THR E 73 12.64 -1.26 52.68
C THR E 73 11.71 -0.45 51.78
N CYS E 74 10.72 -1.12 51.20
CA CYS E 74 9.78 -0.45 50.30
C CYS E 74 8.73 0.32 51.09
N GLU E 75 8.67 0.03 52.39
CA GLU E 75 7.72 0.68 53.27
C GLU E 75 8.10 2.14 53.50
N LEU E 76 9.34 2.38 53.90
CA LEU E 76 9.85 3.74 54.06
C LEU E 76 10.10 4.38 52.70
N ARG E 77 10.04 5.72 52.66
CA ARG E 77 10.32 6.44 51.43
C ARG E 77 11.78 6.27 51.01
N ASP E 78 12.11 6.77 49.82
CA ASP E 78 13.43 6.57 49.25
C ASP E 78 14.54 7.10 50.16
N GLY E 79 14.63 8.42 50.32
CA GLY E 79 15.74 9.00 51.04
C GLY E 79 15.64 9.00 52.56
N GLU E 80 14.53 8.49 53.10
CA GLU E 80 14.21 8.62 54.52
C GLU E 80 15.31 8.08 55.45
N LEU E 81 15.33 8.59 56.68
CA LEU E 81 16.46 8.44 57.59
C LEU E 81 16.23 7.40 58.71
N PHE E 82 15.12 6.67 58.64
CA PHE E 82 14.75 5.71 59.70
C PHE E 82 14.58 6.41 61.04
N GLU E 83 14.09 7.66 61.01
CA GLU E 83 14.02 8.47 62.23
C GLU E 83 13.09 7.88 63.30
N ASN E 84 11.80 7.77 62.96
CA ASN E 84 10.81 7.34 63.94
C ASN E 84 10.92 5.87 64.32
N VAL E 85 11.18 5.02 63.33
CA VAL E 85 11.04 3.58 63.51
C VAL E 85 12.34 2.87 63.91
N ASN E 86 12.23 1.93 64.84
CA ASN E 86 13.38 1.14 65.28
C ASN E 86 12.96 -0.12 66.02
N ASP E 87 13.94 -0.96 66.35
CA ASP E 87 13.80 -2.11 67.25
C ASP E 87 12.90 -3.23 66.75
N LEU E 88 12.80 -3.38 65.43
CA LEU E 88 12.20 -4.57 64.86
C LEU E 88 13.25 -5.23 63.97
N THR E 89 13.87 -6.28 64.50
CA THR E 89 15.08 -6.84 63.92
C THR E 89 14.89 -7.31 62.48
N ILE E 90 15.92 -7.11 61.67
CA ILE E 90 15.93 -7.58 60.30
C ILE E 90 16.12 -9.09 60.29
N ASN E 91 15.21 -9.79 59.61
CA ASN E 91 15.27 -11.24 59.55
C ASN E 91 16.58 -11.71 58.91
N PRO E 92 17.28 -12.63 59.57
CA PRO E 92 18.56 -13.18 59.09
C PRO E 92 18.50 -13.75 57.67
N SER E 93 17.29 -13.91 57.14
CA SER E 93 17.11 -14.38 55.78
C SER E 93 17.06 -13.22 54.79
N ASN E 94 16.87 -12.01 55.31
CA ASN E 94 16.83 -10.82 54.48
C ASN E 94 18.21 -10.29 54.17
N ILE E 95 19.23 -10.96 54.72
CA ILE E 95 20.59 -10.54 54.48
C ILE E 95 21.22 -11.33 53.35
N HIS E 96 21.60 -10.64 52.27
CA HIS E 96 22.23 -11.28 51.13
C HIS E 96 23.66 -10.76 50.92
N VAL E 97 24.54 -11.67 50.52
CA VAL E 97 25.95 -11.36 50.28
C VAL E 97 26.26 -11.53 48.79
N TYR E 98 26.96 -10.56 48.20
CA TYR E 98 27.22 -10.57 46.77
C TYR E 98 28.66 -10.19 46.47
N LYS E 99 29.12 -10.65 45.31
CA LYS E 99 30.43 -10.35 44.77
C LYS E 99 30.29 -9.75 43.38
N LEU E 100 30.95 -8.61 43.15
CA LEU E 100 30.85 -7.96 41.86
C LEU E 100 31.70 -8.67 40.80
N HIS E 101 31.08 -9.00 39.68
CA HIS E 101 31.76 -9.68 38.58
C HIS E 101 32.46 -8.66 37.69
N LYS E 102 33.79 -8.73 37.63
CA LYS E 102 34.58 -7.73 36.90
C LYS E 102 34.80 -8.11 35.44
N ASP E 103 34.00 -9.05 34.95
CA ASP E 103 34.16 -9.55 33.58
C ASP E 103 33.89 -8.46 32.53
N GLY E 104 32.86 -7.64 32.79
CA GLY E 104 32.46 -6.63 31.84
C GLY E 104 31.49 -7.20 30.82
N PRO E 105 30.88 -6.33 30.01
CA PRO E 105 29.93 -6.75 28.97
C PRO E 105 30.60 -7.53 27.85
N LEU E 106 29.87 -8.51 27.29
CA LEU E 106 30.38 -9.32 26.20
C LEU E 106 29.30 -9.58 25.16
N GLY E 121 24.34 -8.22 18.07
CA GLY E 121 23.67 -6.95 18.35
C GLY E 121 23.20 -6.84 19.79
N SER E 122 23.69 -7.75 20.63
CA SER E 122 23.32 -7.77 22.04
C SER E 122 24.56 -7.82 22.93
N GLN E 123 24.43 -7.30 24.14
CA GLN E 123 25.52 -7.35 25.11
C GLN E 123 25.11 -8.17 26.32
N LEU E 124 26.02 -9.00 26.81
CA LEU E 124 25.73 -9.88 27.94
C LEU E 124 26.34 -9.34 29.23
N TRP E 125 25.50 -9.20 30.25
CA TRP E 125 25.97 -8.73 31.55
C TRP E 125 25.79 -9.83 32.60
N GLN E 126 26.86 -10.12 33.33
CA GLN E 126 26.79 -11.05 34.45
C GLN E 126 26.54 -10.30 35.75
N LEU E 127 25.44 -10.65 36.43
CA LEU E 127 25.00 -9.89 37.60
C LEU E 127 25.25 -10.62 38.93
N PRO E 128 25.66 -9.87 39.95
CA PRO E 128 25.91 -8.42 39.92
C PRO E 128 27.25 -8.04 39.27
N CYS E 129 27.28 -6.90 38.58
CA CYS E 129 28.52 -6.41 37.99
C CYS E 129 28.89 -5.01 38.50
N VAL E 130 30.13 -4.60 38.25
CA VAL E 130 30.69 -3.38 38.82
C VAL E 130 30.17 -2.13 38.08
N GLU E 131 29.67 -2.34 36.87
CA GLU E 131 29.11 -1.26 36.04
C GLU E 131 27.68 -0.89 36.44
N PHE E 132 27.01 -1.77 37.18
CA PHE E 132 25.65 -1.51 37.63
C PHE E 132 25.62 -1.17 39.11
N ASP E 133 26.80 -1.15 39.74
CA ASP E 133 26.91 -1.11 41.19
C ASP E 133 26.34 0.16 41.85
N SER E 134 26.65 1.31 41.28
CA SER E 134 26.28 2.58 41.91
C SER E 134 25.05 3.23 41.28
N ILE E 135 24.40 2.51 40.37
CA ILE E 135 23.30 3.07 39.59
C ILE E 135 22.05 3.37 40.42
N TRP E 136 21.64 2.43 41.25
CA TRP E 136 20.37 2.55 41.97
C TRP E 136 20.39 3.65 43.03
N GLU E 137 21.51 3.77 43.74
CA GLU E 137 21.63 4.74 44.81
C GLU E 137 21.57 6.18 44.30
N ASN E 138 21.91 6.38 43.03
CA ASN E 138 22.06 7.73 42.50
C ASN E 138 20.96 8.15 41.53
N LEU E 139 19.91 7.34 41.43
CA LEU E 139 18.74 7.75 40.67
C LEU E 139 17.80 8.52 41.58
N ILE E 140 17.27 9.63 41.08
CA ILE E 140 16.46 10.53 41.91
C ILE E 140 15.11 10.86 41.29
N TYR E 141 14.05 10.44 41.96
CA TYR E 141 12.68 10.76 41.55
C TYR E 141 11.91 11.28 42.76
N ASP E 142 10.89 12.09 42.50
CA ASP E 142 10.04 12.60 43.57
C ASP E 142 8.88 11.63 43.85
N SER E 143 8.69 10.68 42.95
CA SER E 143 7.44 9.95 42.84
C SER E 143 7.24 8.82 43.84
N ASN E 144 8.31 8.44 44.53
CA ASN E 144 8.35 7.15 45.24
C ASN E 144 8.22 6.03 44.20
N LEU E 145 8.61 6.36 42.97
CA LEU E 145 8.56 5.46 41.83
C LEU E 145 9.48 4.27 41.97
N LYS E 146 10.65 4.48 42.57
CA LYS E 146 11.63 3.41 42.70
C LYS E 146 11.12 2.28 43.58
N ASN E 147 10.41 2.62 44.66
CA ASN E 147 9.81 1.60 45.53
C ASN E 147 8.70 0.83 44.82
N GLU E 148 7.86 1.56 44.09
CA GLU E 148 6.75 0.95 43.38
C GLU E 148 7.23 -0.07 42.37
N VAL E 149 8.23 0.30 41.57
CA VAL E 149 8.80 -0.60 40.57
C VAL E 149 9.50 -1.77 41.23
N MET E 150 10.33 -1.48 42.22
CA MET E 150 11.09 -2.50 42.93
C MET E 150 10.18 -3.56 43.55
N SER E 151 9.21 -3.11 44.33
CA SER E 151 8.33 -4.02 45.05
C SER E 151 7.44 -4.83 44.10
N TYR E 152 7.05 -4.22 42.98
CA TYR E 152 6.19 -4.94 42.03
C TYR E 152 6.98 -6.00 41.29
N VAL E 153 8.16 -5.64 40.80
CA VAL E 153 8.97 -6.56 40.03
C VAL E 153 9.51 -7.67 40.94
N ALA E 154 9.76 -7.32 42.20
CA ALA E 154 10.15 -8.33 43.17
C ALA E 154 9.03 -9.34 43.35
N ALA E 155 7.80 -8.84 43.43
CA ALA E 155 6.62 -9.70 43.53
C ALA E 155 6.51 -10.62 42.32
N LEU E 156 6.79 -10.09 41.14
CA LEU E 156 6.85 -10.89 39.91
C LEU E 156 7.90 -12.01 39.99
N ALA E 157 9.07 -11.67 40.50
CA ALA E 157 10.17 -12.62 40.58
C ALA E 157 9.90 -13.71 41.61
N ARG E 158 9.30 -13.33 42.74
CA ARG E 158 8.96 -14.28 43.79
C ARG E 158 7.93 -15.30 43.31
N LEU E 159 6.84 -14.80 42.75
CA LEU E 159 5.79 -15.66 42.22
C LEU E 159 6.37 -16.63 41.20
N SER E 160 7.16 -16.10 40.27
CA SER E 160 7.81 -16.93 39.25
C SER E 160 8.73 -17.97 39.89
N GLU E 161 9.38 -17.59 40.99
CA GLU E 161 10.21 -18.53 41.74
C GLU E 161 9.34 -19.60 42.40
N LYS E 162 8.16 -19.22 42.86
CA LYS E 162 7.23 -20.15 43.48
C LYS E 162 6.58 -21.06 42.45
N HIS E 163 6.79 -20.75 41.17
CA HIS E 163 6.19 -21.47 40.05
C HIS E 163 4.65 -21.44 40.12
N VAL E 164 4.11 -20.22 40.17
CA VAL E 164 2.67 -20.00 40.18
C VAL E 164 2.03 -20.42 38.86
N ASN E 165 0.82 -20.96 38.94
CA ASN E 165 0.09 -21.34 37.74
C ASN E 165 -0.34 -20.12 36.93
N THR E 166 0.19 -20.00 35.73
CA THR E 166 -0.13 -18.89 34.83
C THR E 166 -1.62 -18.87 34.48
N LYS E 167 -2.22 -20.05 34.38
CA LYS E 167 -3.63 -20.17 34.00
C LYS E 167 -4.57 -19.57 35.06
N ILE E 168 -4.22 -19.76 36.32
CA ILE E 168 -5.00 -19.21 37.41
C ILE E 168 -4.67 -17.74 37.59
N ILE E 169 -3.38 -17.45 37.72
CA ILE E 169 -2.90 -16.09 37.93
C ILE E 169 -2.06 -15.61 36.76
N ASN E 170 -2.48 -14.51 36.12
CA ASN E 170 -1.75 -13.98 34.98
C ASN E 170 -0.51 -13.21 35.39
N VAL E 171 0.65 -13.82 35.15
CA VAL E 171 1.94 -13.18 35.39
C VAL E 171 2.74 -13.22 34.10
N ASN E 172 2.93 -12.05 33.49
CA ASN E 172 3.52 -11.97 32.16
C ASN E 172 5.04 -11.94 32.15
N ARG E 173 5.65 -11.57 33.27
CA ARG E 173 7.10 -11.44 33.38
C ARG E 173 7.64 -10.44 32.36
N LEU E 174 6.85 -9.40 32.10
CA LEU E 174 7.24 -8.29 31.26
C LEU E 174 6.81 -7.00 31.94
N ILE E 175 7.71 -6.02 32.02
CA ILE E 175 7.32 -4.69 32.48
C ILE E 175 7.75 -3.65 31.45
N LEU E 176 7.02 -2.54 31.40
CA LEU E 176 7.27 -1.52 30.38
C LEU E 176 7.37 -0.13 31.00
N LEU E 177 8.53 0.49 30.82
CA LEU E 177 8.74 1.85 31.29
C LEU E 177 8.68 2.84 30.13
N THR E 178 7.71 3.76 30.19
CA THR E 178 7.57 4.74 29.13
C THR E 178 7.87 6.13 29.66
N GLY E 179 8.28 7.02 28.76
CA GLY E 179 8.54 8.40 29.14
C GLY E 179 9.54 9.08 28.22
N PRO E 180 9.66 10.40 28.33
CA PRO E 180 10.64 11.21 27.58
C PRO E 180 12.07 10.68 27.74
N PRO E 181 12.90 10.89 26.70
CA PRO E 181 14.28 10.39 26.57
C PRO E 181 15.23 10.60 27.76
N GLY E 182 15.11 11.71 28.48
CA GLY E 182 16.11 12.02 29.48
C GLY E 182 15.84 11.58 30.90
N THR E 183 14.84 10.73 31.10
CA THR E 183 14.35 10.43 32.44
C THR E 183 15.06 9.26 33.14
N GLY E 184 15.94 8.58 32.42
CA GLY E 184 16.72 7.52 33.03
C GLY E 184 15.99 6.20 33.20
N LYS E 185 15.27 5.77 32.16
CA LYS E 185 14.51 4.53 32.21
C LYS E 185 15.42 3.31 32.11
N THR E 186 16.47 3.43 31.29
CA THR E 186 17.43 2.35 31.11
C THR E 186 18.17 2.06 32.40
N SER E 187 18.57 3.14 33.08
CA SER E 187 19.30 3.04 34.34
C SER E 187 18.43 2.36 35.40
N LEU E 188 17.14 2.66 35.39
CA LEU E 188 16.19 2.01 36.29
C LEU E 188 16.18 0.51 36.09
N CYS E 189 16.19 0.07 34.83
CA CYS E 189 16.11 -1.35 34.53
C CYS E 189 17.37 -2.09 34.96
N LYS E 190 18.52 -1.46 34.74
CA LYS E 190 19.79 -2.07 35.14
C LYS E 190 19.89 -2.14 36.65
N GLY E 191 19.60 -1.03 37.32
CA GLY E 191 19.63 -0.98 38.77
C GLY E 191 18.67 -1.97 39.39
N LEU E 192 17.52 -2.14 38.75
CA LEU E 192 16.52 -3.07 39.21
C LEU E 192 17.03 -4.50 39.09
N ALA E 193 17.57 -4.83 37.92
CA ALA E 193 18.10 -6.16 37.66
C ALA E 193 19.26 -6.50 38.60
N GLN E 194 20.07 -5.50 38.92
CA GLN E 194 21.17 -5.68 39.85
C GLN E 194 20.65 -6.03 41.24
N HIS E 195 19.68 -5.27 41.71
CA HIS E 195 19.13 -5.47 43.06
C HIS E 195 18.41 -6.80 43.19
N LEU E 196 17.70 -7.22 42.14
CA LEU E 196 16.98 -8.48 42.18
C LEU E 196 17.93 -9.66 42.22
N SER E 197 19.05 -9.55 41.52
CA SER E 197 20.04 -10.61 41.48
C SER E 197 20.61 -10.86 42.87
N ILE E 198 20.80 -9.80 43.64
CA ILE E 198 21.29 -9.92 45.01
C ILE E 198 20.20 -10.46 45.93
N ARG E 199 18.97 -9.97 45.77
CA ARG E 199 17.85 -10.38 46.61
C ARG E 199 17.46 -11.83 46.40
N MET E 200 17.71 -12.36 45.22
CA MET E 200 17.35 -13.74 44.90
C MET E 200 18.58 -14.63 44.78
N ASN E 201 19.69 -14.22 45.37
CA ASN E 201 20.94 -14.97 45.27
C ASN E 201 20.88 -16.28 46.04
N ASP E 202 19.90 -16.40 46.94
CA ASP E 202 19.72 -17.62 47.71
C ASP E 202 18.92 -18.62 46.89
N LYS E 203 17.98 -18.12 46.10
CA LYS E 203 17.15 -18.95 45.23
C LYS E 203 17.84 -19.28 43.91
N TYR E 204 18.68 -18.37 43.45
CA TYR E 204 19.39 -18.56 42.18
C TYR E 204 20.91 -18.59 42.37
N SER E 205 21.56 -19.52 41.68
CA SER E 205 23.02 -19.64 41.75
C SER E 205 23.70 -18.60 40.88
N LYS E 206 23.12 -18.33 39.71
CA LYS E 206 23.71 -17.42 38.74
C LYS E 206 22.68 -16.40 38.26
N SER E 207 23.14 -15.26 37.77
CA SER E 207 22.23 -14.25 37.23
C SER E 207 22.86 -13.51 36.06
N VAL E 208 22.26 -13.66 34.87
CA VAL E 208 22.77 -12.99 33.68
C VAL E 208 21.76 -11.98 33.17
N MET E 209 22.23 -11.02 32.37
CA MET E 209 21.35 -10.04 31.75
C MET E 209 21.77 -9.72 30.33
N LEU E 210 20.81 -9.76 29.42
CA LEU E 210 21.08 -9.49 28.01
C LEU E 210 20.43 -8.17 27.57
N GLU E 211 21.26 -7.23 27.15
CA GLU E 211 20.79 -5.92 26.71
C GLU E 211 20.67 -5.87 25.19
N ILE E 212 19.52 -5.43 24.70
CA ILE E 212 19.24 -5.40 23.27
C ILE E 212 18.91 -3.99 22.77
N ASN E 213 19.49 -3.63 21.63
CA ASN E 213 19.16 -2.39 20.91
C ASN E 213 19.52 -1.12 21.70
N SER E 214 20.78 -0.99 22.07
CA SER E 214 21.21 0.16 22.87
C SER E 214 22.32 0.94 22.19
N HIS E 215 22.03 2.16 21.75
CA HIS E 215 20.70 2.74 21.80
C HIS E 215 20.15 2.84 20.37
N SER E 216 19.00 2.19 20.12
CA SER E 216 18.36 2.19 18.80
C SER E 216 19.31 1.67 17.71
N LEU E 217 20.33 0.92 18.13
CA LEU E 217 21.34 0.41 17.21
C LEU E 217 20.74 -0.58 16.21
N PHE E 218 19.84 -1.41 16.70
CA PHE E 218 19.24 -2.49 15.92
C PHE E 218 18.19 -1.98 14.93
N SER E 219 17.74 -0.74 15.11
CA SER E 219 16.64 -0.19 14.32
C SER E 219 16.91 -0.15 12.82
N LYS E 220 18.13 0.21 12.44
CA LYS E 220 18.52 0.25 11.04
C LYS E 220 18.35 -1.10 10.35
N TRP E 221 18.80 -2.15 11.02
CA TRP E 221 18.70 -3.51 10.50
C TRP E 221 17.25 -3.97 10.41
N PHE E 222 16.40 -3.44 11.29
CA PHE E 222 15.01 -3.86 11.39
C PHE E 222 14.18 -3.43 10.19
N SER E 223 14.56 -2.29 9.60
CA SER E 223 13.90 -1.79 8.38
C SER E 223 14.12 -2.77 7.22
N GLU E 224 15.38 -3.14 7.01
CA GLU E 224 15.72 -4.23 6.09
C GLU E 224 15.20 -5.55 6.64
N SER E 225 15.13 -5.64 7.98
CA SER E 225 14.74 -6.83 8.75
C SER E 225 15.83 -7.91 8.74
N GLY E 226 15.69 -8.89 9.63
CA GLY E 226 16.65 -9.95 9.76
C GLY E 226 16.10 -11.18 10.44
N LYS E 227 16.75 -12.32 10.21
CA LYS E 227 16.34 -13.58 10.84
C LYS E 227 17.28 -13.93 11.98
N LEU E 228 18.21 -13.02 12.28
CA LEU E 228 19.14 -13.23 13.38
C LEU E 228 18.43 -13.18 14.72
N VAL E 229 17.24 -12.56 14.73
CA VAL E 229 16.43 -12.45 15.93
C VAL E 229 16.21 -13.82 16.56
N GLN E 230 15.75 -14.78 15.77
CA GLN E 230 15.53 -16.13 16.26
C GLN E 230 16.82 -16.70 16.83
N LYS E 231 17.93 -16.49 16.13
CA LYS E 231 19.23 -17.01 16.56
C LYS E 231 19.66 -16.38 17.87
N MET E 232 19.50 -15.07 17.98
CA MET E 232 19.85 -14.33 19.19
C MET E 232 18.99 -14.76 20.37
N PHE E 233 17.70 -14.92 20.11
CA PHE E 233 16.76 -15.36 21.13
C PHE E 233 16.92 -16.85 21.44
N ASP E 234 17.40 -17.61 20.46
CA ASP E 234 17.71 -19.03 20.67
C ASP E 234 18.79 -19.18 21.74
N GLN E 235 19.75 -18.25 21.72
CA GLN E 235 20.81 -18.21 22.72
C GLN E 235 20.23 -17.96 24.12
N ILE E 236 19.35 -16.96 24.20
CA ILE E 236 18.67 -16.63 25.46
C ILE E 236 17.90 -17.82 26.00
N ASP E 237 17.22 -18.51 25.09
CA ASP E 237 16.43 -19.69 25.44
C ASP E 237 17.34 -20.80 25.96
N GLU E 238 18.52 -20.95 25.36
CA GLU E 238 19.50 -21.93 25.80
C GLU E 238 20.06 -21.55 27.17
N LEU E 239 20.31 -20.26 27.36
CA LEU E 239 20.74 -19.73 28.65
C LEU E 239 19.68 -19.96 29.71
N ALA E 240 18.43 -19.87 29.30
CA ALA E 240 17.30 -19.94 30.23
C ALA E 240 16.94 -21.37 30.63
N GLU E 241 17.35 -22.34 29.81
CA GLU E 241 17.09 -23.74 30.11
C GLU E 241 17.74 -24.14 31.43
N ASP E 242 18.91 -23.56 31.69
CA ASP E 242 19.60 -23.76 32.96
C ASP E 242 18.79 -23.13 34.08
N GLU E 243 18.27 -23.95 34.98
CA GLU E 243 17.55 -23.46 36.15
C GLU E 243 18.52 -22.86 37.15
N LYS E 244 17.98 -22.27 38.22
CA LYS E 244 18.76 -21.56 39.22
C LYS E 244 19.55 -20.40 38.60
N CYS E 245 19.19 -20.03 37.37
CA CYS E 245 19.83 -18.91 36.69
C CYS E 245 18.79 -17.85 36.34
N MET E 246 18.98 -16.65 36.87
CA MET E 246 18.05 -15.55 36.63
C MET E 246 18.40 -14.82 35.34
N VAL E 247 17.51 -14.90 34.36
CA VAL E 247 17.76 -14.32 33.05
C VAL E 247 16.97 -13.02 32.85
N PHE E 248 17.70 -11.91 32.75
CA PHE E 248 17.11 -10.61 32.47
C PHE E 248 17.31 -10.24 31.01
N VAL E 249 16.27 -9.71 30.37
CA VAL E 249 16.38 -9.23 29.00
C VAL E 249 15.87 -7.80 28.88
N LEU E 250 16.80 -6.86 28.74
CA LEU E 250 16.43 -5.45 28.59
C LEU E 250 16.35 -5.06 27.13
N ILE E 251 15.18 -4.58 26.71
CA ILE E 251 14.95 -4.18 25.34
C ILE E 251 14.82 -2.67 25.26
N ASP E 252 15.89 -2.00 24.81
CA ASP E 252 15.91 -0.55 24.80
C ASP E 252 15.23 0.02 23.56
N GLU E 253 14.54 1.15 23.78
CA GLU E 253 13.89 1.89 22.71
C GLU E 253 13.04 1.00 21.81
N VAL E 254 12.01 0.40 22.39
CA VAL E 254 11.06 -0.43 21.65
C VAL E 254 10.40 0.40 20.54
N GLU E 255 10.17 1.67 20.84
CA GLU E 255 9.57 2.63 19.91
C GLU E 255 10.10 2.52 18.48
N SER E 256 11.40 2.33 18.33
CA SER E 256 12.02 2.22 17.00
C SER E 256 11.64 0.90 16.31
N LEU E 257 11.50 -0.16 17.08
CA LEU E 257 11.14 -1.48 16.52
C LEU E 257 9.84 -2.01 17.12
N SER E 271 5.86 -3.92 5.28
CA SER E 271 5.59 -5.34 5.12
C SER E 271 6.79 -6.18 5.57
N ASP E 272 7.99 -5.68 5.33
CA ASP E 272 9.20 -6.35 5.80
C ASP E 272 9.38 -6.11 7.29
N ALA E 273 8.90 -4.97 7.75
CA ALA E 273 8.91 -4.62 9.17
C ALA E 273 7.87 -5.44 9.92
N ILE E 274 6.77 -5.75 9.23
CA ILE E 274 5.65 -6.48 9.83
C ILE E 274 6.06 -7.89 10.22
N ARG E 275 6.80 -8.56 9.33
CA ARG E 275 7.26 -9.93 9.60
C ARG E 275 8.31 -9.93 10.72
N ALA E 276 9.00 -8.81 10.88
CA ALA E 276 10.04 -8.69 11.89
C ALA E 276 9.45 -8.47 13.28
N VAL E 277 8.41 -7.64 13.34
CA VAL E 277 7.74 -7.36 14.61
C VAL E 277 7.03 -8.59 15.15
N ASN E 278 6.40 -9.35 14.26
CA ASN E 278 5.71 -10.58 14.64
C ASN E 278 6.69 -11.61 15.18
N ALA E 279 7.87 -11.70 14.55
CA ALA E 279 8.89 -12.64 14.99
C ALA E 279 9.45 -12.21 16.35
N LEU E 280 9.62 -10.90 16.51
CA LEU E 280 10.15 -10.35 17.76
C LEU E 280 9.23 -10.64 18.94
N LEU E 281 7.94 -10.39 18.75
CA LEU E 281 6.94 -10.64 19.79
C LEU E 281 6.81 -12.13 20.08
N THR E 282 6.95 -12.96 19.06
CA THR E 282 6.86 -14.40 19.21
C THR E 282 7.97 -14.95 20.09
N GLN E 283 9.21 -14.57 19.78
CA GLN E 283 10.36 -15.01 20.55
C GLN E 283 10.26 -14.52 21.99
N ILE E 284 9.83 -13.27 22.15
CA ILE E 284 9.59 -12.70 23.47
C ILE E 284 8.58 -13.53 24.26
N ASP E 285 7.50 -13.93 23.62
CA ASP E 285 6.46 -14.73 24.26
C ASP E 285 6.98 -16.09 24.67
N ARG E 286 7.97 -16.59 23.94
CA ARG E 286 8.59 -17.87 24.27
C ARG E 286 9.43 -17.76 25.54
N ILE E 287 10.13 -16.65 25.68
CA ILE E 287 11.01 -16.44 26.82
C ILE E 287 10.20 -16.17 28.10
N ARG E 288 9.10 -15.44 27.96
CA ARG E 288 8.24 -15.10 29.09
C ARG E 288 7.70 -16.33 29.81
N ARG E 289 7.34 -17.36 29.05
CA ARG E 289 6.72 -18.56 29.61
C ARG E 289 7.63 -19.23 30.62
N ARG E 290 8.94 -19.10 30.43
CA ARG E 290 9.91 -19.65 31.36
C ARG E 290 9.88 -18.90 32.69
N ASP E 291 10.02 -19.65 33.79
CA ASP E 291 9.86 -19.09 35.12
C ASP E 291 11.01 -18.18 35.55
N ASN E 292 12.24 -18.56 35.19
CA ASN E 292 13.43 -17.83 35.64
C ASN E 292 13.76 -16.63 34.77
N VAL E 293 12.76 -16.09 34.07
CA VAL E 293 13.00 -14.99 33.14
C VAL E 293 12.17 -13.74 33.48
N LEU E 294 12.84 -12.59 33.46
CA LEU E 294 12.15 -11.31 33.47
C LEU E 294 12.66 -10.47 32.32
N ILE E 295 11.76 -9.85 31.56
CA ILE E 295 12.20 -8.94 30.53
C ILE E 295 11.71 -7.52 30.80
N LEU E 296 12.60 -6.55 30.57
CA LEU E 296 12.34 -5.16 30.88
C LEU E 296 12.39 -4.31 29.61
N CYS E 297 11.29 -3.61 29.34
CA CYS E 297 11.19 -2.80 28.12
C CYS E 297 11.14 -1.32 28.44
N THR E 298 11.80 -0.52 27.62
CA THR E 298 11.76 0.92 27.77
C THR E 298 11.34 1.58 26.46
N SER E 299 10.44 2.55 26.53
CA SER E 299 10.00 3.27 25.36
C SER E 299 10.15 4.78 25.56
N ASN E 300 10.83 5.43 24.64
CA ASN E 300 11.12 6.84 24.77
C ASN E 300 9.95 7.74 24.39
N LEU E 301 8.99 7.16 23.67
CA LEU E 301 7.80 7.90 23.29
C LEU E 301 6.65 7.50 24.20
N GLU E 302 5.61 8.32 24.24
CA GLU E 302 4.45 8.03 25.07
C GLU E 302 3.26 7.56 24.24
N SER E 303 2.87 6.31 24.47
CA SER E 303 1.71 5.71 23.81
C SER E 303 1.77 5.72 22.29
N THR E 304 2.78 5.03 21.75
CA THR E 304 2.93 4.93 20.29
C THR E 304 3.11 3.46 19.84
N LEU E 305 2.06 2.94 19.21
CA LEU E 305 2.01 1.58 18.64
C LEU E 305 2.57 0.46 19.54
N ASP E 306 2.33 0.56 20.85
CA ASP E 306 2.76 -0.47 21.78
C ASP E 306 1.58 -1.34 22.24
N LYS E 307 0.45 -1.20 21.56
CA LYS E 307 -0.80 -1.86 21.96
C LYS E 307 -0.63 -3.36 22.19
N ALA E 308 0.14 -4.01 21.34
CA ALA E 308 0.42 -5.43 21.48
C ALA E 308 1.41 -5.68 22.62
N LEU E 309 2.25 -4.69 22.89
CA LEU E 309 3.25 -4.81 23.94
C LEU E 309 2.70 -4.43 25.31
N VAL E 310 1.80 -3.45 25.33
CA VAL E 310 1.18 -3.00 26.56
C VAL E 310 0.31 -4.10 27.17
N ASP E 311 -0.45 -4.79 26.33
CA ASP E 311 -1.30 -5.88 26.79
C ASP E 311 -0.49 -7.04 27.33
N ARG E 312 0.78 -7.09 26.93
CA ARG E 312 1.68 -8.17 27.35
C ARG E 312 2.42 -7.83 28.63
N ALA E 313 2.16 -6.64 29.17
CA ALA E 313 2.90 -6.16 30.33
C ALA E 313 2.11 -6.32 31.63
N ASP E 314 2.81 -6.68 32.71
CA ASP E 314 2.17 -6.74 34.02
C ASP E 314 1.83 -5.36 34.51
N ILE E 315 2.78 -4.43 34.37
CA ILE E 315 2.51 -3.02 34.63
C ILE E 315 3.22 -2.12 33.64
N VAL E 316 2.56 -1.00 33.35
CA VAL E 316 3.16 0.03 32.54
C VAL E 316 3.35 1.25 33.44
N LYS E 317 4.60 1.59 33.72
CA LYS E 317 4.90 2.74 34.55
C LYS E 317 5.50 3.84 33.71
N ASN E 318 5.03 5.06 33.96
CA ASN E 318 5.56 6.21 33.23
C ASN E 318 6.57 6.99 34.06
N VAL E 319 7.70 7.27 33.44
CA VAL E 319 8.78 7.99 34.10
C VAL E 319 8.89 9.39 33.51
N GLY E 320 8.55 10.39 34.30
CA GLY E 320 8.50 11.76 33.81
C GLY E 320 9.75 12.57 34.12
N GLN E 321 9.79 13.78 33.60
CA GLN E 321 10.90 14.70 33.87
C GLN E 321 10.91 15.07 35.35
N PRO E 322 12.09 15.43 35.88
CA PRO E 322 12.23 15.74 37.31
C PRO E 322 11.52 17.02 37.74
N SER E 323 10.82 16.95 38.87
CA SER E 323 10.23 18.14 39.48
C SER E 323 11.33 18.97 40.15
N ASP E 324 10.94 20.12 40.71
CA ASP E 324 11.91 21.04 41.32
C ASP E 324 12.64 20.38 42.49
N PHE E 325 11.93 19.56 43.25
CA PHE E 325 12.55 18.84 44.36
C PHE E 325 13.54 17.82 43.83
N ALA E 326 13.18 17.16 42.73
CA ALA E 326 14.04 16.15 42.12
C ALA E 326 15.30 16.78 41.53
N ARG E 327 15.13 17.90 40.83
CA ARG E 327 16.27 18.61 40.25
C ARG E 327 17.20 19.16 41.33
N TYR E 328 16.64 19.57 42.45
CA TYR E 328 17.46 20.03 43.58
C TYR E 328 18.37 18.92 44.08
N SER E 329 17.82 17.71 44.20
CA SER E 329 18.58 16.58 44.73
C SER E 329 19.71 16.19 43.79
N MET E 330 19.46 16.32 42.50
CA MET E 330 20.45 16.04 41.49
C MET E 330 21.58 17.05 41.55
N LEU E 331 21.20 18.33 41.60
CA LEU E 331 22.18 19.40 41.64
C LEU E 331 23.02 19.29 42.91
N LYS E 332 22.35 19.04 44.03
CA LYS E 332 23.03 18.85 45.30
C LYS E 332 24.02 17.69 45.26
N SER E 333 23.59 16.55 44.74
CA SER E 333 24.46 15.38 44.66
C SER E 333 25.64 15.63 43.72
N SER E 334 25.43 16.46 42.69
CA SER E 334 26.52 16.79 41.77
C SER E 334 27.58 17.59 42.49
N ILE E 335 27.12 18.51 43.35
CA ILE E 335 28.03 19.39 44.07
C ILE E 335 28.78 18.62 45.14
N MET E 336 28.05 17.77 45.87
CA MET E 336 28.65 16.94 46.90
C MET E 336 29.68 15.99 46.30
N GLU E 337 29.47 15.56 45.06
CA GLU E 337 30.44 14.71 44.38
C GLU E 337 31.67 15.51 43.96
N LEU E 338 31.46 16.74 43.49
CA LEU E 338 32.58 17.61 43.13
C LEU E 338 33.42 17.95 44.35
N ALA E 339 32.77 18.02 45.51
CA ALA E 339 33.46 18.32 46.75
C ALA E 339 34.34 17.14 47.17
N ARG E 340 33.93 15.93 46.77
CA ARG E 340 34.65 14.72 47.16
C ARG E 340 35.95 14.54 46.38
N ILE E 341 35.93 14.90 45.10
CA ILE E 341 37.11 14.74 44.25
C ILE E 341 38.01 15.98 44.25
N GLY E 342 37.60 17.00 45.00
CA GLY E 342 38.45 18.16 45.19
C GLY E 342 38.25 19.28 44.19
N VAL E 343 37.22 19.16 43.37
CA VAL E 343 36.92 20.21 42.41
C VAL E 343 36.35 21.43 43.12
N VAL E 344 35.44 21.18 44.06
CA VAL E 344 34.90 22.23 44.92
C VAL E 344 35.54 22.17 46.30
N ILE E 345 36.32 23.20 46.62
CA ILE E 345 36.96 23.29 47.93
C ILE E 345 36.54 24.57 48.63
N ASP E 346 35.98 24.43 49.83
CA ASP E 346 35.51 25.57 50.59
C ASP E 346 35.70 25.34 52.09
N ASN E 347 36.77 25.89 52.64
CA ASN E 347 37.12 25.68 54.04
C ASN E 347 36.38 26.61 55.00
N GLU E 348 35.74 27.65 54.46
CA GLU E 348 35.06 28.62 55.31
C GLU E 348 33.71 28.09 55.80
N VAL E 349 33.06 27.26 54.98
CA VAL E 349 31.75 26.74 55.33
C VAL E 349 31.80 25.52 56.26
N HIS E 350 30.97 25.54 57.30
CA HIS E 350 30.85 24.43 58.22
C HIS E 350 29.80 23.46 57.70
N THR E 351 29.78 22.25 58.24
CA THR E 351 28.89 21.20 57.75
C THR E 351 27.42 21.58 57.83
N ASP E 352 27.05 22.36 58.84
CA ASP E 352 25.66 22.76 59.02
C ASP E 352 25.22 23.80 58.00
N TYR E 353 26.18 24.35 57.26
CA TYR E 353 25.86 25.36 56.25
C TYR E 353 25.97 24.79 54.83
N TRP E 354 26.14 23.48 54.73
CA TRP E 354 26.05 22.78 53.44
C TRP E 354 24.61 22.82 52.96
N PRO E 355 24.39 22.71 51.64
CA PRO E 355 23.02 22.55 51.17
C PRO E 355 22.38 21.32 51.79
N GLN E 356 21.24 21.50 52.46
CA GLN E 356 20.62 20.42 53.20
C GLN E 356 19.64 19.61 52.35
N ASP E 357 19.19 18.50 52.89
CA ASP E 357 18.18 17.67 52.21
C ASP E 357 16.83 18.40 52.22
N ILE E 358 16.39 18.79 51.03
CA ILE E 358 15.17 19.57 50.89
C ILE E 358 13.94 18.77 51.32
N CYS E 359 14.04 17.45 51.29
CA CYS E 359 12.96 16.58 51.71
C CYS E 359 12.79 16.65 53.23
N ASP E 360 11.73 16.03 53.73
CA ASP E 360 11.32 16.11 55.14
C ASP E 360 10.85 17.51 55.51
N THR E 361 11.61 18.52 55.11
CA THR E 361 11.24 19.94 55.12
C THR E 361 10.81 20.50 56.49
N LYS E 362 11.21 19.83 57.56
CA LYS E 362 10.80 20.23 58.91
C LYS E 362 11.85 21.12 59.58
N ALA E 363 12.90 21.45 58.85
CA ALA E 363 14.00 22.25 59.39
C ALA E 363 14.16 23.55 58.60
N PRO E 364 14.72 24.59 59.23
CA PRO E 364 14.97 25.85 58.50
C PRO E 364 15.98 25.69 57.37
N ARG E 365 15.85 26.55 56.37
CA ARG E 365 16.73 26.49 55.22
C ARG E 365 17.91 27.45 55.32
N ASN E 366 19.10 26.90 55.31
CA ASN E 366 20.27 27.74 55.34
C ASN E 366 20.43 28.44 53.99
N GLU E 367 21.38 29.35 53.93
CA GLU E 367 21.58 30.18 52.75
C GLU E 367 21.79 29.35 51.49
N PHE E 368 22.63 28.32 51.58
CA PHE E 368 23.01 27.55 50.39
C PHE E 368 21.91 26.61 49.91
N THR E 369 21.01 26.20 50.80
CA THR E 369 19.87 25.39 50.39
C THR E 369 18.91 26.21 49.53
N GLU E 370 18.67 27.46 49.93
CA GLU E 370 17.73 28.32 49.21
C GLU E 370 18.29 28.79 47.88
N ILE E 371 19.58 29.10 47.86
CA ILE E 371 20.24 29.51 46.62
C ILE E 371 20.21 28.38 45.60
N LEU E 372 20.47 27.16 46.08
CA LEU E 372 20.51 26.01 45.19
C LEU E 372 19.11 25.65 44.72
N PHE E 373 18.12 25.84 45.58
CA PHE E 373 16.74 25.54 45.21
C PHE E 373 16.23 26.55 44.19
N LYS E 374 16.70 27.78 44.29
CA LYS E 374 16.37 28.80 43.30
C LYS E 374 16.93 28.39 41.95
N ILE E 375 18.15 27.86 41.95
CA ILE E 375 18.75 27.33 40.73
C ILE E 375 17.94 26.16 40.22
N ALA E 376 17.42 25.34 41.14
CA ALA E 376 16.61 24.18 40.77
C ALA E 376 15.32 24.60 40.07
N GLN E 377 14.74 25.69 40.54
CA GLN E 377 13.55 26.25 39.90
C GLN E 377 13.89 26.79 38.53
N GLU E 378 15.07 27.37 38.40
CA GLU E 378 15.50 27.99 37.16
C GLU E 378 15.67 26.97 36.05
N ALA E 379 15.98 25.73 36.41
CA ALA E 379 16.25 24.69 35.44
C ALA E 379 15.01 23.86 35.12
N ARG E 380 13.89 24.53 34.89
CA ARG E 380 12.61 23.82 34.78
C ARG E 380 12.53 22.90 33.57
N GLY E 381 13.05 23.34 32.43
CA GLY E 381 12.92 22.57 31.20
C GLY E 381 13.86 21.38 31.07
N LEU E 382 14.96 21.40 31.81
CA LEU E 382 16.02 20.41 31.66
C LEU E 382 15.60 19.00 32.04
N SER E 383 16.11 18.02 31.30
CA SER E 383 15.83 16.62 31.59
C SER E 383 16.77 16.07 32.66
N GLY E 384 16.53 14.84 33.09
CA GLY E 384 17.36 14.20 34.08
C GLY E 384 18.77 14.01 33.58
N ARG E 385 18.92 13.84 32.27
CA ARG E 385 20.24 13.63 31.68
C ARG E 385 21.02 14.93 31.61
N ALA E 386 20.37 15.99 31.14
CA ALA E 386 21.03 17.29 30.98
C ALA E 386 21.59 17.82 32.29
N ILE E 387 20.87 17.59 33.40
CA ILE E 387 21.32 18.05 34.70
C ILE E 387 22.61 17.35 35.14
N SER E 388 22.72 16.06 34.83
CA SER E 388 23.90 15.28 35.20
C SER E 388 25.10 15.64 34.33
N MET E 389 24.88 16.42 33.28
CA MET E 389 25.95 16.85 32.39
C MET E 389 26.38 18.28 32.68
N LEU E 390 25.56 19.01 33.44
CA LEU E 390 25.86 20.40 33.79
C LEU E 390 27.20 20.61 34.52
N PRO E 391 27.54 19.75 35.51
CA PRO E 391 28.79 20.02 36.22
C PRO E 391 30.03 20.03 35.34
N THR E 392 29.97 19.39 34.16
CA THR E 392 31.09 19.52 33.24
C THR E 392 31.15 20.94 32.70
N LEU E 393 29.99 21.49 32.32
CA LEU E 393 29.92 22.85 31.82
C LEU E 393 30.33 23.86 32.89
N VAL E 394 29.96 23.57 34.13
CA VAL E 394 30.33 24.41 35.26
C VAL E 394 31.84 24.49 35.44
N TYR E 395 32.50 23.34 35.32
CA TYR E 395 33.95 23.24 35.51
C TYR E 395 34.70 24.03 34.45
N SER E 396 34.21 23.99 33.21
CA SER E 396 34.87 24.68 32.11
C SER E 396 34.75 26.20 32.25
N LYS E 397 33.69 26.64 32.92
CA LYS E 397 33.44 28.07 33.09
C LYS E 397 34.26 28.65 34.24
N SER E 398 34.74 27.77 35.13
CA SER E 398 35.49 28.24 36.29
C SER E 398 36.88 28.70 35.89
N PRO E 399 37.22 29.94 36.28
CA PRO E 399 38.54 30.53 36.00
C PRO E 399 39.63 29.82 36.78
N GLU E 400 39.39 29.60 38.07
CA GLU E 400 40.39 29.00 38.94
C GLU E 400 40.30 27.48 38.97
N GLU E 401 41.41 26.84 39.32
CA GLU E 401 41.51 25.38 39.41
C GLU E 401 40.47 24.79 40.34
N THR E 402 40.17 25.51 41.40
CA THR E 402 39.26 25.06 42.44
C THR E 402 38.09 26.04 42.56
N ILE E 403 36.89 25.52 42.77
CA ILE E 403 35.71 26.36 42.89
C ILE E 403 35.21 26.40 44.32
N THR E 404 35.05 27.61 44.86
CA THR E 404 34.43 27.77 46.18
C THR E 404 32.92 27.56 46.07
N LEU E 405 32.25 27.35 47.19
CA LEU E 405 30.81 27.12 47.17
C LEU E 405 29.99 28.30 46.64
N PRO E 406 30.29 29.55 47.09
CA PRO E 406 29.53 30.66 46.50
C PRO E 406 29.76 30.81 45.00
N ASN E 407 30.99 30.59 44.54
CA ASN E 407 31.28 30.59 43.11
C ASN E 407 30.57 29.44 42.40
N CYS E 408 30.48 28.30 43.08
CA CYS E 408 29.85 27.12 42.53
C CYS E 408 28.38 27.36 42.19
N MET E 409 27.70 28.13 43.04
CA MET E 409 26.28 28.41 42.83
C MET E 409 26.09 29.34 41.63
N ASN E 410 26.98 30.32 41.47
CA ASN E 410 26.85 31.25 40.35
C ASN E 410 27.13 30.57 39.01
N LEU E 411 28.17 29.74 38.97
CA LEU E 411 28.51 28.99 37.75
C LEU E 411 27.40 28.00 37.37
N PHE E 412 26.81 27.36 38.37
CA PHE E 412 25.72 26.43 38.13
C PHE E 412 24.50 27.14 37.58
N LEU E 413 24.19 28.30 38.13
CA LEU E 413 23.08 29.11 37.63
C LEU E 413 23.36 29.52 36.19
N GLU E 414 24.60 29.96 35.95
CA GLU E 414 25.01 30.38 34.62
C GLU E 414 24.96 29.22 33.62
N ALA E 415 25.34 28.03 34.09
CA ALA E 415 25.28 26.84 33.23
C ALA E 415 23.84 26.46 32.90
N VAL E 416 22.94 26.64 33.86
CA VAL E 416 21.52 26.36 33.65
C VAL E 416 20.91 27.31 32.61
N LYS E 417 21.21 28.59 32.74
CA LYS E 417 20.73 29.60 31.82
C LYS E 417 21.17 29.28 30.38
N GLU E 418 22.43 28.89 30.22
CA GLU E 418 23.00 28.65 28.90
C GLU E 418 22.39 27.42 28.24
N ARG E 419 22.33 26.34 28.99
CA ARG E 419 21.79 25.07 28.49
C ARG E 419 20.33 25.22 28.05
N LEU E 420 19.56 26.00 28.80
CA LEU E 420 18.17 26.25 28.46
C LEU E 420 18.03 27.09 27.19
N SER E 421 18.99 27.97 26.97
CA SER E 421 18.98 28.87 25.82
C SER E 421 19.31 28.11 24.53
N ARG E 422 20.08 27.04 24.66
CA ARG E 422 20.45 26.22 23.52
C ARG E 422 20.25 24.74 23.82
N ASN F 10 42.63 32.28 35.57
CA ASN F 10 43.94 31.70 35.79
C ASN F 10 44.64 31.38 34.47
N ILE F 11 45.92 31.74 34.39
CA ILE F 11 46.70 31.52 33.17
C ILE F 11 47.59 30.29 33.27
N HIS F 12 47.79 29.62 32.14
CA HIS F 12 48.66 28.46 32.06
C HIS F 12 49.87 28.76 31.19
N ALA F 13 51.03 28.25 31.59
CA ALA F 13 52.25 28.46 30.82
C ALA F 13 52.89 27.13 30.44
N GLU F 14 53.31 27.03 29.18
CA GLU F 14 53.95 25.82 28.69
C GLU F 14 55.36 26.11 28.20
N ILE F 15 56.35 25.44 28.79
CA ILE F 15 57.75 25.68 28.45
C ILE F 15 58.39 24.45 27.82
N ARG F 16 58.88 24.59 26.60
CA ARG F 16 59.56 23.49 25.91
C ARG F 16 61.07 23.50 26.16
N ILE F 17 61.61 22.40 26.68
CA ILE F 17 63.04 22.31 27.00
C ILE F 17 63.85 21.55 25.96
N CYS F 18 65.07 22.03 25.73
CA CYS F 18 66.05 21.34 24.92
C CYS F 18 66.24 19.90 25.39
N GLN F 19 66.40 19.01 24.41
CA GLN F 19 66.41 17.57 24.65
C GLN F 19 67.59 17.12 25.52
N LYS F 20 68.72 17.81 25.38
CA LYS F 20 69.94 17.40 26.06
C LYS F 20 69.84 17.53 27.57
N PHE F 21 69.21 18.61 28.03
CA PHE F 21 69.16 18.91 29.46
C PHE F 21 68.20 18.01 30.23
N PRO F 22 68.63 17.56 31.42
CA PRO F 22 67.79 16.75 32.30
C PRO F 22 66.79 17.58 33.09
N LYS F 23 65.77 16.91 33.62
CA LYS F 23 64.74 17.55 34.40
C LYS F 23 65.30 18.17 35.68
N SER F 24 66.26 17.47 36.29
CA SER F 24 66.84 17.87 37.56
C SER F 24 67.42 19.29 37.50
N THR F 25 68.10 19.59 36.40
CA THR F 25 68.75 20.89 36.24
C THR F 25 67.74 22.03 36.15
N VAL F 26 66.63 21.77 35.48
CA VAL F 26 65.67 22.83 35.19
C VAL F 26 64.79 23.19 36.38
N GLN F 27 64.39 22.18 37.15
CA GLN F 27 63.47 22.40 38.25
C GLN F 27 64.09 23.21 39.39
N LYS F 28 65.41 23.38 39.36
CA LYS F 28 66.10 24.25 40.32
C LYS F 28 66.02 25.69 39.83
N ARG F 29 65.91 25.84 38.51
CA ARG F 29 65.80 27.15 37.89
C ARG F 29 64.32 27.51 37.69
N PHE F 30 63.45 26.71 38.28
CA PHE F 30 62.00 26.91 38.21
C PHE F 30 61.60 28.27 38.76
N SER F 31 62.25 28.66 39.85
CA SER F 31 62.00 29.94 40.50
C SER F 31 62.39 31.11 39.59
N GLU F 32 63.38 30.89 38.74
CA GLU F 32 63.78 31.91 37.77
C GLU F 32 62.78 31.97 36.62
N PHE F 33 62.21 30.83 36.27
CA PHE F 33 61.25 30.76 35.16
C PHE F 33 59.95 31.51 35.48
N GLU F 34 59.52 31.46 36.74
CA GLU F 34 58.29 32.14 37.15
C GLU F 34 58.40 33.64 36.93
N GLU F 35 59.53 34.22 37.32
CA GLU F 35 59.75 35.64 37.14
C GLU F 35 59.99 35.98 35.68
N LEU F 36 60.54 35.01 34.94
CA LEU F 36 60.74 35.14 33.50
C LEU F 36 59.40 35.24 32.77
N ILE F 37 58.46 34.40 33.19
CA ILE F 37 57.14 34.30 32.56
C ILE F 37 56.29 35.54 32.79
N LYS F 38 56.35 36.08 34.00
CA LYS F 38 55.65 37.33 34.30
C LYS F 38 56.19 38.46 33.43
N ALA F 39 57.51 38.48 33.24
CA ALA F 39 58.16 39.48 32.40
C ALA F 39 57.66 39.40 30.96
N ALA F 40 57.50 38.18 30.46
CA ALA F 40 57.03 37.96 29.09
C ALA F 40 55.56 38.32 28.95
N SER F 41 54.83 38.24 30.06
CA SER F 41 53.38 38.49 30.06
C SER F 41 53.01 39.94 29.76
N LYS F 42 53.86 40.87 30.16
CA LYS F 42 53.60 42.30 30.00
C LYS F 42 53.34 42.67 28.54
N ASN F 43 54.02 41.99 27.62
CA ASN F 43 53.84 42.23 26.20
C ASN F 43 53.74 40.92 25.42
N ALA F 44 52.65 40.19 25.65
CA ALA F 44 52.42 38.90 24.99
C ALA F 44 50.98 38.72 24.54
N ARG F 45 50.76 37.78 23.63
CA ARG F 45 49.41 37.43 23.20
C ARG F 45 49.10 35.98 23.58
N ASN F 46 47.96 35.76 24.22
CA ASN F 46 47.59 34.42 24.69
C ASN F 46 47.52 33.43 23.54
N TRP F 47 47.95 32.19 23.82
CA TRP F 47 48.01 31.12 22.82
C TRP F 47 48.98 31.42 21.66
N LYS F 48 49.76 32.48 21.80
CA LYS F 48 50.78 32.80 20.80
C LYS F 48 52.18 32.66 21.41
N PRO F 49 53.03 31.84 20.77
CA PRO F 49 54.35 31.46 21.26
C PRO F 49 55.36 32.60 21.29
N ILE F 50 56.36 32.44 22.16
CA ILE F 50 57.50 33.34 22.23
C ILE F 50 58.77 32.51 22.24
N SER F 51 59.55 32.60 21.17
CA SER F 51 60.83 31.90 21.09
C SER F 51 61.79 32.43 22.14
N SER F 52 62.77 31.61 22.50
CA SER F 52 63.76 32.03 23.48
C SER F 52 64.66 33.11 22.90
N VAL F 53 64.92 33.04 21.60
CA VAL F 53 65.76 34.03 20.94
C VAL F 53 65.07 35.41 20.88
N GLU F 54 63.73 35.41 20.96
CA GLU F 54 62.98 36.66 21.00
C GLU F 54 63.36 37.45 22.25
N LEU F 55 63.37 36.74 23.36
CA LEU F 55 63.79 37.32 24.62
C LEU F 55 65.30 37.16 24.79
N PHE F 56 66.07 37.77 23.89
CA PHE F 56 67.52 37.59 23.90
C PHE F 56 68.18 38.44 24.98
N GLN F 57 67.44 39.43 25.51
CA GLN F 57 67.83 40.08 26.74
C GLN F 57 67.77 39.01 27.84
N GLY F 58 68.86 38.86 28.57
CA GLY F 58 68.98 37.69 29.42
C GLY F 58 69.52 37.94 30.82
N ASP F 59 69.41 36.97 31.75
CA ASP F 59 68.80 35.64 31.59
C ASP F 59 69.38 34.78 30.47
N SER F 60 70.63 35.03 30.10
CA SER F 60 71.31 34.23 29.07
C SER F 60 71.41 32.77 29.50
N SER F 61 71.45 32.55 30.81
CA SER F 61 71.51 31.22 31.39
C SER F 61 70.19 30.46 31.22
N LEU F 62 69.07 31.17 31.35
CA LEU F 62 67.75 30.55 31.19
C LEU F 62 67.45 30.20 29.74
N ASN F 63 67.70 31.15 28.84
CA ASN F 63 67.31 31.02 27.44
C ASN F 63 67.88 29.80 26.72
N GLU F 64 68.99 29.27 27.23
CA GLU F 64 69.64 28.14 26.58
C GLU F 64 69.04 26.81 27.04
N LEU F 65 68.16 26.87 28.04
CA LEU F 65 67.48 25.68 28.52
C LEU F 65 66.22 25.39 27.69
N PHE F 66 65.48 26.43 27.34
CA PHE F 66 64.22 26.27 26.65
C PHE F 66 64.22 26.90 25.26
N GLU F 67 63.38 26.37 24.37
CA GLU F 67 63.31 26.87 23.01
C GLU F 67 62.10 27.79 22.81
N LYS F 68 60.97 27.39 23.38
CA LYS F 68 59.69 28.04 23.08
C LYS F 68 58.83 28.15 24.34
N LEU F 69 58.09 29.25 24.45
CA LEU F 69 57.26 29.51 25.62
C LEU F 69 55.88 29.95 25.17
N VAL F 70 54.84 29.34 25.75
CA VAL F 70 53.48 29.72 25.41
C VAL F 70 52.68 30.04 26.65
N ILE F 71 52.04 31.21 26.66
CA ILE F 71 51.17 31.61 27.76
C ILE F 71 49.74 31.69 27.25
N GLY F 72 48.82 30.98 27.92
CA GLY F 72 47.44 30.94 27.48
C GLY F 72 46.42 30.92 28.59
N THR F 73 45.27 31.53 28.33
CA THR F 73 44.12 31.53 29.24
C THR F 73 42.84 31.49 28.41
N CYS F 74 41.77 30.97 28.99
CA CYS F 74 40.50 30.88 28.27
C CYS F 74 39.57 32.06 28.58
N GLU F 75 40.04 32.92 29.49
CA GLU F 75 39.29 34.10 29.85
C GLU F 75 39.34 35.17 28.75
N LEU F 76 40.53 35.38 28.20
CA LEU F 76 40.71 36.35 27.12
C LEU F 76 40.44 35.74 25.75
N ARG F 77 40.25 36.59 24.74
CA ARG F 77 40.08 36.12 23.38
C ARG F 77 41.38 35.53 22.84
N ASP F 78 41.29 34.84 21.70
CA ASP F 78 42.39 34.03 21.18
C ASP F 78 43.66 34.81 20.86
N GLY F 79 43.53 35.96 20.22
CA GLY F 79 44.71 36.74 19.83
C GLY F 79 44.97 37.93 20.72
N GLU F 80 44.18 38.05 21.78
CA GLU F 80 44.19 39.25 22.62
C GLU F 80 45.49 39.40 23.41
N LEU F 81 45.93 40.65 23.55
CA LEU F 81 47.07 40.99 24.39
C LEU F 81 46.73 40.83 25.86
N PHE F 82 47.75 40.67 26.70
CA PHE F 82 47.56 40.69 28.15
C PHE F 82 47.61 42.12 28.66
N GLU F 83 46.61 42.50 29.46
CA GLU F 83 46.56 43.83 30.04
C GLU F 83 45.66 43.86 31.26
N ASN F 84 45.53 45.04 31.87
CA ASN F 84 44.73 45.23 33.08
C ASN F 84 45.22 44.34 34.23
N ILE F 90 50.60 34.61 38.46
CA ILE F 90 50.45 33.25 37.94
C ILE F 90 50.61 32.26 39.10
N ASN F 91 50.50 30.97 38.79
CA ASN F 91 50.64 29.88 39.75
C ASN F 91 51.78 28.98 39.32
N PRO F 92 52.73 28.73 40.23
CA PRO F 92 53.85 27.80 39.99
C PRO F 92 53.40 26.40 39.56
N SER F 93 52.21 25.97 39.98
CA SER F 93 51.69 24.67 39.58
C SER F 93 51.11 24.70 38.17
N ASN F 94 50.68 25.88 37.73
CA ASN F 94 50.14 26.03 36.39
C ASN F 94 51.23 26.15 35.33
N ILE F 95 52.43 26.51 35.75
CA ILE F 95 53.56 26.53 34.84
C ILE F 95 53.95 25.11 34.49
N HIS F 96 53.84 24.73 33.22
CA HIS F 96 54.15 23.37 32.81
C HIS F 96 55.37 23.29 31.88
N VAL F 97 56.21 22.29 32.13
CA VAL F 97 57.43 22.04 31.37
C VAL F 97 57.28 20.74 30.57
N TYR F 98 57.53 20.80 29.26
CA TYR F 98 57.43 19.60 28.43
C TYR F 98 58.62 19.46 27.49
N LYS F 99 58.80 18.22 27.02
CA LYS F 99 59.87 17.89 26.09
C LYS F 99 59.32 17.12 24.89
N LEU F 100 59.55 17.64 23.69
CA LEU F 100 59.01 17.05 22.47
C LEU F 100 59.54 15.64 22.17
N HIS F 101 58.68 14.81 21.59
CA HIS F 101 59.11 13.53 21.04
C HIS F 101 59.43 13.74 19.56
N LYS F 102 60.71 13.57 19.21
CA LYS F 102 61.20 14.02 17.90
C LYS F 102 60.53 13.34 16.71
N ASP F 103 60.37 12.03 16.76
CA ASP F 103 59.74 11.32 15.66
C ASP F 103 59.01 10.07 16.10
N GLY F 104 57.74 10.21 16.42
CA GLY F 104 56.91 9.06 16.72
C GLY F 104 55.69 8.75 15.85
N PRO F 105 55.68 9.18 14.56
CA PRO F 105 54.54 8.70 13.79
C PRO F 105 54.65 7.21 13.49
N LEU F 106 53.53 6.49 13.53
CA LEU F 106 53.53 5.06 13.26
C LEU F 106 52.50 4.69 12.21
N SER F 122 44.92 3.81 10.66
CA SER F 122 45.42 3.52 12.00
C SER F 122 46.86 4.00 12.18
N GLN F 123 47.06 4.88 13.15
CA GLN F 123 48.39 5.40 13.46
C GLN F 123 48.61 5.47 14.97
N LEU F 124 49.86 5.62 15.38
CA LEU F 124 50.19 5.79 16.79
C LEU F 124 51.05 7.02 17.00
N TRP F 125 50.55 7.96 17.78
CA TRP F 125 51.28 9.20 18.03
C TRP F 125 51.73 9.29 19.49
N GLN F 126 52.97 9.72 19.69
CA GLN F 126 53.48 9.98 21.03
C GLN F 126 53.39 11.47 21.33
N LEU F 127 52.70 11.83 22.41
CA LEU F 127 52.50 13.24 22.74
C LEU F 127 53.30 13.66 23.96
N PRO F 128 53.81 14.91 23.97
CA PRO F 128 53.70 15.88 22.87
C PRO F 128 54.71 15.61 21.76
N CYS F 129 54.30 15.80 20.51
CA CYS F 129 55.20 15.56 19.38
C CYS F 129 55.50 16.84 18.62
N VAL F 130 56.56 16.78 17.80
CA VAL F 130 57.03 17.94 17.03
C VAL F 130 55.97 18.45 16.05
N GLU F 131 55.30 17.52 15.39
CA GLU F 131 54.34 17.83 14.34
C GLU F 131 53.16 18.67 14.84
N PHE F 132 52.70 18.39 16.05
CA PHE F 132 51.50 19.03 16.58
C PHE F 132 51.80 20.38 17.22
N ASP F 133 53.06 20.67 17.46
CA ASP F 133 53.43 21.87 18.23
C ASP F 133 53.26 23.15 17.43
N SER F 134 53.06 23.02 16.12
CA SER F 134 52.89 24.19 15.26
C SER F 134 51.43 24.41 14.87
N ILE F 135 50.55 23.51 15.29
CA ILE F 135 49.16 23.50 14.80
C ILE F 135 48.24 24.51 15.47
N TRP F 136 48.33 24.61 16.80
CA TRP F 136 47.37 25.40 17.57
C TRP F 136 47.39 26.89 17.28
N GLU F 137 48.60 27.45 17.14
CA GLU F 137 48.72 28.90 16.96
C GLU F 137 48.32 29.34 15.55
N ASN F 138 48.31 28.42 14.60
CA ASN F 138 47.96 28.74 13.23
C ASN F 138 46.47 28.67 12.94
N LEU F 139 45.76 27.84 13.69
CA LEU F 139 44.30 27.72 13.53
C LEU F 139 43.61 29.02 13.92
N ILE F 140 42.83 29.57 12.99
CA ILE F 140 42.16 30.84 13.23
C ILE F 140 40.65 30.75 13.04
N TYR F 141 39.91 31.09 14.09
CA TYR F 141 38.45 31.10 14.04
C TYR F 141 37.92 32.46 14.50
N ASP F 142 36.87 32.93 13.84
CA ASP F 142 36.17 34.12 14.29
C ASP F 142 35.25 33.73 15.45
N SER F 143 35.08 32.43 15.62
CA SER F 143 34.02 31.87 16.48
C SER F 143 34.35 31.87 17.97
N ASN F 144 35.60 32.15 18.31
CA ASN F 144 36.10 31.92 19.68
C ASN F 144 35.97 30.43 20.02
N LEU F 145 36.03 29.61 18.98
CA LEU F 145 35.84 28.16 19.11
C LEU F 145 36.95 27.47 19.89
N LYS F 146 38.19 27.92 19.69
CA LYS F 146 39.34 27.25 20.30
C LYS F 146 39.27 27.29 21.82
N ASN F 147 39.02 28.48 22.38
CA ASN F 147 38.87 28.61 23.83
C ASN F 147 37.74 27.76 24.38
N GLU F 148 36.62 27.71 23.64
CA GLU F 148 35.45 26.99 24.07
C GLU F 148 35.68 25.49 24.17
N VAL F 149 36.28 24.92 23.11
CA VAL F 149 36.56 23.49 23.06
C VAL F 149 37.67 23.10 24.04
N MET F 150 38.67 23.96 24.16
CA MET F 150 39.80 23.76 25.08
C MET F 150 39.35 23.66 26.55
N SER F 151 38.49 24.60 26.96
CA SER F 151 38.03 24.64 28.34
C SER F 151 37.16 23.44 28.69
N TYR F 152 36.31 23.05 27.75
CA TYR F 152 35.36 21.96 27.99
C TYR F 152 36.05 20.61 28.07
N VAL F 153 36.91 20.32 27.09
CA VAL F 153 37.60 19.03 27.04
C VAL F 153 38.55 18.87 28.22
N ALA F 154 39.17 19.97 28.64
CA ALA F 154 40.07 19.94 29.78
C ALA F 154 39.31 19.56 31.05
N ALA F 155 38.04 19.95 31.13
CA ALA F 155 37.20 19.58 32.25
C ALA F 155 36.91 18.07 32.26
N LEU F 156 36.65 17.50 31.09
CA LEU F 156 36.42 16.06 30.99
C LEU F 156 37.65 15.28 31.46
N ALA F 157 38.82 15.77 31.08
CA ALA F 157 40.07 15.12 31.44
C ALA F 157 40.34 15.21 32.94
N ARG F 158 40.12 16.38 33.52
CA ARG F 158 40.33 16.58 34.95
C ARG F 158 39.39 15.73 35.78
N LEU F 159 38.10 15.80 35.44
CA LEU F 159 37.07 15.04 36.14
C LEU F 159 37.35 13.54 36.04
N SER F 160 37.81 13.11 34.87
CA SER F 160 38.13 11.70 34.67
C SER F 160 39.38 11.30 35.45
N GLU F 161 40.37 12.18 35.46
CA GLU F 161 41.62 11.91 36.17
C GLU F 161 41.39 11.88 37.67
N LYS F 162 40.35 12.57 38.13
CA LYS F 162 40.00 12.58 39.55
C LYS F 162 39.07 11.42 39.91
N HIS F 163 38.80 10.57 38.91
CA HIS F 163 37.95 9.41 39.08
C HIS F 163 36.56 9.78 39.58
N VAL F 164 35.92 10.71 38.88
CA VAL F 164 34.56 11.13 39.23
C VAL F 164 33.58 9.97 39.02
N ASN F 165 32.50 9.98 39.79
CA ASN F 165 31.48 8.93 39.71
C ASN F 165 30.50 9.21 38.57
N THR F 166 30.64 8.47 37.49
CA THR F 166 29.81 8.66 36.29
C THR F 166 28.32 8.51 36.58
N LYS F 167 27.97 7.72 37.60
CA LYS F 167 26.56 7.52 37.95
C LYS F 167 25.97 8.77 38.61
N ILE F 168 26.83 9.62 39.15
CA ILE F 168 26.40 10.87 39.76
C ILE F 168 26.59 12.01 38.77
N ILE F 169 27.79 12.09 38.20
CA ILE F 169 28.09 13.09 37.18
C ILE F 169 28.40 12.42 35.84
N ASN F 170 27.50 12.56 34.89
CA ASN F 170 27.63 11.87 33.62
C ASN F 170 28.75 12.43 32.76
N VAL F 171 29.85 11.67 32.69
CA VAL F 171 30.99 12.04 31.86
C VAL F 171 31.25 10.90 30.87
N ASN F 172 31.09 11.20 29.58
CA ASN F 172 31.17 10.16 28.56
C ASN F 172 32.55 9.98 27.96
N ARG F 173 33.36 11.03 28.02
CA ARG F 173 34.71 11.06 27.44
C ARG F 173 34.67 10.83 25.93
N LEU F 174 33.64 11.35 25.29
CA LEU F 174 33.55 11.33 23.84
C LEU F 174 33.12 12.71 23.36
N ILE F 175 33.90 13.29 22.46
CA ILE F 175 33.60 14.61 21.92
C ILE F 175 33.38 14.54 20.42
N LEU F 176 32.32 15.18 19.94
CA LEU F 176 32.02 15.22 18.52
C LEU F 176 32.24 16.62 17.94
N LEU F 177 33.08 16.70 16.91
CA LEU F 177 33.32 17.96 16.19
C LEU F 177 32.69 17.91 14.81
N THR F 178 31.84 18.88 14.50
CA THR F 178 31.11 18.88 13.23
C THR F 178 31.39 20.13 12.40
N GLY F 179 31.51 19.95 11.09
CA GLY F 179 31.75 21.06 10.18
C GLY F 179 32.20 20.61 8.81
N PRO F 180 32.16 21.52 7.82
CA PRO F 180 32.58 21.24 6.45
C PRO F 180 34.08 20.92 6.35
N PRO F 181 34.49 20.15 5.33
CA PRO F 181 35.84 19.61 5.12
C PRO F 181 37.01 20.58 5.23
N GLY F 182 36.78 21.88 5.14
CA GLY F 182 37.89 22.83 5.16
C GLY F 182 38.11 23.57 6.48
N THR F 183 37.41 23.16 7.52
CA THR F 183 37.43 23.90 8.79
C THR F 183 38.55 23.50 9.75
N GLY F 184 39.32 22.49 9.35
CA GLY F 184 40.43 22.03 10.17
C GLY F 184 40.01 21.39 11.48
N LYS F 185 39.00 20.53 11.42
CA LYS F 185 38.52 19.84 12.61
C LYS F 185 39.56 18.83 13.12
N THR F 186 40.24 18.15 12.21
CA THR F 186 41.23 17.16 12.60
C THR F 186 42.42 17.82 13.29
N SER F 187 42.92 18.89 12.67
CA SER F 187 44.04 19.63 13.23
C SER F 187 43.69 20.20 14.60
N LEU F 188 42.43 20.59 14.76
CA LEU F 188 41.95 21.13 16.03
C LEU F 188 41.99 20.06 17.12
N CYS F 189 41.72 18.82 16.74
CA CYS F 189 41.75 17.72 17.70
C CYS F 189 43.19 17.36 18.07
N LYS F 190 44.08 17.42 17.09
CA LYS F 190 45.48 17.12 17.34
C LYS F 190 46.10 18.16 18.26
N GLY F 191 45.85 19.43 17.95
CA GLY F 191 46.39 20.52 18.75
C GLY F 191 45.81 20.48 20.14
N LEU F 192 44.55 20.10 20.24
CA LEU F 192 43.88 19.97 21.52
C LEU F 192 44.57 18.92 22.38
N ALA F 193 44.82 17.76 21.80
CA ALA F 193 45.49 16.66 22.51
C ALA F 193 46.91 17.04 22.91
N GLN F 194 47.56 17.82 22.05
CA GLN F 194 48.92 18.28 22.33
C GLN F 194 48.98 19.09 23.62
N HIS F 195 48.12 20.09 23.74
CA HIS F 195 48.11 20.95 24.92
C HIS F 195 47.75 20.19 26.18
N LEU F 196 46.76 19.31 26.09
CA LEU F 196 46.32 18.53 27.23
C LEU F 196 47.43 17.63 27.77
N SER F 197 48.24 17.11 26.87
CA SER F 197 49.40 16.30 27.25
C SER F 197 50.36 17.12 28.10
N ILE F 198 50.42 18.41 27.81
CA ILE F 198 51.32 19.32 28.51
C ILE F 198 50.71 19.82 29.82
N ARG F 199 49.39 19.98 29.84
CA ARG F 199 48.72 20.46 31.04
C ARG F 199 48.59 19.37 32.10
N MET F 200 48.49 18.13 31.65
CA MET F 200 48.27 16.99 32.54
C MET F 200 49.53 16.14 32.74
N ASN F 201 50.69 16.67 32.35
CA ASN F 201 51.92 15.89 32.43
C ASN F 201 52.39 15.64 33.86
N ASP F 202 51.81 16.35 34.82
CA ASP F 202 52.13 16.12 36.22
C ASP F 202 51.28 14.99 36.77
N LYS F 203 50.13 14.77 36.14
CA LYS F 203 49.25 13.68 36.52
C LYS F 203 49.52 12.44 35.67
N TYR F 204 49.98 12.66 34.44
CA TYR F 204 50.28 11.56 33.52
C TYR F 204 51.74 11.57 33.10
N SER F 205 52.44 10.45 33.34
CA SER F 205 53.86 10.34 33.00
C SER F 205 54.06 10.40 31.48
N LYS F 206 53.09 9.89 30.74
CA LYS F 206 53.15 9.90 29.29
C LYS F 206 51.75 9.94 28.69
N SER F 207 51.66 10.30 27.42
CA SER F 207 50.39 10.31 26.72
C SER F 207 50.56 9.89 25.28
N VAL F 208 49.68 9.01 24.81
CA VAL F 208 49.73 8.50 23.45
C VAL F 208 48.40 8.74 22.75
N MET F 209 48.46 9.18 21.50
CA MET F 209 47.25 9.40 20.71
C MET F 209 47.19 8.45 19.53
N LEU F 210 46.02 7.88 19.28
CA LEU F 210 45.83 7.01 18.14
C LEU F 210 44.82 7.61 17.16
N GLU F 211 45.17 7.61 15.88
CA GLU F 211 44.31 8.21 14.87
C GLU F 211 43.72 7.14 13.95
N ILE F 212 42.43 7.25 13.66
CA ILE F 212 41.73 6.25 12.85
C ILE F 212 41.02 6.89 11.66
N ASN F 213 41.14 6.24 10.50
CA ASN F 213 40.35 6.57 9.33
C ASN F 213 40.64 7.97 8.81
N SER F 214 41.93 8.24 8.55
CA SER F 214 42.35 9.56 8.08
C SER F 214 43.18 9.47 6.80
N HIS F 215 42.56 9.80 5.66
CA HIS F 215 41.18 10.23 5.61
C HIS F 215 40.34 9.26 4.76
N SER F 216 39.28 8.73 5.36
CA SER F 216 38.41 7.75 4.73
C SER F 216 39.15 6.47 4.36
N LEU F 217 40.32 6.27 4.97
CA LEU F 217 41.18 5.13 4.63
C LEU F 217 40.63 3.82 5.21
N PHE F 218 40.24 3.85 6.48
CA PHE F 218 39.75 2.66 7.16
C PHE F 218 38.44 2.14 6.58
N SER F 219 37.74 3.00 5.83
CA SER F 219 36.47 2.63 5.23
C SER F 219 36.65 1.65 4.07
N LYS F 220 37.72 1.82 3.30
CA LYS F 220 38.04 0.93 2.20
C LYS F 220 38.28 -0.48 2.70
N TRP F 221 38.98 -0.58 3.83
CA TRP F 221 39.19 -1.87 4.48
C TRP F 221 37.90 -2.32 5.13
N PHE F 222 37.10 -1.36 5.60
CA PHE F 222 35.79 -1.66 6.18
C PHE F 222 34.77 -1.95 5.09
N SER F 223 35.09 -1.53 3.86
CA SER F 223 34.26 -1.87 2.72
C SER F 223 34.43 -3.35 2.41
N GLU F 224 35.68 -3.82 2.46
CA GLU F 224 35.96 -5.25 2.44
C GLU F 224 35.46 -5.88 3.74
N SER F 225 35.57 -5.10 4.83
CA SER F 225 35.10 -5.47 6.18
C SER F 225 36.02 -6.48 6.87
N GLY F 226 35.95 -6.49 8.20
CA GLY F 226 36.74 -7.41 9.00
C GLY F 226 36.73 -7.10 10.48
N LYS F 227 37.46 -7.91 11.25
CA LYS F 227 37.58 -7.69 12.68
C LYS F 227 38.95 -7.09 13.00
N LEU F 228 39.53 -6.39 12.03
CA LEU F 228 40.82 -5.73 12.22
C LEU F 228 40.69 -4.59 13.24
N VAL F 229 39.51 -4.00 13.29
CA VAL F 229 39.25 -2.92 14.24
C VAL F 229 39.25 -3.48 15.66
N GLN F 230 38.79 -4.71 15.81
CA GLN F 230 38.84 -5.42 17.09
C GLN F 230 40.28 -5.59 17.54
N LYS F 231 41.13 -5.99 16.62
CA LYS F 231 42.55 -6.18 16.89
C LYS F 231 43.20 -4.86 17.28
N MET F 232 42.75 -3.79 16.66
CA MET F 232 43.34 -2.46 16.86
C MET F 232 43.05 -1.89 18.24
N PHE F 233 41.78 -1.96 18.64
CA PHE F 233 41.33 -1.39 19.90
C PHE F 233 41.91 -2.09 21.12
N ASP F 234 42.34 -3.34 20.95
CA ASP F 234 42.93 -4.10 22.05
C ASP F 234 44.29 -3.55 22.44
N GLN F 235 45.03 -3.04 21.46
CA GLN F 235 46.32 -2.43 21.71
C GLN F 235 46.13 -1.12 22.47
N ILE F 236 45.10 -0.37 22.09
CA ILE F 236 44.74 0.85 22.80
C ILE F 236 44.41 0.55 24.25
N ASP F 237 43.68 -0.55 24.47
CA ASP F 237 43.26 -0.90 25.82
C ASP F 237 44.45 -1.33 26.65
N GLU F 238 45.40 -2.04 26.05
CA GLU F 238 46.59 -2.45 26.77
C GLU F 238 47.44 -1.25 27.15
N LEU F 239 47.49 -0.25 26.26
CA LEU F 239 48.11 1.02 26.59
C LEU F 239 47.34 1.70 27.71
N ALA F 240 46.02 1.61 27.65
CA ALA F 240 45.17 2.26 28.62
C ALA F 240 45.22 1.57 29.98
N GLU F 241 45.77 0.36 30.01
CA GLU F 241 45.91 -0.40 31.26
C GLU F 241 46.88 0.32 32.19
N ASP F 242 47.77 1.11 31.61
CA ASP F 242 48.68 1.94 32.37
C ASP F 242 47.95 3.19 32.85
N GLU F 243 47.74 3.29 34.17
CA GLU F 243 47.03 4.43 34.75
C GLU F 243 47.81 5.73 34.52
N LYS F 244 49.12 5.61 34.40
CA LYS F 244 49.98 6.78 34.22
C LYS F 244 50.07 7.21 32.76
N CYS F 245 49.31 6.55 31.90
CA CYS F 245 49.32 6.91 30.49
C CYS F 245 48.00 7.49 30.03
N MET F 246 48.07 8.68 29.42
CA MET F 246 46.88 9.33 28.89
C MET F 246 46.66 8.92 27.43
N VAL F 247 45.48 8.40 27.12
CA VAL F 247 45.22 7.89 25.79
C VAL F 247 44.15 8.67 25.02
N PHE F 248 44.53 9.21 23.88
CA PHE F 248 43.59 9.89 23.00
C PHE F 248 43.26 9.04 21.78
N VAL F 249 41.97 9.02 21.41
CA VAL F 249 41.55 8.34 20.19
C VAL F 249 40.80 9.29 19.27
N LEU F 250 41.42 9.64 18.14
CA LEU F 250 40.79 10.50 17.15
C LEU F 250 40.23 9.70 15.99
N ILE F 251 38.92 9.83 15.78
CA ILE F 251 38.26 9.16 14.67
C ILE F 251 37.78 10.19 13.66
N ASP F 252 38.41 10.23 12.50
CA ASP F 252 38.05 11.21 11.48
C ASP F 252 36.96 10.66 10.59
N GLU F 253 36.05 11.55 10.16
CA GLU F 253 34.99 11.20 9.22
C GLU F 253 34.13 10.06 9.70
N VAL F 254 33.57 10.20 10.89
CA VAL F 254 32.60 9.26 11.41
C VAL F 254 31.34 9.28 10.56
N GLU F 255 31.26 10.26 9.66
CA GLU F 255 30.19 10.34 8.68
C GLU F 255 30.03 9.03 7.90
N SER F 256 31.14 8.34 7.66
CA SER F 256 31.12 7.11 6.89
C SER F 256 30.34 6.03 7.63
N ILE F 274 24.94 -2.55 9.69
CA ILE F 274 26.25 -2.98 9.22
C ILE F 274 27.08 -3.51 10.39
N ARG F 275 27.71 -4.66 10.17
CA ARG F 275 28.48 -5.33 11.21
C ARG F 275 29.65 -4.47 11.70
N ALA F 276 30.25 -3.72 10.79
CA ALA F 276 31.40 -2.87 11.10
C ALA F 276 31.02 -1.78 12.09
N VAL F 277 29.81 -1.24 11.94
CA VAL F 277 29.32 -0.19 12.82
C VAL F 277 29.10 -0.72 14.23
N ASN F 278 28.57 -1.93 14.34
CA ASN F 278 28.33 -2.57 15.63
C ASN F 278 29.61 -2.84 16.40
N ALA F 279 30.65 -3.28 15.68
CA ALA F 279 31.93 -3.59 16.30
C ALA F 279 32.60 -2.33 16.82
N LEU F 280 32.42 -1.23 16.09
CA LEU F 280 33.05 0.04 16.44
C LEU F 280 32.46 0.62 17.72
N LEU F 281 31.14 0.70 17.78
CA LEU F 281 30.45 1.26 18.94
C LEU F 281 30.72 0.44 20.18
N THR F 282 30.78 -0.87 20.01
CA THR F 282 31.00 -1.76 21.15
C THR F 282 32.41 -1.58 21.71
N GLN F 283 33.37 -1.34 20.83
CA GLN F 283 34.74 -1.11 21.25
C GLN F 283 34.93 0.25 21.90
N ILE F 284 34.19 1.24 21.39
CA ILE F 284 34.24 2.58 21.93
C ILE F 284 33.79 2.59 23.39
N ASP F 285 32.68 1.91 23.66
CA ASP F 285 32.12 1.85 25.00
C ASP F 285 33.08 1.24 26.02
N ARG F 286 33.71 0.14 25.64
CA ARG F 286 34.67 -0.51 26.52
C ARG F 286 35.80 0.43 26.89
N ILE F 287 36.27 1.19 25.90
CA ILE F 287 37.36 2.13 26.09
C ILE F 287 36.92 3.34 26.90
N ARG F 288 35.75 3.89 26.57
CA ARG F 288 35.22 5.07 27.25
C ARG F 288 35.16 4.92 28.77
N ARG F 289 34.95 3.70 29.25
CA ARG F 289 34.81 3.44 30.67
C ARG F 289 36.07 3.79 31.45
N ARG F 290 37.23 3.53 30.84
CA ARG F 290 38.51 3.79 31.49
C ARG F 290 38.71 5.30 31.71
N ASP F 291 39.27 5.65 32.86
CA ASP F 291 39.41 7.05 33.27
C ASP F 291 40.47 7.80 32.47
N ASN F 292 41.46 7.08 31.96
CA ASN F 292 42.58 7.74 31.31
C ASN F 292 42.50 7.78 29.78
N VAL F 293 41.30 7.60 29.24
CA VAL F 293 41.14 7.72 27.79
C VAL F 293 40.24 8.89 27.42
N LEU F 294 40.29 9.28 26.15
CA LEU F 294 39.48 10.37 25.64
C LEU F 294 39.29 10.20 24.14
N ILE F 295 38.03 10.23 23.70
CA ILE F 295 37.74 9.98 22.31
C ILE F 295 37.23 11.22 21.59
N LEU F 296 37.95 11.64 20.55
CA LEU F 296 37.58 12.81 19.77
C LEU F 296 37.08 12.39 18.40
N CYS F 297 35.87 12.80 18.05
CA CYS F 297 35.31 12.44 16.75
C CYS F 297 35.05 13.68 15.90
N THR F 298 35.42 13.62 14.63
CA THR F 298 35.17 14.72 13.71
C THR F 298 34.20 14.26 12.63
N SER F 299 33.22 15.10 12.31
CA SER F 299 32.22 14.77 11.29
C SER F 299 31.95 15.93 10.34
N ASN F 300 31.66 15.62 9.08
CA ASN F 300 31.32 16.65 8.10
C ASN F 300 29.82 16.99 8.08
N LEU F 301 29.00 16.14 8.68
CA LEU F 301 27.56 16.36 8.70
C LEU F 301 27.14 17.10 9.97
N GLU F 302 26.37 18.17 9.79
CA GLU F 302 25.96 19.04 10.89
C GLU F 302 24.77 18.50 11.68
N SER F 303 23.75 18.01 10.98
CA SER F 303 22.55 17.53 11.65
C SER F 303 22.09 16.18 11.10
N THR F 304 22.80 15.66 10.11
CA THR F 304 22.45 14.38 9.51
C THR F 304 22.82 13.23 10.44
N LEU F 305 23.79 13.46 11.32
CA LEU F 305 24.17 12.45 12.28
C LEU F 305 23.24 12.49 13.49
N ASP F 306 22.23 11.61 13.49
CA ASP F 306 21.30 11.49 14.61
C ASP F 306 21.54 10.20 15.38
N LYS F 307 22.67 9.55 15.12
CA LYS F 307 22.92 8.19 15.62
C LYS F 307 23.23 8.13 17.11
N ALA F 308 23.67 6.95 17.56
CA ALA F 308 23.98 6.71 18.96
C ALA F 308 25.17 7.55 19.41
N LEU F 309 26.06 7.84 18.47
CA LEU F 309 27.25 8.65 18.74
C LEU F 309 26.90 9.97 19.41
N VAL F 310 25.91 10.67 18.86
CA VAL F 310 25.45 11.93 19.44
C VAL F 310 24.95 11.70 20.88
N ASP F 311 24.24 10.59 21.09
CA ASP F 311 23.73 10.26 22.41
C ASP F 311 24.85 9.83 23.35
N ARG F 312 25.96 9.36 22.78
CA ARG F 312 27.10 8.97 23.59
C ARG F 312 28.04 10.15 23.84
N ALA F 313 27.81 11.25 23.13
CA ALA F 313 28.73 12.38 23.18
C ALA F 313 28.48 13.29 24.38
N ASP F 314 29.56 13.69 25.04
CA ASP F 314 29.49 14.68 26.10
C ASP F 314 29.04 16.01 25.53
N ILE F 315 29.54 16.32 24.35
CA ILE F 315 29.20 17.57 23.69
C ILE F 315 29.37 17.45 22.18
N VAL F 316 28.46 18.08 21.44
CA VAL F 316 28.57 18.17 19.99
C VAL F 316 28.75 19.62 19.59
N LYS F 317 29.96 19.98 19.18
CA LYS F 317 30.28 21.37 18.89
C LYS F 317 30.39 21.63 17.40
N ASN F 318 29.77 22.70 16.94
CA ASN F 318 29.85 23.11 15.55
C ASN F 318 30.91 24.19 15.36
N VAL F 319 31.70 24.05 14.30
CA VAL F 319 32.77 25.00 13.99
C VAL F 319 32.22 26.40 13.75
N GLY F 320 31.07 26.46 13.09
CA GLY F 320 30.47 27.73 12.74
C GLY F 320 30.81 28.11 11.32
N GLN F 321 30.44 29.33 10.93
CA GLN F 321 30.73 29.82 9.59
C GLN F 321 32.23 29.80 9.36
N PRO F 322 32.66 29.27 8.20
CA PRO F 322 34.09 29.15 7.90
C PRO F 322 34.81 30.50 7.87
N SER F 323 36.07 30.51 8.27
CA SER F 323 36.88 31.72 8.22
C SER F 323 37.44 31.91 6.82
N ASP F 324 38.25 32.96 6.64
CA ASP F 324 38.87 33.21 5.35
C ASP F 324 39.89 32.12 5.02
N PHE F 325 40.61 31.67 6.03
CA PHE F 325 41.60 30.61 5.85
C PHE F 325 40.92 29.28 5.51
N ALA F 326 39.74 29.07 6.08
CA ALA F 326 38.94 27.88 5.74
C ALA F 326 38.47 27.94 4.29
N ARG F 327 38.03 29.11 3.85
CA ARG F 327 37.57 29.29 2.48
C ARG F 327 38.73 29.15 1.50
N TYR F 328 39.91 29.59 1.91
CA TYR F 328 41.10 29.46 1.09
C TYR F 328 41.42 27.99 0.86
N SER F 329 41.46 27.24 1.95
CA SER F 329 41.76 25.82 1.92
C SER F 329 40.79 25.06 1.03
N MET F 330 39.54 25.50 1.01
CA MET F 330 38.50 24.86 0.21
C MET F 330 38.63 25.20 -1.27
N LEU F 331 38.92 26.47 -1.55
CA LEU F 331 39.14 26.93 -2.92
C LEU F 331 40.42 26.33 -3.51
N LYS F 332 41.48 26.27 -2.71
CA LYS F 332 42.72 25.67 -3.17
C LYS F 332 42.53 24.18 -3.46
N SER F 333 41.79 23.51 -2.59
CA SER F 333 41.49 22.08 -2.77
C SER F 333 40.83 21.80 -4.12
N SER F 334 39.87 22.64 -4.49
CA SER F 334 39.16 22.50 -5.77
C SER F 334 40.10 22.69 -6.95
N ILE F 335 40.97 23.68 -6.86
CA ILE F 335 41.90 24.01 -7.95
C ILE F 335 42.90 22.88 -8.17
N MET F 336 43.43 22.33 -7.09
CA MET F 336 44.38 21.23 -7.18
C MET F 336 43.73 19.97 -7.73
N GLU F 337 42.47 19.76 -7.37
CA GLU F 337 41.70 18.63 -7.92
C GLU F 337 41.46 18.83 -9.40
N LEU F 338 41.15 20.06 -9.80
CA LEU F 338 41.00 20.39 -11.21
C LEU F 338 42.33 20.20 -11.93
N ALA F 339 43.42 20.43 -11.21
CA ALA F 339 44.75 20.29 -11.77
C ALA F 339 45.11 18.83 -11.96
N ARG F 340 44.67 17.99 -11.02
CA ARG F 340 44.93 16.56 -11.09
C ARG F 340 44.26 15.91 -12.30
N ILE F 341 42.98 16.24 -12.51
CA ILE F 341 42.25 15.65 -13.62
C ILE F 341 42.66 16.26 -14.96
N GLY F 342 43.20 17.48 -14.92
CA GLY F 342 43.72 18.12 -16.10
C GLY F 342 42.88 19.27 -16.64
N VAL F 343 41.87 19.68 -15.88
CA VAL F 343 41.04 20.81 -16.27
C VAL F 343 41.83 22.11 -16.22
N VAL F 344 42.47 22.35 -15.09
CA VAL F 344 43.33 23.52 -14.93
C VAL F 344 44.79 23.11 -15.14
N ILE F 345 45.34 23.46 -16.30
CA ILE F 345 46.71 23.11 -16.64
C ILE F 345 47.54 24.33 -17.00
N ASP F 346 48.67 24.50 -16.33
CA ASP F 346 49.61 25.57 -16.64
C ASP F 346 51.06 25.07 -16.66
N ASN F 347 51.70 25.16 -17.82
CA ASN F 347 53.09 24.76 -17.94
C ASN F 347 54.04 25.91 -17.63
N GLU F 348 53.56 27.14 -17.76
CA GLU F 348 54.39 28.32 -17.62
C GLU F 348 54.64 28.70 -16.16
N VAL F 349 53.71 28.33 -15.29
CA VAL F 349 53.84 28.63 -13.86
C VAL F 349 54.49 27.46 -13.12
N HIS F 350 55.60 27.75 -12.44
CA HIS F 350 56.35 26.74 -11.70
C HIS F 350 55.66 26.39 -10.39
N THR F 351 55.80 25.13 -9.97
CA THR F 351 55.03 24.60 -8.83
C THR F 351 55.17 25.40 -7.55
N ASP F 352 56.35 25.97 -7.31
CA ASP F 352 56.57 26.75 -6.11
C ASP F 352 55.76 28.05 -6.14
N TYR F 353 55.53 28.56 -7.34
CA TYR F 353 54.80 29.81 -7.51
C TYR F 353 53.30 29.58 -7.50
N TRP F 354 52.90 28.31 -7.49
CA TRP F 354 51.49 27.93 -7.41
C TRP F 354 50.91 28.29 -6.04
N PRO F 355 49.58 28.29 -5.92
CA PRO F 355 48.96 28.43 -4.60
C PRO F 355 49.46 27.34 -3.64
N GLN F 356 49.87 27.75 -2.44
CA GLN F 356 50.41 26.83 -1.46
C GLN F 356 49.56 26.84 -0.18
N ASP F 357 49.81 25.88 0.70
CA ASP F 357 49.13 25.84 1.99
C ASP F 357 49.63 26.99 2.85
N ILE F 358 48.71 27.64 3.55
CA ILE F 358 49.10 28.68 4.50
C ILE F 358 49.36 28.07 5.88
N CYS F 359 50.55 27.51 6.04
CA CYS F 359 50.94 26.85 7.28
C CYS F 359 51.23 27.88 8.39
N ASP F 360 51.78 29.00 8.00
CA ASP F 360 51.98 30.12 8.93
C ASP F 360 51.11 31.29 8.49
N THR F 361 50.32 31.80 9.43
CA THR F 361 49.41 32.91 9.15
C THR F 361 50.15 34.21 8.84
N LYS F 362 51.04 34.59 9.74
CA LYS F 362 51.74 35.87 9.64
C LYS F 362 52.72 35.94 8.48
N ALA F 363 53.26 34.79 8.08
CA ALA F 363 54.28 34.72 7.04
C ALA F 363 53.76 35.24 5.70
N PRO F 364 54.64 35.95 4.95
CA PRO F 364 54.31 36.45 3.62
C PRO F 364 53.92 35.33 2.65
N ARG F 365 53.08 35.66 1.67
CA ARG F 365 52.50 34.65 0.79
C ARG F 365 52.78 34.95 -0.68
N ASN F 366 52.70 33.91 -1.53
CA ASN F 366 52.83 34.07 -2.97
C ASN F 366 51.78 35.01 -3.53
N GLU F 367 52.09 35.62 -4.67
CA GLU F 367 51.15 36.50 -5.34
C GLU F 367 49.89 35.73 -5.75
N PHE F 368 50.06 34.47 -6.11
CA PHE F 368 48.94 33.60 -6.47
C PHE F 368 48.11 33.22 -5.23
N THR F 369 48.81 32.84 -4.17
CA THR F 369 48.15 32.56 -2.89
C THR F 369 47.42 33.78 -2.39
N GLU F 370 48.11 34.93 -2.42
CA GLU F 370 47.55 36.18 -1.93
C GLU F 370 46.28 36.52 -2.69
N ILE F 371 46.29 36.31 -3.99
CA ILE F 371 45.13 36.54 -4.82
C ILE F 371 43.98 35.62 -4.45
N LEU F 372 44.26 34.32 -4.35
CA LEU F 372 43.25 33.35 -4.00
C LEU F 372 42.70 33.64 -2.61
N PHE F 373 43.56 34.18 -1.75
CA PHE F 373 43.16 34.59 -0.41
C PHE F 373 42.20 35.77 -0.48
N LYS F 374 42.44 36.67 -1.43
CA LYS F 374 41.53 37.80 -1.66
C LYS F 374 40.19 37.30 -2.17
N ILE F 375 40.24 36.27 -3.01
CA ILE F 375 39.04 35.65 -3.53
C ILE F 375 38.24 34.98 -2.41
N ALA F 376 38.97 34.38 -1.47
CA ALA F 376 38.34 33.76 -0.31
C ALA F 376 37.63 34.81 0.55
N GLN F 377 38.22 36.01 0.62
CA GLN F 377 37.63 37.11 1.37
C GLN F 377 36.33 37.57 0.72
N GLU F 378 36.29 37.58 -0.61
CA GLU F 378 35.09 37.97 -1.32
C GLU F 378 33.99 36.92 -1.19
N ALA F 379 34.40 35.67 -0.96
CA ALA F 379 33.44 34.58 -0.84
C ALA F 379 32.92 34.45 0.59
N ARG F 380 32.98 35.54 1.34
CA ARG F 380 32.60 35.55 2.75
C ARG F 380 31.16 35.14 2.99
N GLY F 381 30.30 35.37 2.01
CA GLY F 381 28.90 35.03 2.15
C GLY F 381 28.62 33.58 1.82
N LEU F 382 29.42 33.01 0.93
CA LEU F 382 29.20 31.66 0.45
C LEU F 382 29.45 30.60 1.52
N SER F 383 28.57 29.61 1.57
CA SER F 383 28.70 28.50 2.51
C SER F 383 29.76 27.51 2.02
N GLY F 384 30.10 26.56 2.89
CA GLY F 384 31.02 25.50 2.50
C GLY F 384 30.44 24.67 1.37
N ARG F 385 29.13 24.47 1.43
CA ARG F 385 28.40 23.73 0.39
C ARG F 385 28.45 24.48 -0.94
N ALA F 386 28.28 25.79 -0.88
CA ALA F 386 28.22 26.62 -2.07
C ALA F 386 29.56 26.67 -2.81
N ILE F 387 30.64 26.86 -2.05
CA ILE F 387 31.97 26.96 -2.62
C ILE F 387 32.35 25.66 -3.33
N SER F 388 31.87 24.55 -2.81
CA SER F 388 32.16 23.24 -3.37
C SER F 388 31.58 23.07 -4.78
N MET F 389 30.57 23.87 -5.10
CA MET F 389 29.91 23.78 -6.40
C MET F 389 30.38 24.87 -7.35
N LEU F 390 31.25 25.76 -6.88
CA LEU F 390 31.82 26.80 -7.73
C LEU F 390 32.61 26.27 -8.94
N PRO F 391 33.51 25.29 -8.73
CA PRO F 391 34.35 24.90 -9.88
C PRO F 391 33.57 24.39 -11.08
N THR F 392 32.39 23.82 -10.85
CA THR F 392 31.55 23.38 -11.94
C THR F 392 31.06 24.57 -12.76
N LEU F 393 30.64 25.61 -12.05
CA LEU F 393 30.25 26.87 -12.69
C LEU F 393 31.44 27.52 -13.38
N VAL F 394 32.61 27.41 -12.75
CA VAL F 394 33.84 27.94 -13.33
C VAL F 394 34.17 27.26 -14.65
N TYR F 395 34.07 25.93 -14.68
CA TYR F 395 34.35 25.17 -15.89
C TYR F 395 33.38 25.52 -17.01
N SER F 396 32.15 25.83 -16.63
CA SER F 396 31.11 26.21 -17.58
C SER F 396 31.45 27.51 -18.32
N LYS F 397 32.04 28.45 -17.60
CA LYS F 397 32.36 29.77 -18.14
C LYS F 397 33.58 29.77 -19.03
N SER F 398 34.50 28.84 -18.77
CA SER F 398 35.76 28.78 -19.51
C SER F 398 35.56 28.47 -20.98
N PRO F 399 35.97 29.41 -21.85
CA PRO F 399 35.92 29.16 -23.30
C PRO F 399 36.93 28.10 -23.71
N GLU F 400 38.18 28.27 -23.29
CA GLU F 400 39.29 27.46 -23.78
C GLU F 400 39.20 25.95 -23.52
N GLU F 401 38.29 25.54 -22.63
CA GLU F 401 38.13 24.13 -22.22
C GLU F 401 39.34 23.63 -21.41
N THR F 402 40.42 24.42 -21.42
CA THR F 402 41.57 24.20 -20.56
C THR F 402 41.95 25.54 -19.95
N ILE F 403 42.14 25.57 -18.64
CA ILE F 403 42.25 26.83 -17.93
C ILE F 403 43.69 27.16 -17.47
N THR F 404 44.12 28.38 -17.80
CA THR F 404 45.40 28.91 -17.32
C THR F 404 45.20 29.44 -15.91
N LEU F 405 46.26 29.46 -15.10
CA LEU F 405 46.16 29.87 -13.70
C LEU F 405 45.60 31.29 -13.51
N PRO F 406 46.10 32.29 -14.28
CA PRO F 406 45.45 33.60 -14.12
C PRO F 406 43.95 33.58 -14.44
N ASN F 407 43.58 32.88 -15.52
CA ASN F 407 42.16 32.79 -15.90
C ASN F 407 41.35 32.01 -14.88
N CYS F 408 41.99 31.03 -14.26
CA CYS F 408 41.35 30.23 -13.21
C CYS F 408 40.92 31.12 -12.04
N MET F 409 41.81 32.03 -11.65
CA MET F 409 41.52 32.96 -10.57
C MET F 409 40.41 33.93 -10.97
N ASN F 410 40.43 34.36 -12.22
CA ASN F 410 39.44 35.30 -12.73
C ASN F 410 38.05 34.67 -12.82
N LEU F 411 37.99 33.43 -13.29
CA LEU F 411 36.72 32.72 -13.39
C LEU F 411 36.16 32.41 -12.00
N PHE F 412 37.05 32.00 -11.09
CA PHE F 412 36.63 31.68 -9.72
C PHE F 412 36.06 32.91 -9.03
N LEU F 413 36.73 34.04 -9.21
CA LEU F 413 36.25 35.30 -8.63
C LEU F 413 34.95 35.72 -9.28
N GLU F 414 34.85 35.53 -10.59
CA GLU F 414 33.63 35.83 -11.33
C GLU F 414 32.49 34.95 -10.83
N ALA F 415 32.82 33.69 -10.54
CA ALA F 415 31.83 32.75 -10.05
C ALA F 415 31.38 33.12 -8.64
N VAL F 416 32.32 33.57 -7.84
CA VAL F 416 32.01 34.01 -6.47
C VAL F 416 31.04 35.18 -6.50
N LYS F 417 31.33 36.17 -7.34
CA LYS F 417 30.51 37.38 -7.42
C LYS F 417 29.08 37.06 -7.87
N GLU F 418 28.96 36.25 -8.92
CA GLU F 418 27.64 35.89 -9.45
C GLU F 418 26.85 35.04 -8.45
N ARG F 419 27.55 34.10 -7.80
CA ARG F 419 26.92 33.22 -6.83
C ARG F 419 26.43 34.00 -5.61
N LEU F 420 27.14 35.08 -5.26
CA LEU F 420 26.75 35.93 -4.15
C LEU F 420 25.49 36.72 -4.45
N SER F 421 25.42 37.26 -5.67
CA SER F 421 24.28 38.06 -6.10
C SER F 421 22.98 37.28 -6.03
N ARG F 422 23.01 36.04 -6.53
CA ARG F 422 21.84 35.18 -6.51
C ARG F 422 22.25 33.75 -6.19
#